data_6D6T
#
_entry.id   6D6T
#
_cell.length_a   1.0
_cell.length_b   1.0
_cell.length_c   1.0
_cell.angle_alpha   90.00
_cell.angle_beta   90.00
_cell.angle_gamma   90.00
#
_symmetry.space_group_name_H-M   'P 1'
#
loop_
_entity.id
_entity.type
_entity.pdbx_description
1 polymer 'Gamma-aminobutyric acid receptor subunit beta-2,Gamma-aminobutyric acid receptor subunit beta-2'
2 polymer 'Gamma-aminobutyric acid receptor subunit alpha-1,Gamma-aminobutyric acid receptor subunit alpha-1'
3 polymer 'Human GABA-A receptor subunit gamma-2'
4 polymer 'Kappa Fab Light Chain'
5 polymer 'IgG2b Fab Heavy Chain'
6 branched beta-D-mannopyranose-(1-4)-2-acetamido-2-deoxy-beta-D-glucopyranose-(1-4)-2-acetamido-2-deoxy-beta-D-glucopyranose
7 branched alpha-D-mannopyranose-(1-2)-alpha-D-mannopyranose-(1-3)-[alpha-D-mannopyranose-(1-3)-[alpha-D-mannopyranose-(1-6)]alpha-D-mannopyranose-(1-6)]beta-D-mannopyranose-(1-4)-2-acetamido-2-deoxy-beta-D-glucopyranose-(1-4)-2-acetamido-2-deoxy-beta-D-glucopyranose
8 branched alpha-D-mannopyranose-(1-3)-[alpha-D-mannopyranose-(1-6)]beta-D-mannopyranose-(1-4)-2-acetamido-2-deoxy-beta-D-glucopyranose-(1-4)-2-acetamido-2-deoxy-beta-D-glucopyranose
9 non-polymer 2-acetamido-2-deoxy-beta-D-glucopyranose
10 non-polymer 'GAMMA-AMINO-BUTANOIC ACID'
11 non-polymer 'CHOLESTEROL HEMISUCCINATE'
12 non-polymer 'ethyl 8-fluoro-5-methyl-6-oxo-5,6-dihydro-4H-imidazo[1,5-a][1,4]benzodiazepine-3-carboxylate'
#
loop_
_entity_poly.entity_id
_entity_poly.type
_entity_poly.pdbx_seq_one_letter_code
_entity_poly.pdbx_strand_id
1 'polypeptide(L)'
;QSVNDPSNMSLVKETVDRLLKGYDIRLRPDFGGPPVAVGMNIDIASIDMVSEVNMDYTLTMYFQQAWRDKRLSYNVIPLN
LTLDNRVADQLWVPDTYFLNDKKSFVHGVTVKNRMIRLHPDGTVLYGLRITTTAACMMDLRRYPLDEQNCTLEIESYGYT
TDDIEFYWRGDDNAVTGVTKIELPQFSIVDYKLITKKVVFSTGSYPRLSLSFKLKRNIGYFILQTYMPSILITILSWVSF
WINYDASAARVALGITTVLTMTTINTHLRETLPKIPYVKAIDMYLMGCFVFVFMALLEYALVNYIFFSQPARAAAIDRWS
RIFFPVVFSFFNIVYWLYYVN
;
A,C
2 'polypeptide(L)'
;QPSLQDELKDNTTVFTRILDRLLDGYDNRLRPGLGERVTEVKTDIFVTSFGPVSDHDMEYTIDVFFRQSWKDERLKFKGP
MTVLRLNNLMASKIWTPDTFFHNGKKSVAHNMTMPNKLLRITEDGTLLYTMRLTVRAECPMHLEDFPMDAHACPLKFGSY
AYTRAEVVYEWTREPARSVVVAEDGSRLNQYDLLGQTVDSGIVQSSTGEYVVMTTHFHLKRKIGYFVIQTYLPCIMTVIL
SQVSFWLNRESVPARTVFGVTTVLTMTTLSISARNSLPKVAYATAMDWFIAVCYAFVFSALIEFATVNYFTKSQPARAAK
IDRLSRIAFPLLFGIFNLVYWATYLNREPQLKAPTPHQ
;
B,D
3 'polypeptide(L)'
;WSHPQFEKGGGSGGGSGGSSAWSHPQFEKLEVLFQGPQKSDDDYEDYASNKTWVLTPKVPEGDVTVILNNLLEGYDNKLR
PDIGVKPTLIHTDMYVNSIGPVNAINMEYTIDIFFAQTWYDRRLKFNSTIKVLRLNSNMVGKIWIPDTFFRNSKKADAHW
ITTPNRMLRIWNDGRVLYTLRLTIDAECQLQLHNFPMDEHSCPLEFSSYGYPREEIVYQWKRSSVEVGDTRSWRLYQFSF
VGLRNTTEVVKTTSGDYVVMSVYFDLSRRMGYFTIQTYIPCTLIVVLSWVSFWINKDAVPARTSLGITTVLTMTTLSTIA
RKSL(UNK)(UNK)(UNK)(UNK)(UNK)(UNK)(UNK)(UNK)(UNK)(UNK)(UNK)(UNK)(UNK)(UNK)(UNK)
(UNK)(UNK)(UNK)(UNK)(UNK)(UNK)(UNK)(UNK)(UNK)(UNK)(UNK)(UNK)(UNK)(UNK)(UNK)(UNK)
(UNK)(UNK)(UNK)(UNK)(UNK)(UNK)(UNK)(UNK)(UNK)(UNK)(UNK)
;
E
4 'polypeptide(L)'
;NIVMTQSPKSMSMSVGERVTLSCKASEYVGTYVSWYQQKPEQSPKLLIYGASNRYTGVPDRFTGSGSATDFTLTIGSVQA
EDLADYHCGQSYSYPTFGAGTKLELKRADAAPTVSIFPPSSEQLTSGGASVVCFLNNFYPKDINVKWKIDGSERQNGVLN
SWTDQDSKDSTYSMSSTLTLTKDEYERHNSYTCEATHKTSTSPIVKSFNRNEC
;
I,L
5 'polypeptide(L)'
;EVQLQQSGAELVKPGASVKLSCTASGFNIKDTYMYWVKQRPEQGLEWIGRIDPANGDTKYDPKFQGKATITTDTFSNTAY
LQLSSLTSEDTAVYYCARKGLRWAMDYWGQGTSVTVSTAKTTPPSVYPLAPGCGDTTGSSVTLGCLVKGYFPESVTVTWN
SGSLSSSVHTFPALLQSGLYTMSSSVTVPSSTWPSQTVTCSVAHPASSTTVDKKLEPSGPISTINPCPPCKECHKCPAPN
LEGGPSVFIFPPNIKDVLMISLTPKVTCVVVDVSEDDPDVQISWFVNNVEVHTAQTQTHREDYNSTIRVVSTLPIQHQDW
MSGKEFKCKVNNKDLPSPIERTISKIKGLVRAPQVYILPPPAEQLSRKDVSLTCLVVGFNPGDISVEWTSNGHTEENYKD
TAPVLDSDGSYFIYSKLNMKTSKWEKTDSFSCNVRHEGLKNYYLKKTISRSPGK
;
J,K
#
# COMPACT_ATOMS: atom_id res chain seq x y z
N ASN A 8 46.22 26.72 -4.67
CA ASN A 8 45.50 27.69 -5.49
C ASN A 8 44.27 27.04 -6.13
N MET A 9 43.37 27.86 -6.67
CA MET A 9 42.15 27.33 -7.27
C MET A 9 42.41 26.77 -8.66
N SER A 10 43.10 27.54 -9.51
CA SER A 10 43.25 27.16 -10.91
C SER A 10 44.05 25.87 -11.07
N LEU A 11 45.04 25.65 -10.20
CA LEU A 11 45.80 24.40 -10.26
C LEU A 11 44.88 23.20 -10.03
N VAL A 12 44.05 23.27 -8.99
CA VAL A 12 43.13 22.16 -8.71
C VAL A 12 42.13 21.99 -9.85
N LYS A 13 41.65 23.11 -10.40
CA LYS A 13 40.70 23.04 -11.50
C LYS A 13 41.30 22.30 -12.69
N GLU A 14 42.49 22.71 -13.13
CA GLU A 14 43.10 22.07 -14.29
C GLU A 14 43.51 20.63 -13.98
N THR A 15 43.88 20.34 -12.73
CA THR A 15 44.21 18.97 -12.37
C THR A 15 42.99 18.06 -12.50
N VAL A 16 41.86 18.48 -11.94
CA VAL A 16 40.64 17.68 -12.07
C VAL A 16 40.26 17.54 -13.54
N ASP A 17 40.40 18.62 -14.31
CA ASP A 17 40.01 18.57 -15.72
C ASP A 17 40.89 17.61 -16.50
N ARG A 18 42.18 17.59 -16.22
CA ARG A 18 43.06 16.67 -16.93
C ARG A 18 42.89 15.23 -16.45
N LEU A 19 42.43 15.04 -15.21
CA LEU A 19 42.13 13.69 -14.75
C LEU A 19 40.90 13.14 -15.47
N LEU A 20 39.82 13.93 -15.52
CA LEU A 20 38.58 13.41 -16.11
C LEU A 20 38.66 13.31 -17.62
N LYS A 21 39.55 14.06 -18.26
CA LYS A 21 39.68 13.98 -19.71
C LYS A 21 40.32 12.66 -20.11
N GLY A 22 39.76 12.03 -21.14
CA GLY A 22 40.27 10.76 -21.60
C GLY A 22 40.11 9.64 -20.60
N TYR A 23 39.01 9.64 -19.86
CA TYR A 23 38.73 8.61 -18.86
C TYR A 23 37.61 7.72 -19.40
N ASP A 24 37.92 6.43 -19.54
CA ASP A 24 36.97 5.45 -20.06
C ASP A 24 36.35 4.73 -18.88
N ILE A 25 35.08 5.05 -18.59
CA ILE A 25 34.47 4.60 -17.35
C ILE A 25 34.29 3.08 -17.33
N ARG A 26 33.82 2.51 -18.44
CA ARG A 26 33.42 1.11 -18.44
C ARG A 26 34.59 0.14 -18.32
N LEU A 27 35.82 0.63 -18.40
CA LEU A 27 37.00 -0.22 -18.22
C LEU A 27 37.51 -0.11 -16.79
N ARG A 28 37.42 -1.19 -16.03
CA ARG A 28 37.88 -1.18 -14.65
C ARG A 28 39.40 -1.06 -14.61
N PRO A 29 39.97 -0.59 -13.50
CA PRO A 29 41.41 -0.37 -13.45
C PRO A 29 42.20 -1.65 -13.65
N ASP A 30 43.32 -1.53 -14.36
CA ASP A 30 44.20 -2.65 -14.67
C ASP A 30 43.41 -3.76 -15.38
N PHE A 31 42.95 -3.43 -16.58
CA PHE A 31 42.03 -4.31 -17.29
C PHE A 31 42.69 -5.64 -17.64
N GLY A 32 43.91 -5.60 -18.15
CA GLY A 32 44.59 -6.81 -18.53
C GLY A 32 45.47 -7.44 -17.47
N GLY A 33 45.73 -6.72 -16.38
CA GLY A 33 46.67 -7.19 -15.38
C GLY A 33 46.04 -7.92 -14.22
N PRO A 34 46.68 -7.84 -13.06
CA PRO A 34 46.20 -8.56 -11.88
C PRO A 34 44.89 -7.98 -11.38
N PRO A 35 44.20 -8.68 -10.49
CA PRO A 35 42.96 -8.12 -9.92
C PRO A 35 43.24 -6.91 -9.05
N VAL A 36 42.25 -6.04 -8.96
CA VAL A 36 42.34 -4.80 -8.18
C VAL A 36 41.67 -5.05 -6.84
N ALA A 37 42.43 -4.86 -5.76
CA ALA A 37 41.92 -5.12 -4.42
C ALA A 37 40.93 -4.04 -4.01
N VAL A 38 39.89 -4.45 -3.29
CA VAL A 38 38.87 -3.55 -2.78
C VAL A 38 38.67 -3.83 -1.31
N GLY A 39 38.85 -2.81 -0.47
CA GLY A 39 38.71 -2.96 0.97
C GLY A 39 37.41 -2.33 1.44
N MET A 40 36.64 -3.12 2.19
CA MET A 40 35.33 -2.70 2.65
C MET A 40 35.34 -2.45 4.15
N ASN A 41 34.58 -1.43 4.57
CA ASN A 41 34.55 -0.98 5.95
C ASN A 41 33.16 -0.50 6.28
N ILE A 42 32.60 -0.98 7.39
CA ILE A 42 31.20 -0.78 7.72
C ILE A 42 31.09 -0.15 9.09
N ASP A 43 30.20 0.83 9.23
CA ASP A 43 29.93 1.46 10.52
C ASP A 43 28.42 1.42 10.76
N ILE A 44 27.97 0.56 11.66
CA ILE A 44 26.55 0.32 11.86
C ILE A 44 26.00 1.35 12.85
N ALA A 45 24.98 2.10 12.42
CA ALA A 45 24.38 3.11 13.29
C ALA A 45 23.34 2.49 14.21
N SER A 46 22.37 1.77 13.65
CA SER A 46 21.30 1.22 14.47
C SER A 46 20.65 0.05 13.75
N ILE A 47 19.99 -0.80 14.53
CA ILE A 47 19.18 -1.89 14.02
C ILE A 47 17.75 -1.62 14.45
N ASP A 48 16.90 -1.22 13.50
CA ASP A 48 15.58 -0.70 13.85
C ASP A 48 14.70 -1.79 14.45
N MET A 49 14.38 -2.82 13.68
CA MET A 49 13.44 -3.83 14.15
C MET A 49 13.81 -5.19 13.58
N VAL A 50 13.46 -6.22 14.34
CA VAL A 50 13.82 -7.61 14.05
C VAL A 50 12.54 -8.42 14.21
N SER A 51 11.87 -8.72 13.10
CA SER A 51 10.55 -9.33 13.15
C SER A 51 10.61 -10.83 12.94
N GLU A 52 9.71 -11.55 13.63
CA GLU A 52 9.59 -12.99 13.43
C GLU A 52 8.55 -13.34 12.39
N VAL A 53 7.56 -12.47 12.18
CA VAL A 53 6.51 -12.76 11.21
C VAL A 53 7.08 -12.83 9.80
N ASN A 54 7.85 -11.82 9.40
CA ASN A 54 8.44 -11.77 8.08
C ASN A 54 9.85 -12.33 8.04
N MET A 55 10.46 -12.59 9.19
CA MET A 55 11.81 -13.16 9.27
C MET A 55 12.82 -12.23 8.62
N ASP A 56 12.91 -11.00 9.13
CA ASP A 56 13.83 -10.01 8.58
C ASP A 56 14.17 -8.98 9.63
N TYR A 57 15.30 -8.31 9.42
CA TYR A 57 15.76 -7.25 10.32
C TYR A 57 16.24 -6.07 9.50
N THR A 58 16.01 -4.87 10.04
CA THR A 58 16.36 -3.63 9.37
C THR A 58 17.57 -2.99 10.02
N LEU A 59 18.55 -2.59 9.22
CA LEU A 59 19.74 -1.94 9.73
C LEU A 59 20.09 -0.71 8.90
N THR A 60 20.75 0.25 9.53
CA THR A 60 21.27 1.44 8.88
C THR A 60 22.78 1.50 9.09
N MET A 61 23.52 1.75 8.02
CA MET A 61 24.97 1.65 8.11
C MET A 61 25.64 2.65 7.18
N TYR A 62 26.91 2.90 7.46
CA TYR A 62 27.79 3.65 6.57
C TYR A 62 28.72 2.64 5.91
N PHE A 63 28.66 2.58 4.59
CA PHE A 63 29.38 1.60 3.79
C PHE A 63 30.53 2.31 3.10
N GLN A 64 31.73 1.76 3.19
CA GLN A 64 32.88 2.46 2.65
C GLN A 64 33.78 1.49 1.90
N GLN A 65 34.16 1.86 0.68
CA GLN A 65 34.98 1.03 -0.18
C GLN A 65 36.21 1.82 -0.61
N ALA A 66 37.38 1.20 -0.49
CA ALA A 66 38.63 1.84 -0.86
C ALA A 66 39.33 0.97 -1.89
N TRP A 67 39.73 1.58 -3.01
CA TRP A 67 40.43 0.82 -4.03
C TRP A 67 41.54 1.66 -4.65
N ARG A 68 42.65 1.02 -4.99
CA ARG A 68 43.74 1.72 -5.64
C ARG A 68 43.52 1.78 -7.13
N ASP A 69 43.71 2.97 -7.70
CA ASP A 69 43.41 3.21 -9.10
C ASP A 69 44.52 4.06 -9.69
N LYS A 70 45.23 3.51 -10.67
CA LYS A 70 46.42 4.18 -11.17
C LYS A 70 46.08 5.36 -12.08
N ARG A 71 44.88 5.38 -12.66
CA ARG A 71 44.54 6.45 -13.58
C ARG A 71 44.35 7.78 -12.86
N LEU A 72 43.64 7.77 -11.74
CA LEU A 72 43.43 8.98 -10.96
C LEU A 72 44.65 9.20 -10.07
N SER A 73 45.59 10.01 -10.54
CA SER A 73 46.83 10.22 -9.80
C SER A 73 47.40 11.58 -10.19
N TYR A 74 47.76 12.38 -9.19
CA TYR A 74 48.27 13.72 -9.40
C TYR A 74 49.39 13.99 -8.40
N ASN A 75 50.40 14.74 -8.84
CA ASN A 75 51.54 15.07 -8.00
C ASN A 75 51.73 16.56 -7.81
N VAL A 76 50.79 17.38 -8.26
CA VAL A 76 50.96 18.83 -8.19
C VAL A 76 50.60 19.36 -6.81
N ILE A 77 49.47 18.93 -6.26
CA ILE A 77 48.94 19.46 -5.02
C ILE A 77 49.01 18.37 -3.95
N PRO A 78 49.53 18.65 -2.76
CA PRO A 78 49.58 17.61 -1.71
C PRO A 78 48.25 17.39 -1.01
N LEU A 79 47.23 18.19 -1.28
CA LEU A 79 45.96 18.09 -0.57
C LEU A 79 45.23 16.79 -0.94
N ASN A 80 44.24 16.44 -0.12
CA ASN A 80 43.34 15.34 -0.39
C ASN A 80 42.06 15.90 -1.00
N LEU A 81 41.92 15.78 -2.31
CA LEU A 81 40.73 16.31 -2.98
C LEU A 81 39.50 15.52 -2.56
N THR A 82 38.43 16.24 -2.27
CA THR A 82 37.12 15.65 -2.03
C THR A 82 36.15 16.27 -3.02
N LEU A 83 35.49 15.45 -3.81
CA LEU A 83 34.66 15.95 -4.90
C LEU A 83 33.18 15.89 -4.53
N ASP A 84 32.40 16.73 -5.19
CA ASP A 84 30.96 16.66 -5.00
C ASP A 84 30.45 15.32 -5.52
N ASN A 85 29.38 14.83 -4.89
CA ASN A 85 28.90 13.49 -5.21
C ASN A 85 28.47 13.35 -6.66
N ARG A 86 28.23 14.46 -7.37
CA ARG A 86 27.88 14.36 -8.78
C ARG A 86 28.97 13.67 -9.59
N VAL A 87 30.22 13.72 -9.10
CA VAL A 87 31.30 13.06 -9.82
C VAL A 87 31.24 11.55 -9.72
N ALA A 88 30.41 11.01 -8.83
CA ALA A 88 30.38 9.57 -8.62
C ALA A 88 29.99 8.81 -9.87
N ASP A 89 29.22 9.44 -10.77
CA ASP A 89 28.81 8.75 -11.98
C ASP A 89 29.94 8.70 -13.01
N GLN A 90 30.78 9.72 -13.05
CA GLN A 90 31.80 9.79 -14.10
C GLN A 90 32.96 8.85 -13.82
N LEU A 91 33.32 8.66 -12.56
CA LEU A 91 34.39 7.74 -12.21
C LEU A 91 33.91 6.30 -12.29
N TRP A 92 34.85 5.37 -12.14
CA TRP A 92 34.50 3.98 -12.00
C TRP A 92 34.18 3.67 -10.54
N VAL A 93 33.26 2.72 -10.33
CA VAL A 93 32.91 2.29 -8.99
C VAL A 93 32.61 0.79 -9.02
N PRO A 94 33.16 0.00 -8.11
CA PRO A 94 32.89 -1.44 -8.12
C PRO A 94 31.46 -1.72 -7.73
N ASP A 95 30.80 -2.59 -8.51
CA ASP A 95 29.43 -2.96 -8.24
C ASP A 95 29.39 -4.03 -7.15
N THR A 96 28.55 -3.81 -6.16
CA THR A 96 28.51 -4.68 -4.98
C THR A 96 27.07 -4.81 -4.52
N TYR A 97 26.55 -6.03 -4.56
CA TYR A 97 25.15 -6.29 -4.22
C TYR A 97 25.10 -7.15 -2.96
N PHE A 98 24.22 -6.80 -2.03
CA PHE A 98 23.98 -7.63 -0.87
C PHE A 98 23.07 -8.78 -1.27
N LEU A 99 23.48 -10.00 -0.96
CA LEU A 99 22.82 -11.16 -1.55
C LEU A 99 21.42 -11.38 -1.01
N ASN A 100 21.17 -11.04 0.25
CA ASN A 100 19.90 -11.41 0.87
C ASN A 100 19.09 -10.20 1.34
N ASP A 101 19.25 -9.06 0.69
CA ASP A 101 18.41 -7.91 1.02
C ASP A 101 17.13 -7.95 0.20
N LYS A 102 16.04 -7.52 0.80
CA LYS A 102 14.76 -7.52 0.12
C LYS A 102 14.38 -6.15 -0.42
N LYS A 103 14.81 -5.08 0.26
CA LYS A 103 14.51 -3.72 -0.20
C LYS A 103 15.48 -2.77 0.48
N SER A 104 16.31 -2.10 -0.31
CA SER A 104 17.31 -1.19 0.23
C SER A 104 17.38 0.06 -0.63
N PHE A 105 17.61 1.21 0.02
CA PHE A 105 17.65 2.47 -0.68
C PHE A 105 18.67 3.40 -0.04
N VAL A 106 19.38 4.15 -0.87
CA VAL A 106 20.36 5.11 -0.38
C VAL A 106 19.66 6.38 0.06
N HIS A 107 19.97 6.82 1.28
CA HIS A 107 19.28 7.99 1.84
C HIS A 107 19.62 9.23 1.02
N GLY A 108 18.59 9.90 0.52
CA GLY A 108 18.76 11.21 -0.07
C GLY A 108 17.92 12.24 0.64
N VAL A 109 18.56 13.15 1.38
CA VAL A 109 17.81 14.13 2.17
C VAL A 109 18.00 15.50 1.57
N THR A 110 19.24 15.99 1.57
CA THR A 110 19.56 17.22 0.85
C THR A 110 20.29 16.94 -0.44
N VAL A 111 21.20 15.96 -0.45
CA VAL A 111 21.73 15.36 -1.66
C VAL A 111 21.83 13.86 -1.40
N LYS A 112 22.11 13.11 -2.47
CA LYS A 112 22.37 11.69 -2.29
C LYS A 112 23.62 11.50 -1.45
N ASN A 113 23.46 10.84 -0.31
CA ASN A 113 24.53 10.73 0.68
C ASN A 113 25.59 9.75 0.16
N ARG A 114 26.55 10.29 -0.58
CA ARG A 114 27.72 9.52 -0.97
C ARG A 114 28.90 10.47 -1.11
N MET A 115 30.07 9.99 -0.71
CA MET A 115 31.28 10.80 -0.75
C MET A 115 32.33 10.15 -1.64
N ILE A 116 33.00 10.99 -2.43
CA ILE A 116 34.11 10.60 -3.29
C ILE A 116 35.33 11.38 -2.82
N ARG A 117 36.35 10.66 -2.38
CA ARG A 117 37.57 11.28 -1.88
C ARG A 117 38.76 10.68 -2.60
N LEU A 118 39.50 11.50 -3.34
CA LEU A 118 40.67 11.03 -4.05
C LEU A 118 41.87 11.04 -3.12
N HIS A 119 43.06 10.89 -3.68
CA HIS A 119 44.30 10.91 -2.91
C HIS A 119 45.44 11.20 -3.87
N PRO A 120 46.62 11.57 -3.35
CA PRO A 120 47.75 11.80 -4.27
C PRO A 120 48.30 10.53 -4.88
N ASP A 121 48.33 9.43 -4.13
CA ASP A 121 48.90 8.19 -4.64
C ASP A 121 47.91 7.38 -5.48
N GLY A 122 46.64 7.81 -5.55
CA GLY A 122 45.67 7.13 -6.38
C GLY A 122 44.60 6.37 -5.63
N THR A 123 44.72 6.22 -4.31
CA THR A 123 43.70 5.50 -3.55
C THR A 123 42.40 6.30 -3.54
N VAL A 124 41.31 5.65 -3.91
CA VAL A 124 40.00 6.28 -3.97
C VAL A 124 39.15 5.72 -2.84
N LEU A 125 38.41 6.61 -2.17
CA LEU A 125 37.52 6.26 -1.07
C LEU A 125 36.11 6.65 -1.45
N TYR A 126 35.19 5.70 -1.40
CA TYR A 126 33.82 5.87 -1.87
C TYR A 126 32.87 5.42 -0.79
N GLY A 127 31.97 6.30 -0.37
CA GLY A 127 31.13 6.03 0.79
C GLY A 127 29.67 6.27 0.55
N LEU A 128 28.85 5.32 1.01
CA LEU A 128 27.39 5.40 0.95
C LEU A 128 26.81 5.31 2.35
N ARG A 129 25.54 5.67 2.47
CA ARG A 129 24.78 5.53 3.70
C ARG A 129 23.52 4.73 3.37
N ILE A 130 23.48 3.48 3.82
CA ILE A 130 22.53 2.50 3.28
C ILE A 130 21.61 2.02 4.39
N THR A 131 20.33 1.86 4.06
CA THR A 131 19.36 1.20 4.93
C THR A 131 18.88 -0.07 4.26
N THR A 132 19.12 -1.21 4.89
CA THR A 132 18.86 -2.52 4.29
C THR A 132 17.89 -3.31 5.15
N THR A 133 16.87 -3.88 4.50
CA THR A 133 15.94 -4.79 5.16
C THR A 133 16.35 -6.23 4.84
N ALA A 134 17.38 -6.69 5.53
CA ALA A 134 17.92 -8.01 5.24
C ALA A 134 17.01 -9.10 5.81
N ALA A 135 17.16 -10.31 5.28
CA ALA A 135 16.35 -11.44 5.68
C ALA A 135 17.25 -12.56 6.19
N CYS A 136 16.91 -13.09 7.36
CA CYS A 136 17.63 -14.22 7.94
C CYS A 136 16.61 -15.23 8.48
N MET A 137 16.85 -16.50 8.20
CA MET A 137 15.95 -17.54 8.67
C MET A 137 16.04 -17.70 10.18
N MET A 138 14.88 -17.72 10.83
CA MET A 138 14.80 -17.85 12.28
C MET A 138 14.21 -19.20 12.63
N ASP A 139 14.96 -19.98 13.41
CA ASP A 139 14.50 -21.27 13.91
C ASP A 139 13.77 -21.03 15.23
N LEU A 140 12.45 -21.18 15.22
CA LEU A 140 11.63 -20.87 16.37
C LEU A 140 11.09 -22.12 17.05
N ARG A 141 11.77 -23.26 16.91
CA ARG A 141 11.35 -24.45 17.62
C ARG A 141 11.41 -24.23 19.12
N ARG A 142 12.50 -23.62 19.61
CA ARG A 142 12.68 -23.36 21.02
C ARG A 142 12.16 -22.00 21.44
N TYR A 143 11.26 -21.40 20.66
CA TYR A 143 10.70 -20.12 21.03
C TYR A 143 10.03 -20.22 22.40
N PRO A 144 10.18 -19.21 23.27
CA PRO A 144 10.94 -17.98 23.00
C PRO A 144 12.45 -18.14 23.20
N LEU A 145 12.87 -19.04 24.08
CA LEU A 145 14.28 -19.16 24.45
C LEU A 145 15.07 -19.76 23.29
N ASP A 146 15.71 -18.91 22.49
CA ASP A 146 16.45 -19.38 21.34
C ASP A 146 17.58 -18.41 21.03
N GLU A 147 18.45 -18.84 20.13
CA GLU A 147 19.55 -18.01 19.64
C GLU A 147 19.45 -17.92 18.12
N GLN A 148 19.58 -16.71 17.59
CA GLN A 148 19.56 -16.46 16.17
C GLN A 148 20.96 -16.12 15.67
N ASN A 149 21.21 -16.43 14.41
CA ASN A 149 22.51 -16.21 13.77
C ASN A 149 22.33 -15.39 12.50
N CYS A 150 21.64 -14.26 12.63
CA CYS A 150 21.39 -13.41 11.47
C CYS A 150 22.69 -12.85 10.90
N THR A 151 22.72 -12.76 9.57
CA THR A 151 23.92 -12.46 8.80
C THR A 151 23.65 -11.34 7.80
N LEU A 152 24.72 -10.91 7.15
CA LEU A 152 24.67 -10.02 6.00
C LEU A 152 25.77 -10.46 5.05
N GLU A 153 25.27 -10.66 3.81
CA GLU A 153 26.18 -11.26 2.85
C GLU A 153 26.45 -10.26 1.73
N ILE A 154 27.84 -10.06 1.53
CA ILE A 154 28.28 -9.11 0.53
C ILE A 154 29.01 -9.87 -0.57
N GLU A 155 28.72 -9.52 -1.82
CA GLU A 155 29.37 -10.17 -2.96
C GLU A 155 29.62 -9.14 -4.04
N SER A 156 30.28 -9.58 -5.10
CA SER A 156 30.42 -8.83 -6.34
C SER A 156 29.61 -9.52 -7.42
N TYR A 157 28.92 -8.75 -8.24
CA TYR A 157 28.02 -9.35 -9.22
C TYR A 157 28.58 -9.39 -10.64
N GLY A 158 29.50 -8.48 -10.99
CA GLY A 158 29.95 -8.42 -12.38
C GLY A 158 31.24 -9.15 -12.65
N TYR A 159 32.20 -9.06 -11.73
CA TYR A 159 33.56 -9.51 -11.98
C TYR A 159 33.85 -10.77 -11.18
N THR A 160 34.50 -11.73 -11.82
CA THR A 160 34.87 -12.97 -11.17
C THR A 160 36.05 -12.74 -10.23
N THR A 161 36.39 -13.78 -9.47
CA THR A 161 37.49 -13.72 -8.51
C THR A 161 38.81 -13.37 -9.17
N ASP A 162 38.86 -13.45 -10.50
CA ASP A 162 40.10 -13.13 -11.21
C ASP A 162 40.34 -11.63 -11.33
N ASP A 163 39.28 -10.82 -11.21
CA ASP A 163 39.42 -9.39 -11.43
C ASP A 163 39.27 -8.55 -10.16
N ILE A 164 38.67 -9.09 -9.11
CA ILE A 164 38.42 -8.31 -7.90
C ILE A 164 38.70 -9.16 -6.67
N GLU A 165 39.10 -8.50 -5.58
CA GLU A 165 39.37 -9.15 -4.31
C GLU A 165 38.73 -8.34 -3.19
N PHE A 166 38.09 -9.02 -2.25
CA PHE A 166 37.42 -8.37 -1.13
C PHE A 166 38.10 -8.76 0.17
N TYR A 167 38.38 -7.78 1.02
CA TYR A 167 39.01 -8.03 2.30
C TYR A 167 38.73 -6.85 3.22
N TRP A 168 38.55 -7.13 4.50
CA TRP A 168 38.32 -6.10 5.48
C TRP A 168 39.60 -5.35 5.79
N ARG A 169 39.46 -4.07 6.16
CA ARG A 169 40.61 -3.23 6.49
C ARG A 169 40.87 -3.29 7.99
N GLY A 170 41.39 -4.43 8.43
CA GLY A 170 41.62 -4.67 9.84
C GLY A 170 40.47 -5.43 10.45
N ASP A 171 40.67 -6.72 10.68
CA ASP A 171 39.55 -7.58 11.05
C ASP A 171 38.94 -7.18 12.39
N ASP A 172 39.78 -6.73 13.33
CA ASP A 172 39.26 -6.32 14.63
C ASP A 172 38.49 -5.01 14.52
N ASN A 173 38.92 -4.11 13.65
CA ASN A 173 38.34 -2.79 13.54
C ASN A 173 37.52 -2.58 12.27
N ALA A 174 37.12 -3.66 11.61
CA ALA A 174 36.33 -3.51 10.39
C ALA A 174 34.93 -3.02 10.69
N VAL A 175 34.24 -3.66 11.63
CA VAL A 175 32.86 -3.30 11.99
C VAL A 175 32.89 -2.64 13.35
N THR A 176 32.24 -1.49 13.46
CA THR A 176 32.23 -0.71 14.68
C THR A 176 30.79 -0.48 15.14
N GLY A 177 30.65 0.21 16.25
CA GLY A 177 29.36 0.62 16.75
C GLY A 177 28.46 -0.50 17.23
N VAL A 178 28.93 -1.75 17.24
CA VAL A 178 28.08 -2.86 17.65
C VAL A 178 27.76 -2.79 19.13
N THR A 179 28.74 -2.39 19.95
CA THR A 179 28.51 -2.32 21.39
C THR A 179 27.39 -1.33 21.71
N LYS A 180 27.35 -0.20 21.02
CA LYS A 180 26.34 0.81 21.30
C LYS A 180 24.95 0.39 20.81
N ILE A 181 24.87 -0.63 19.94
CA ILE A 181 23.58 -1.11 19.48
C ILE A 181 22.80 -1.66 20.65
N GLU A 182 21.52 -1.28 20.75
CA GLU A 182 20.66 -1.70 21.84
C GLU A 182 19.31 -2.12 21.26
N LEU A 183 19.17 -3.42 21.01
CA LEU A 183 17.87 -3.95 20.61
C LEU A 183 16.91 -3.93 21.78
N PRO A 184 15.63 -3.64 21.56
CA PRO A 184 14.69 -3.55 22.68
C PRO A 184 14.42 -4.90 23.35
N GLN A 185 14.21 -5.93 22.54
CA GLN A 185 13.81 -7.25 23.04
C GLN A 185 14.94 -8.26 23.04
N PHE A 186 15.94 -8.08 22.19
CA PHE A 186 17.11 -8.94 22.13
C PHE A 186 18.32 -8.23 22.71
N SER A 187 19.45 -8.93 22.73
CA SER A 187 20.71 -8.36 23.16
C SER A 187 21.83 -9.03 22.38
N ILE A 188 22.79 -8.22 21.92
CA ILE A 188 23.89 -8.75 21.12
C ILE A 188 24.80 -9.59 22.01
N VAL A 189 25.45 -10.59 21.40
CA VAL A 189 26.38 -11.46 22.09
C VAL A 189 27.76 -11.45 21.42
N ASP A 190 27.81 -11.66 20.11
CA ASP A 190 29.08 -11.72 19.41
C ASP A 190 28.84 -11.55 17.93
N TYR A 191 29.90 -11.20 17.21
CA TYR A 191 29.86 -11.07 15.76
C TYR A 191 31.14 -11.61 15.16
N LYS A 192 31.05 -12.05 13.91
CA LYS A 192 32.18 -12.64 13.21
C LYS A 192 32.22 -12.12 11.78
N LEU A 193 33.45 -12.07 11.24
CA LEU A 193 33.70 -11.64 9.87
C LEU A 193 34.34 -12.79 9.11
N ILE A 194 33.84 -13.05 7.91
CA ILE A 194 34.27 -14.20 7.12
C ILE A 194 34.57 -13.74 5.70
N THR A 195 35.58 -14.35 5.08
CA THR A 195 35.92 -14.11 3.69
C THR A 195 35.89 -15.44 2.94
N LYS A 196 35.17 -15.50 1.82
CA LYS A 196 34.98 -16.75 1.12
C LYS A 196 34.96 -16.52 -0.39
N LYS A 197 34.94 -17.64 -1.12
CA LYS A 197 34.69 -17.66 -2.56
C LYS A 197 33.56 -18.63 -2.84
N VAL A 198 32.57 -18.20 -3.61
CA VAL A 198 31.39 -19.00 -3.90
C VAL A 198 31.41 -19.39 -5.36
N VAL A 199 31.15 -20.66 -5.65
CA VAL A 199 31.11 -21.15 -7.02
C VAL A 199 29.68 -21.08 -7.52
N PHE A 200 29.46 -20.33 -8.58
CA PHE A 200 28.21 -20.34 -9.33
C PHE A 200 28.47 -20.89 -10.72
N SER A 201 27.39 -21.11 -11.46
CA SER A 201 27.48 -21.75 -12.76
C SER A 201 28.31 -20.96 -13.76
N THR A 202 28.52 -19.62 -13.53
CA THR A 202 29.33 -18.82 -14.45
C THR A 202 30.75 -18.59 -13.97
N GLY A 203 31.09 -18.99 -12.75
CA GLY A 203 32.45 -18.84 -12.29
C GLY A 203 32.52 -18.86 -10.77
N SER A 204 33.63 -18.31 -10.27
CA SER A 204 33.88 -18.20 -8.84
C SER A 204 33.90 -16.73 -8.46
N TYR A 205 33.04 -16.35 -7.51
CA TYR A 205 32.89 -14.96 -7.11
C TYR A 205 33.27 -14.75 -5.65
N PRO A 206 34.01 -13.69 -5.34
CA PRO A 206 34.44 -13.46 -3.95
C PRO A 206 33.28 -12.99 -3.10
N ARG A 207 33.43 -13.08 -1.79
CA ARG A 207 32.36 -12.62 -0.91
C ARG A 207 32.88 -12.41 0.50
N LEU A 208 32.22 -11.51 1.21
CA LEU A 208 32.40 -11.31 2.64
C LEU A 208 31.10 -11.61 3.36
N SER A 209 31.21 -11.93 4.64
CA SER A 209 30.05 -12.21 5.47
C SER A 209 30.23 -11.57 6.84
N LEU A 210 29.24 -10.80 7.27
CA LEU A 210 29.22 -10.22 8.60
C LEU A 210 28.05 -10.84 9.35
N SER A 211 28.33 -11.64 10.37
CA SER A 211 27.28 -12.44 10.98
C SER A 211 27.31 -12.27 12.49
N PHE A 212 26.19 -11.88 13.09
CA PHE A 212 26.18 -11.67 14.53
C PHE A 212 25.02 -12.40 15.18
N LYS A 213 25.26 -12.91 16.39
CA LYS A 213 24.25 -13.66 17.11
C LYS A 213 23.25 -12.72 17.78
N LEU A 214 22.09 -13.28 18.12
CA LEU A 214 21.06 -12.57 18.85
C LEU A 214 20.48 -13.53 19.89
N LYS A 215 20.44 -13.09 21.14
CA LYS A 215 19.88 -13.88 22.23
C LYS A 215 18.68 -13.16 22.81
N ARG A 216 17.59 -13.89 23.02
CA ARG A 216 16.37 -13.29 23.55
C ARG A 216 16.47 -13.14 25.06
N ASN A 217 15.74 -12.16 25.59
CA ASN A 217 15.65 -11.95 27.03
C ASN A 217 14.51 -12.78 27.59
N ILE A 218 14.82 -13.64 28.56
CA ILE A 218 13.83 -14.56 29.09
C ILE A 218 12.93 -13.86 30.12
N GLY A 219 13.44 -12.83 30.78
CA GLY A 219 12.74 -12.28 31.93
C GLY A 219 11.34 -11.79 31.62
N TYR A 220 11.13 -11.25 30.42
CA TYR A 220 9.85 -10.63 30.12
C TYR A 220 8.76 -11.67 29.85
N PHE A 221 9.06 -12.67 29.03
CA PHE A 221 8.04 -13.60 28.57
C PHE A 221 7.47 -14.45 29.70
N ILE A 222 8.27 -14.71 30.74
CA ILE A 222 7.81 -15.56 31.83
C ILE A 222 6.55 -14.99 32.47
N LEU A 223 6.66 -13.78 33.01
CA LEU A 223 5.54 -13.17 33.74
C LEU A 223 4.30 -13.06 32.86
N GLN A 224 4.48 -12.79 31.57
CA GLN A 224 3.33 -12.58 30.70
C GLN A 224 2.64 -13.89 30.35
N THR A 225 3.42 -14.91 30.00
CA THR A 225 2.85 -16.13 29.43
C THR A 225 2.73 -17.27 30.44
N TYR A 226 3.82 -17.63 31.12
CA TYR A 226 3.82 -18.88 31.87
C TYR A 226 3.08 -18.78 33.19
N MET A 227 3.09 -17.60 33.82
CA MET A 227 2.45 -17.49 35.13
C MET A 227 0.96 -17.76 35.13
N PRO A 228 0.14 -17.26 34.19
CA PRO A 228 -1.30 -17.58 34.26
C PRO A 228 -1.59 -19.07 34.16
N SER A 229 -0.93 -19.78 33.25
CA SER A 229 -1.17 -21.21 33.10
C SER A 229 -0.78 -21.97 34.35
N ILE A 230 0.37 -21.65 34.93
CA ILE A 230 0.81 -22.34 36.14
C ILE A 230 -0.14 -22.02 37.30
N LEU A 231 -0.59 -20.77 37.40
CA LEU A 231 -1.52 -20.41 38.47
C LEU A 231 -2.82 -21.20 38.35
N ILE A 232 -3.36 -21.30 37.13
CA ILE A 232 -4.60 -22.05 36.96
C ILE A 232 -4.38 -23.52 37.24
N THR A 233 -3.26 -24.07 36.81
CA THR A 233 -2.97 -25.48 37.08
C THR A 233 -2.87 -25.75 38.57
N ILE A 234 -2.21 -24.87 39.31
CA ILE A 234 -2.08 -25.08 40.75
C ILE A 234 -3.42 -24.91 41.44
N LEU A 235 -4.19 -23.88 41.05
CA LEU A 235 -5.50 -23.65 41.65
C LEU A 235 -6.49 -24.75 41.32
N SER A 236 -6.24 -25.51 40.24
CA SER A 236 -7.08 -26.66 39.96
C SER A 236 -6.94 -27.74 41.02
N TRP A 237 -5.80 -27.78 41.71
CA TRP A 237 -5.55 -28.81 42.70
C TRP A 237 -6.37 -28.63 43.97
N VAL A 238 -6.84 -27.40 44.25
CA VAL A 238 -7.67 -27.17 45.42
C VAL A 238 -8.93 -28.00 45.38
N SER A 239 -9.29 -28.51 44.19
CA SER A 239 -10.45 -29.39 44.08
C SER A 239 -10.31 -30.62 44.98
N PHE A 240 -9.08 -31.10 45.17
CA PHE A 240 -8.89 -32.34 45.93
C PHE A 240 -9.20 -32.16 47.40
N TRP A 241 -8.88 -31.00 47.97
CA TRP A 241 -9.06 -30.81 49.40
C TRP A 241 -10.54 -30.73 49.80
N ILE A 242 -11.43 -30.42 48.87
CA ILE A 242 -12.85 -30.38 49.18
C ILE A 242 -13.35 -31.79 49.44
N ASN A 243 -14.30 -31.92 50.37
CA ASN A 243 -14.88 -33.22 50.67
C ASN A 243 -15.69 -33.73 49.48
N TYR A 244 -15.64 -35.05 49.27
CA TYR A 244 -16.30 -35.65 48.11
C TYR A 244 -17.82 -35.57 48.18
N ASP A 245 -18.39 -35.08 49.27
CA ASP A 245 -19.84 -34.95 49.36
C ASP A 245 -20.33 -33.80 48.48
N ALA A 246 -19.64 -32.67 48.51
CA ALA A 246 -20.02 -31.49 47.72
C ALA A 246 -19.60 -31.72 46.27
N SER A 247 -20.50 -32.33 45.49
CA SER A 247 -20.17 -32.65 44.12
C SER A 247 -20.22 -31.40 43.24
N ALA A 248 -21.29 -30.62 43.34
CA ALA A 248 -21.44 -29.45 42.48
C ALA A 248 -20.33 -28.44 42.70
N ALA A 249 -19.96 -28.21 43.96
CA ALA A 249 -18.89 -27.27 44.26
C ALA A 249 -17.59 -27.67 43.57
N ARG A 250 -17.23 -28.95 43.69
CA ARG A 250 -15.97 -29.40 43.09
C ARG A 250 -16.05 -29.37 41.57
N VAL A 251 -17.20 -29.74 41.00
CA VAL A 251 -17.35 -29.71 39.55
C VAL A 251 -17.25 -28.28 39.04
N ALA A 252 -17.65 -27.31 39.86
CA ALA A 252 -17.49 -25.91 39.47
C ALA A 252 -16.03 -25.58 39.17
N LEU A 253 -15.13 -25.97 40.08
CA LEU A 253 -13.71 -25.74 39.86
C LEU A 253 -13.20 -26.58 38.69
N GLY A 254 -13.55 -27.87 38.68
CA GLY A 254 -13.10 -28.75 37.62
C GLY A 254 -13.50 -28.28 36.23
N ILE A 255 -14.56 -27.47 36.16
CA ILE A 255 -14.99 -26.92 34.88
C ILE A 255 -14.33 -25.58 34.61
N THR A 256 -14.30 -24.70 35.62
CA THR A 256 -13.78 -23.36 35.42
C THR A 256 -12.30 -23.40 35.07
N THR A 257 -11.55 -24.32 35.65
CA THR A 257 -10.13 -24.43 35.32
C THR A 257 -9.93 -24.73 33.85
N VAL A 258 -10.68 -25.70 33.31
CA VAL A 258 -10.55 -26.06 31.91
C VAL A 258 -10.99 -24.89 31.02
N LEU A 259 -12.09 -24.24 31.36
CA LEU A 259 -12.55 -23.12 30.54
C LEU A 259 -11.51 -22.00 30.52
N THR A 260 -10.93 -21.70 31.68
CA THR A 260 -9.93 -20.65 31.76
C THR A 260 -8.67 -21.03 30.99
N MET A 261 -8.28 -22.30 31.05
CA MET A 261 -7.13 -22.75 30.27
C MET A 261 -7.36 -22.56 28.79
N THR A 262 -8.56 -22.92 28.31
CA THR A 262 -8.86 -22.73 26.89
C THR A 262 -8.85 -21.25 26.51
N THR A 263 -9.43 -20.40 27.35
CA THR A 263 -9.46 -18.97 27.04
C THR A 263 -8.05 -18.38 27.02
N ILE A 264 -7.21 -18.77 27.99
CA ILE A 264 -5.84 -18.26 28.02
C ILE A 264 -5.07 -18.75 26.81
N ASN A 265 -5.32 -19.99 26.39
CA ASN A 265 -4.68 -20.50 25.18
C ASN A 265 -5.06 -19.65 23.98
N THR A 266 -6.34 -19.35 23.82
CA THR A 266 -6.77 -18.53 22.69
C THR A 266 -6.17 -17.13 22.74
N HIS A 267 -6.17 -16.51 23.92
CA HIS A 267 -5.60 -15.17 24.05
C HIS A 267 -4.13 -15.17 23.69
N LEU A 268 -3.38 -16.15 24.21
CA LEU A 268 -1.96 -16.21 23.94
C LEU A 268 -1.68 -16.51 22.48
N ARG A 269 -2.59 -17.23 21.82
CA ARG A 269 -2.45 -17.42 20.38
C ARG A 269 -2.68 -16.12 19.63
N GLU A 270 -3.65 -15.32 20.07
CA GLU A 270 -3.89 -14.03 19.44
C GLU A 270 -2.72 -13.08 19.64
N THR A 271 -2.06 -13.14 20.80
CA THR A 271 -1.01 -12.17 21.10
C THR A 271 0.32 -12.52 20.41
N LEU A 272 0.76 -13.77 20.54
CA LEU A 272 2.07 -14.16 20.05
C LEU A 272 2.14 -13.99 18.52
N PRO A 273 3.34 -13.77 17.98
CA PRO A 273 3.48 -13.66 16.52
C PRO A 273 3.17 -14.98 15.85
N LYS A 274 2.21 -14.94 14.93
CA LYS A 274 1.68 -16.16 14.32
C LYS A 274 2.77 -16.87 13.51
N ILE A 275 3.03 -18.12 13.86
CA ILE A 275 4.02 -18.94 13.15
C ILE A 275 3.46 -20.35 13.04
N PRO A 276 3.19 -20.83 11.85
CA PRO A 276 2.40 -22.06 11.65
C PRO A 276 3.20 -23.35 11.72
N TYR A 277 3.93 -23.55 12.82
CA TYR A 277 4.55 -24.84 13.09
C TYR A 277 4.86 -24.94 14.58
N VAL A 278 5.13 -26.17 15.02
CA VAL A 278 5.19 -26.47 16.44
C VAL A 278 6.29 -25.67 17.11
N LYS A 279 5.99 -25.13 18.29
CA LYS A 279 6.95 -24.42 19.12
C LYS A 279 6.80 -24.89 20.55
N ALA A 280 7.72 -24.44 21.41
CA ALA A 280 7.81 -24.98 22.76
C ALA A 280 6.62 -24.56 23.62
N ILE A 281 6.26 -23.28 23.58
CA ILE A 281 5.21 -22.79 24.48
C ILE A 281 3.90 -23.51 24.22
N ASP A 282 3.66 -23.93 22.97
CA ASP A 282 2.48 -24.74 22.69
C ASP A 282 2.55 -26.09 23.41
N MET A 283 3.73 -26.71 23.41
CA MET A 283 3.89 -27.96 24.15
C MET A 283 3.58 -27.76 25.62
N TYR A 284 4.07 -26.67 26.21
CA TYR A 284 3.85 -26.44 27.63
C TYR A 284 2.37 -26.21 27.94
N LEU A 285 1.72 -25.37 27.14
CA LEU A 285 0.30 -25.11 27.36
C LEU A 285 -0.52 -26.38 27.18
N MET A 286 -0.16 -27.20 26.18
CA MET A 286 -0.88 -28.46 25.98
C MET A 286 -0.68 -29.38 27.17
N GLY A 287 0.53 -29.41 27.75
CA GLY A 287 0.75 -30.21 28.94
C GLY A 287 -0.13 -29.80 30.09
N CYS A 288 -0.18 -28.49 30.37
CA CYS A 288 -1.03 -28.02 31.47
C CYS A 288 -2.51 -28.31 31.21
N PHE A 289 -2.94 -28.12 29.96
CA PHE A 289 -4.32 -28.44 29.59
C PHE A 289 -4.62 -29.90 29.86
N VAL A 290 -3.69 -30.79 29.49
CA VAL A 290 -3.90 -32.21 29.73
C VAL A 290 -3.95 -32.50 31.22
N PHE A 291 -3.16 -31.79 32.01
CA PHE A 291 -3.18 -32.01 33.46
C PHE A 291 -4.54 -31.68 34.05
N VAL A 292 -5.08 -30.51 33.73
CA VAL A 292 -6.38 -30.15 34.32
C VAL A 292 -7.48 -31.08 33.78
N PHE A 293 -7.37 -31.47 32.51
CA PHE A 293 -8.32 -32.42 31.96
C PHE A 293 -8.28 -33.75 32.71
N MET A 294 -7.08 -34.22 33.06
CA MET A 294 -6.96 -35.49 33.77
C MET A 294 -7.49 -35.38 35.18
N ALA A 295 -7.29 -34.21 35.82
CA ALA A 295 -7.90 -33.99 37.13
C ALA A 295 -9.42 -34.12 37.05
N LEU A 296 -10.03 -33.47 36.06
CA LEU A 296 -11.47 -33.58 35.89
C LEU A 296 -11.88 -35.03 35.64
N LEU A 297 -11.11 -35.75 34.83
CA LEU A 297 -11.44 -37.13 34.51
C LEU A 297 -11.39 -38.01 35.76
N GLU A 298 -10.35 -37.86 36.57
CA GLU A 298 -10.23 -38.69 37.76
C GLU A 298 -11.35 -38.39 38.75
N TYR A 299 -11.74 -37.11 38.87
CA TYR A 299 -12.86 -36.83 39.77
C TYR A 299 -14.16 -37.40 39.21
N ALA A 300 -14.36 -37.37 37.90
CA ALA A 300 -15.56 -37.97 37.32
C ALA A 300 -15.60 -39.46 37.61
N LEU A 301 -14.47 -40.15 37.47
CA LEU A 301 -14.43 -41.57 37.76
C LEU A 301 -14.69 -41.85 39.24
N VAL A 302 -14.13 -41.03 40.12
CA VAL A 302 -14.42 -41.16 41.55
C VAL A 302 -15.91 -41.03 41.80
N ASN A 303 -16.53 -40.00 41.24
CA ASN A 303 -17.97 -39.78 41.42
C ASN A 303 -18.77 -40.95 40.87
N TYR A 304 -18.27 -41.61 39.82
CA TYR A 304 -18.99 -42.77 39.29
C TYR A 304 -18.90 -43.96 40.23
N ILE A 305 -17.70 -44.27 40.71
CA ILE A 305 -17.52 -45.49 41.50
C ILE A 305 -17.71 -45.19 42.98
N PHE A 306 -18.27 -44.03 43.29
CA PHE A 306 -18.40 -43.64 44.69
C PHE A 306 -19.50 -44.43 45.40
N PHE A 307 -20.63 -44.64 44.74
CA PHE A 307 -21.79 -45.21 45.41
C PHE A 307 -21.53 -46.63 45.90
N SER A 308 -20.69 -47.38 45.20
CA SER A 308 -20.43 -48.77 45.58
C SER A 308 -19.53 -48.84 46.80
N GLN A 309 -18.38 -48.16 46.77
CA GLN A 309 -17.39 -48.25 47.83
C GLN A 309 -16.78 -46.89 48.11
N PRO A 310 -16.97 -46.34 49.31
CA PRO A 310 -16.38 -45.02 49.63
C PRO A 310 -14.89 -45.10 49.93
N ALA A 311 -14.44 -46.24 50.46
CA ALA A 311 -13.03 -46.39 50.80
C ALA A 311 -12.15 -46.25 49.57
N ARG A 312 -12.59 -46.80 48.44
CA ARG A 312 -11.87 -46.61 47.19
C ARG A 312 -11.76 -45.13 46.84
N ALA A 313 -12.83 -44.36 47.09
CA ALA A 313 -12.79 -42.94 46.78
C ALA A 313 -11.78 -42.21 47.65
N ALA A 314 -11.79 -42.48 48.96
CA ALA A 314 -10.82 -41.84 49.84
C ALA A 314 -9.40 -42.23 49.48
N ALA A 315 -9.18 -43.48 49.09
CA ALA A 315 -7.85 -43.91 48.70
C ALA A 315 -7.39 -43.22 47.43
N ILE A 316 -8.28 -43.10 46.44
CA ILE A 316 -7.92 -42.43 45.20
C ILE A 316 -7.64 -40.96 45.44
N ASP A 317 -8.40 -40.33 46.33
CA ASP A 317 -8.13 -38.93 46.65
C ASP A 317 -6.76 -38.77 47.30
N ARG A 318 -6.41 -39.66 48.22
CA ARG A 318 -5.09 -39.58 48.84
C ARG A 318 -3.99 -39.80 47.82
N TRP A 319 -4.17 -40.78 46.93
CA TRP A 319 -3.18 -41.05 45.90
C TRP A 319 -3.00 -39.84 44.99
N SER A 320 -4.10 -39.21 44.60
CA SER A 320 -4.01 -38.04 43.73
C SER A 320 -3.29 -36.90 44.42
N ARG A 321 -3.66 -36.62 45.68
CA ARG A 321 -2.98 -35.57 46.43
C ARG A 321 -1.48 -35.79 46.46
N ILE A 322 -1.05 -37.03 46.73
CA ILE A 322 0.38 -37.25 46.89
C ILE A 322 1.11 -37.43 45.56
N PHE A 323 0.38 -37.65 44.46
CA PHE A 323 1.06 -37.93 43.20
C PHE A 323 1.10 -36.71 42.27
N PHE A 324 0.02 -35.93 42.19
CA PHE A 324 -0.06 -34.90 41.16
C PHE A 324 1.07 -33.87 41.23
N PRO A 325 1.32 -33.21 42.36
CA PRO A 325 2.39 -32.18 42.36
C PRO A 325 3.76 -32.75 42.04
N VAL A 326 4.02 -34.01 42.43
CA VAL A 326 5.32 -34.61 42.13
C VAL A 326 5.49 -34.77 40.63
N VAL A 327 4.46 -35.29 39.95
CA VAL A 327 4.52 -35.44 38.50
C VAL A 327 4.69 -34.09 37.83
N PHE A 328 3.96 -33.08 38.31
CA PHE A 328 4.07 -31.76 37.71
C PHE A 328 5.46 -31.18 37.88
N SER A 329 6.05 -31.33 39.06
CA SER A 329 7.40 -30.82 39.29
C SER A 329 8.41 -31.57 38.43
N PHE A 330 8.24 -32.89 38.28
CA PHE A 330 9.15 -33.65 37.42
C PHE A 330 9.07 -33.18 35.98
N PHE A 331 7.84 -32.96 35.49
CA PHE A 331 7.66 -32.47 34.13
C PHE A 331 8.32 -31.12 33.93
N ASN A 332 8.09 -30.19 34.87
CA ASN A 332 8.69 -28.86 34.75
C ASN A 332 10.22 -28.94 34.79
N ILE A 333 10.77 -29.79 35.65
CA ILE A 333 12.22 -29.89 35.76
C ILE A 333 12.81 -30.43 34.47
N VAL A 334 12.22 -31.50 33.92
CA VAL A 334 12.71 -32.06 32.67
C VAL A 334 12.63 -31.01 31.56
N TYR A 335 11.52 -30.27 31.51
CA TYR A 335 11.35 -29.23 30.49
C TYR A 335 12.45 -28.18 30.58
N TRP A 336 12.56 -27.53 31.73
CA TRP A 336 13.50 -26.42 31.86
C TRP A 336 14.95 -26.88 31.78
N LEU A 337 15.23 -28.15 32.11
CA LEU A 337 16.59 -28.63 31.95
C LEU A 337 16.90 -28.95 30.50
N TYR A 338 15.92 -29.46 29.76
CA TYR A 338 16.16 -29.78 28.35
C TYR A 338 16.31 -28.51 27.52
N TYR A 339 15.53 -27.48 27.83
CA TYR A 339 15.59 -26.28 27.01
C TYR A 339 16.75 -25.37 27.41
N VAL A 340 16.70 -24.83 28.63
CA VAL A 340 17.78 -23.96 29.08
C VAL A 340 19.04 -24.79 29.29
N THR B 13 43.58 1.83 -23.62
CA THR B 13 44.36 2.23 -24.79
C THR B 13 43.87 1.52 -26.04
N VAL B 14 44.16 0.23 -26.14
CA VAL B 14 43.67 -0.56 -27.27
C VAL B 14 42.20 -0.94 -27.06
N PHE B 15 41.84 -1.25 -25.82
CA PHE B 15 40.47 -1.69 -25.54
C PHE B 15 39.47 -0.58 -25.82
N THR B 16 39.86 0.68 -25.61
CA THR B 16 38.95 1.77 -25.92
C THR B 16 38.60 1.81 -27.40
N ARG B 17 39.59 1.60 -28.26
CA ARG B 17 39.31 1.53 -29.69
C ARG B 17 38.46 0.32 -30.03
N ILE B 18 38.81 -0.84 -29.47
CA ILE B 18 38.04 -2.06 -29.74
C ILE B 18 36.58 -1.86 -29.33
N LEU B 19 36.35 -1.12 -28.25
CA LEU B 19 35.00 -0.97 -27.73
C LEU B 19 34.22 0.10 -28.47
N ASP B 20 34.86 1.20 -28.84
CA ASP B 20 34.16 2.23 -29.59
C ASP B 20 33.86 1.79 -31.01
N ARG B 21 34.71 0.92 -31.58
CA ARG B 21 34.48 0.49 -32.96
C ARG B 21 33.20 -0.33 -33.07
N LEU B 22 32.87 -1.11 -32.04
CA LEU B 22 31.65 -1.92 -32.08
C LEU B 22 30.41 -1.03 -32.10
N LEU B 23 30.30 -0.14 -31.11
CA LEU B 23 29.11 0.70 -31.02
C LEU B 23 29.01 1.71 -32.16
N ASP B 24 30.11 1.94 -32.88
CA ASP B 24 30.04 2.82 -34.04
C ASP B 24 29.18 2.18 -35.12
N GLY B 25 28.20 2.92 -35.62
CA GLY B 25 27.30 2.36 -36.62
C GLY B 25 26.43 1.24 -36.10
N TYR B 26 26.04 1.30 -34.84
CA TYR B 26 25.19 0.29 -34.23
C TYR B 26 23.92 0.96 -33.73
N ASP B 27 22.77 0.41 -34.12
CA ASP B 27 21.48 0.99 -33.77
C ASP B 27 20.73 0.00 -32.89
N ASN B 28 20.44 0.41 -31.65
CA ASN B 28 19.84 -0.50 -30.68
C ASN B 28 18.40 -0.85 -31.00
N ARG B 29 17.72 -0.05 -31.81
CA ARG B 29 16.29 -0.24 -32.01
C ARG B 29 15.96 -1.53 -32.75
N LEU B 30 16.90 -2.07 -33.51
CA LEU B 30 16.64 -3.21 -34.38
C LEU B 30 17.29 -4.47 -33.82
N ARG B 31 16.48 -5.49 -33.57
CA ARG B 31 17.00 -6.76 -33.08
C ARG B 31 17.81 -7.46 -34.16
N PRO B 32 18.72 -8.35 -33.78
CA PRO B 32 19.62 -8.97 -34.77
C PRO B 32 18.85 -9.76 -35.81
N GLY B 33 19.21 -9.55 -37.07
CA GLY B 33 18.55 -10.23 -38.17
C GLY B 33 17.10 -9.84 -38.32
N LEU B 34 16.85 -8.59 -38.69
CA LEU B 34 15.48 -8.13 -38.82
C LEU B 34 14.82 -8.74 -40.04
N GLY B 35 15.50 -8.72 -41.19
CA GLY B 35 15.03 -9.43 -42.36
C GLY B 35 15.58 -10.82 -42.53
N GLU B 36 16.55 -11.19 -41.70
CA GLU B 36 17.21 -12.48 -41.77
C GLU B 36 16.46 -13.48 -40.89
N ARG B 37 17.10 -14.61 -40.58
CA ARG B 37 16.45 -15.68 -39.83
C ARG B 37 15.98 -15.19 -38.46
N VAL B 38 15.09 -15.99 -37.86
CA VAL B 38 14.55 -15.65 -36.55
C VAL B 38 15.67 -15.69 -35.50
N THR B 39 15.49 -14.91 -34.43
CA THR B 39 16.43 -14.89 -33.33
C THR B 39 16.05 -15.93 -32.29
N GLU B 40 17.04 -16.68 -31.82
CA GLU B 40 16.82 -17.75 -30.84
C GLU B 40 17.53 -17.38 -29.55
N VAL B 41 16.76 -17.13 -28.50
CA VAL B 41 17.28 -16.73 -27.20
C VAL B 41 17.15 -17.90 -26.24
N LYS B 42 18.25 -18.23 -25.57
CA LYS B 42 18.29 -19.30 -24.58
C LYS B 42 18.16 -18.71 -23.19
N THR B 43 17.45 -19.43 -22.31
CA THR B 43 17.09 -18.92 -21.00
C THR B 43 17.45 -19.93 -19.92
N ASP B 44 17.88 -19.43 -18.77
CA ASP B 44 18.16 -20.26 -17.60
C ASP B 44 17.79 -19.48 -16.35
N ILE B 45 17.38 -20.20 -15.31
CA ILE B 45 16.94 -19.60 -14.06
C ILE B 45 17.70 -20.25 -12.90
N PHE B 46 18.04 -19.45 -11.90
CA PHE B 46 18.64 -19.96 -10.67
C PHE B 46 17.86 -19.37 -9.50
N VAL B 47 16.95 -20.15 -8.92
CA VAL B 47 16.08 -19.67 -7.85
C VAL B 47 16.90 -19.63 -6.57
N THR B 48 17.36 -18.43 -6.18
CA THR B 48 18.22 -18.32 -5.00
C THR B 48 17.46 -18.69 -3.73
N SER B 49 16.29 -18.12 -3.53
CA SER B 49 15.50 -18.42 -2.36
C SER B 49 14.03 -18.27 -2.70
N PHE B 50 13.23 -19.23 -2.27
CA PHE B 50 11.81 -19.30 -2.58
C PHE B 50 11.04 -18.57 -1.50
N GLY B 51 10.43 -17.45 -1.84
CA GLY B 51 9.82 -16.58 -0.87
C GLY B 51 8.62 -17.20 -0.17
N PRO B 52 8.08 -16.50 0.82
CA PRO B 52 6.97 -17.05 1.61
C PRO B 52 5.66 -16.99 0.84
N VAL B 53 5.04 -18.15 0.64
CA VAL B 53 3.74 -18.19 -0.02
C VAL B 53 2.67 -17.63 0.91
N SER B 54 1.68 -16.96 0.34
CA SER B 54 0.56 -16.42 1.09
C SER B 54 -0.73 -17.07 0.63
N ASP B 55 -1.69 -17.19 1.53
CA ASP B 55 -2.97 -17.80 1.21
C ASP B 55 -4.09 -16.77 1.08
N HIS B 56 -3.98 -15.61 1.73
CA HIS B 56 -5.05 -14.64 1.68
C HIS B 56 -5.14 -13.98 0.30
N ASP B 57 -3.99 -13.71 -0.32
CA ASP B 57 -3.95 -13.08 -1.64
C ASP B 57 -3.58 -14.06 -2.75
N MET B 58 -3.21 -15.29 -2.41
CA MET B 58 -2.80 -16.30 -3.39
C MET B 58 -1.63 -15.80 -4.22
N GLU B 59 -0.56 -15.39 -3.54
CA GLU B 59 0.64 -14.92 -4.20
C GLU B 59 1.87 -15.48 -3.50
N TYR B 60 2.93 -15.68 -4.27
CA TYR B 60 4.19 -16.15 -3.71
C TYR B 60 5.33 -15.30 -4.24
N THR B 61 6.24 -14.92 -3.34
CA THR B 61 7.45 -14.21 -3.71
C THR B 61 8.52 -15.21 -4.12
N ILE B 62 9.42 -14.77 -5.00
CA ILE B 62 10.56 -15.59 -5.39
C ILE B 62 11.72 -14.68 -5.73
N ASP B 63 12.93 -15.12 -5.40
CA ASP B 63 14.16 -14.40 -5.69
C ASP B 63 14.98 -15.22 -6.67
N VAL B 64 15.30 -14.64 -7.83
CA VAL B 64 15.89 -15.42 -8.91
C VAL B 64 17.09 -14.70 -9.50
N PHE B 65 18.02 -15.48 -10.02
CA PHE B 65 18.97 -15.03 -11.03
C PHE B 65 18.41 -15.46 -12.38
N PHE B 66 18.47 -14.58 -13.36
CA PHE B 66 17.84 -14.82 -14.66
C PHE B 66 18.89 -14.61 -15.74
N ARG B 67 19.22 -15.67 -16.48
CA ARG B 67 20.28 -15.63 -17.46
C ARG B 67 19.71 -15.84 -18.87
N GLN B 68 20.14 -15.00 -19.80
CA GLN B 68 19.72 -15.08 -21.19
C GLN B 68 20.94 -15.02 -22.10
N SER B 69 20.90 -15.76 -23.20
CA SER B 69 22.01 -15.75 -24.15
C SER B 69 21.47 -15.84 -25.56
N TRP B 70 21.89 -14.92 -26.42
CA TRP B 70 21.51 -14.94 -27.83
C TRP B 70 22.75 -14.65 -28.66
N LYS B 71 22.69 -15.06 -29.93
CA LYS B 71 23.80 -14.87 -30.85
C LYS B 71 23.55 -13.59 -31.64
N ASP B 72 24.38 -12.58 -31.40
CA ASP B 72 24.30 -11.30 -32.09
C ASP B 72 25.49 -11.18 -33.02
N GLU B 73 25.20 -11.10 -34.33
CA GLU B 73 26.26 -11.24 -35.32
C GLU B 73 27.12 -9.99 -35.44
N ARG B 74 26.55 -8.82 -35.12
CA ARG B 74 27.25 -7.57 -35.39
C ARG B 74 28.35 -7.27 -34.39
N LEU B 75 28.25 -7.81 -33.17
CA LEU B 75 29.21 -7.48 -32.13
C LEU B 75 30.47 -8.35 -32.16
N LYS B 76 30.67 -9.16 -33.19
CA LYS B 76 31.88 -9.98 -33.23
C LYS B 76 33.10 -9.11 -33.44
N PHE B 77 34.19 -9.47 -32.77
CA PHE B 77 35.43 -8.71 -32.85
C PHE B 77 36.61 -9.68 -32.78
N LYS B 78 37.81 -9.12 -32.79
CA LYS B 78 39.03 -9.90 -32.63
C LYS B 78 39.98 -9.12 -31.74
N GLY B 79 40.43 -9.76 -30.65
CA GLY B 79 41.31 -9.11 -29.72
C GLY B 79 42.05 -10.10 -28.83
N PRO B 80 42.92 -9.60 -27.96
CA PRO B 80 43.67 -10.50 -27.07
C PRO B 80 42.83 -11.10 -25.95
N MET B 81 41.67 -10.53 -25.64
CA MET B 81 40.90 -10.99 -24.48
C MET B 81 40.19 -12.31 -24.76
N THR B 82 39.42 -12.36 -25.85
CA THR B 82 38.59 -13.49 -26.26
C THR B 82 37.35 -13.63 -25.37
N VAL B 83 37.26 -12.83 -24.31
CA VAL B 83 36.06 -12.69 -23.51
C VAL B 83 36.10 -11.31 -22.86
N LEU B 84 35.05 -10.52 -23.07
CA LEU B 84 34.95 -9.19 -22.48
C LEU B 84 33.92 -9.23 -21.37
N ARG B 85 34.34 -8.92 -20.15
CA ARG B 85 33.43 -8.68 -19.05
C ARG B 85 33.26 -7.18 -18.91
N LEU B 86 32.10 -6.68 -19.29
CA LEU B 86 31.85 -5.25 -19.32
C LEU B 86 31.02 -4.84 -18.11
N ASN B 87 31.09 -3.55 -17.80
CA ASN B 87 30.27 -2.98 -16.74
C ASN B 87 28.80 -3.07 -17.13
N ASN B 88 27.93 -2.87 -16.14
CA ASN B 88 26.51 -2.88 -16.41
C ASN B 88 26.10 -1.73 -17.33
N LEU B 89 26.92 -0.66 -17.36
CA LEU B 89 26.56 0.54 -18.10
C LEU B 89 26.33 0.25 -19.58
N MET B 90 27.14 -0.63 -20.17
CA MET B 90 27.02 -0.87 -21.59
C MET B 90 25.81 -1.74 -21.93
N ALA B 91 25.13 -2.29 -20.92
CA ALA B 91 23.96 -3.12 -21.19
C ALA B 91 22.87 -2.34 -21.91
N SER B 92 22.79 -1.03 -21.65
CA SER B 92 21.70 -0.24 -22.22
C SER B 92 21.90 0.05 -23.70
N LYS B 93 23.14 -0.02 -24.19
CA LYS B 93 23.41 0.43 -25.55
C LYS B 93 23.13 -0.66 -26.58
N ILE B 94 23.55 -1.89 -26.30
CA ILE B 94 23.27 -3.00 -27.21
C ILE B 94 21.80 -3.37 -27.11
N TRP B 95 21.33 -4.20 -28.04
CA TRP B 95 19.97 -4.70 -27.94
C TRP B 95 19.83 -5.63 -26.75
N THR B 96 18.64 -5.64 -26.15
CA THR B 96 18.36 -6.51 -25.02
C THR B 96 16.93 -7.03 -25.11
N PRO B 97 16.75 -8.35 -25.18
CA PRO B 97 15.40 -8.90 -25.32
C PRO B 97 14.55 -8.56 -24.11
N ASP B 98 13.30 -8.16 -24.38
CA ASP B 98 12.36 -7.83 -23.34
C ASP B 98 11.57 -9.08 -22.98
N THR B 99 11.81 -9.60 -21.78
CA THR B 99 11.19 -10.83 -21.30
C THR B 99 10.39 -10.48 -20.06
N PHE B 100 9.07 -10.59 -20.16
CA PHE B 100 8.22 -10.22 -19.04
C PHE B 100 7.50 -11.45 -18.51
N PHE B 101 7.18 -11.41 -17.22
CA PHE B 101 6.54 -12.52 -16.54
C PHE B 101 5.03 -12.38 -16.68
N HIS B 102 4.38 -13.38 -17.27
CA HIS B 102 2.98 -13.25 -17.65
C HIS B 102 2.04 -13.08 -16.46
N ASN B 103 2.43 -13.49 -15.26
CA ASN B 103 1.56 -13.39 -14.11
C ASN B 103 2.31 -12.84 -12.90
N GLY B 104 3.02 -11.73 -13.10
CA GLY B 104 3.70 -11.09 -11.99
C GLY B 104 2.94 -9.87 -11.49
N LYS B 105 2.56 -9.88 -10.21
CA LYS B 105 1.78 -8.77 -9.68
C LYS B 105 2.62 -7.50 -9.62
N LYS B 106 3.77 -7.54 -8.97
CA LYS B 106 4.68 -6.40 -8.94
C LYS B 106 6.08 -6.88 -8.61
N SER B 107 6.93 -6.98 -9.62
CA SER B 107 8.32 -7.35 -9.40
C SER B 107 9.17 -6.10 -9.23
N VAL B 108 10.42 -6.31 -8.83
CA VAL B 108 11.37 -5.23 -8.63
C VAL B 108 12.76 -5.73 -8.99
N ALA B 109 13.43 -5.05 -9.90
CA ALA B 109 14.79 -5.42 -10.32
C ALA B 109 15.77 -4.68 -9.42
N HIS B 110 16.46 -5.41 -8.56
CA HIS B 110 17.34 -4.79 -7.58
C HIS B 110 18.46 -4.02 -8.24
N ASN B 111 18.71 -2.81 -7.72
CA ASN B 111 19.92 -2.04 -8.02
C ASN B 111 20.48 -1.56 -6.69
N MET B 112 21.23 -2.43 -6.02
CA MET B 112 21.72 -2.11 -4.68
C MET B 112 22.68 -0.93 -4.67
N THR B 113 23.84 -1.10 -5.30
CA THR B 113 24.81 -0.03 -5.42
C THR B 113 25.12 0.32 -6.87
N MET B 114 25.03 -0.64 -7.76
CA MET B 114 24.97 -0.42 -9.20
C MET B 114 24.01 -1.46 -9.76
N PRO B 115 23.36 -1.18 -10.89
CA PRO B 115 22.34 -2.10 -11.40
C PRO B 115 22.87 -3.51 -11.54
N ASN B 116 22.21 -4.45 -10.86
CA ASN B 116 22.65 -5.84 -10.82
C ASN B 116 22.37 -6.51 -12.16
N LYS B 117 23.16 -6.15 -13.15
CA LYS B 117 23.06 -6.74 -14.48
C LYS B 117 24.47 -7.03 -14.99
N LEU B 118 24.76 -8.29 -15.23
CA LEU B 118 26.05 -8.73 -15.73
C LEU B 118 25.95 -9.02 -17.22
N LEU B 119 26.91 -8.51 -17.98
CA LEU B 119 26.96 -8.71 -19.43
C LEU B 119 28.34 -9.22 -19.81
N ARG B 120 28.36 -10.26 -20.66
CA ARG B 120 29.61 -10.84 -21.13
C ARG B 120 29.55 -10.99 -22.64
N ILE B 121 30.63 -10.66 -23.32
CA ILE B 121 30.70 -10.77 -24.77
C ILE B 121 31.81 -11.74 -25.14
N THR B 122 31.46 -12.77 -25.90
CA THR B 122 32.47 -13.71 -26.39
C THR B 122 33.00 -13.24 -27.74
N GLU B 123 34.13 -13.83 -28.13
CA GLU B 123 34.77 -13.42 -29.39
C GLU B 123 33.93 -13.79 -30.59
N ASP B 124 33.22 -14.90 -30.54
CA ASP B 124 32.38 -15.30 -31.67
C ASP B 124 31.18 -14.38 -31.82
N GLY B 125 30.73 -13.77 -30.73
CA GLY B 125 29.57 -12.91 -30.74
C GLY B 125 28.39 -13.39 -29.91
N THR B 126 28.60 -14.33 -29.01
CA THR B 126 27.52 -14.90 -28.20
C THR B 126 27.43 -14.11 -26.89
N LEU B 127 26.48 -13.18 -26.84
CA LEU B 127 26.32 -12.37 -25.65
C LEU B 127 25.75 -13.20 -24.50
N LEU B 128 25.95 -12.70 -23.28
CA LEU B 128 25.35 -13.29 -22.08
C LEU B 128 24.88 -12.15 -21.20
N TYR B 129 23.68 -12.30 -20.63
CA TYR B 129 23.02 -11.19 -19.95
C TYR B 129 22.24 -11.75 -18.77
N THR B 130 22.63 -11.41 -17.55
CA THR B 130 21.98 -11.94 -16.37
C THR B 130 21.56 -10.82 -15.43
N MET B 131 20.39 -11.00 -14.83
CA MET B 131 19.81 -10.04 -13.91
C MET B 131 19.48 -10.73 -12.60
N ARG B 132 19.20 -9.94 -11.58
CA ARG B 132 18.68 -10.43 -10.31
C ARG B 132 17.29 -9.86 -10.11
N LEU B 133 16.32 -10.70 -9.79
CA LEU B 133 14.93 -10.29 -9.75
C LEU B 133 14.24 -10.80 -8.50
N THR B 134 13.18 -10.11 -8.11
CA THR B 134 12.25 -10.55 -7.10
C THR B 134 10.85 -10.43 -7.67
N VAL B 135 10.17 -11.56 -7.83
CA VAL B 135 8.89 -11.62 -8.53
C VAL B 135 7.82 -12.09 -7.56
N ARG B 136 6.70 -11.37 -7.51
CA ARG B 136 5.56 -11.77 -6.69
C ARG B 136 4.49 -12.32 -7.63
N ALA B 137 4.60 -13.60 -7.92
CA ALA B 137 3.65 -14.20 -8.86
C ALA B 137 2.36 -14.56 -8.16
N GLU B 138 1.31 -14.75 -8.95
CA GLU B 138 0.02 -15.18 -8.44
C GLU B 138 -0.32 -16.55 -8.99
N CYS B 139 -0.77 -17.44 -8.12
CA CYS B 139 -1.22 -18.77 -8.51
C CYS B 139 -2.59 -19.00 -7.89
N PRO B 140 -3.62 -19.32 -8.67
CA PRO B 140 -4.90 -19.68 -8.08
C PRO B 140 -4.78 -20.99 -7.32
N MET B 141 -5.49 -21.07 -6.19
CA MET B 141 -5.43 -22.24 -5.35
C MET B 141 -6.82 -22.85 -5.19
N HIS B 142 -6.85 -24.13 -4.84
CA HIS B 142 -8.07 -24.85 -4.54
C HIS B 142 -7.94 -25.44 -3.15
N LEU B 143 -8.81 -25.00 -2.24
CA LEU B 143 -8.71 -25.36 -0.83
C LEU B 143 -9.75 -26.37 -0.40
N GLU B 144 -10.36 -27.10 -1.34
CA GLU B 144 -11.33 -28.13 -0.97
C GLU B 144 -10.68 -29.22 -0.13
N ASP B 145 -9.37 -29.38 -0.24
CA ASP B 145 -8.63 -30.38 0.53
C ASP B 145 -7.92 -29.78 1.74
N PHE B 146 -8.11 -28.49 2.02
CA PHE B 146 -7.44 -27.88 3.16
C PHE B 146 -7.82 -28.62 4.43
N PRO B 147 -6.86 -28.92 5.32
CA PRO B 147 -5.45 -28.57 5.19
C PRO B 147 -4.59 -29.66 4.57
N MET B 148 -5.20 -30.65 3.94
CA MET B 148 -4.45 -31.72 3.28
C MET B 148 -4.10 -31.37 1.83
N ASP B 149 -4.22 -30.10 1.45
CA ASP B 149 -4.09 -29.71 0.06
C ASP B 149 -2.65 -29.84 -0.42
N ALA B 150 -2.50 -30.15 -1.71
CA ALA B 150 -1.21 -30.14 -2.39
C ALA B 150 -1.42 -29.56 -3.77
N HIS B 151 -0.80 -28.41 -4.02
CA HIS B 151 -1.03 -27.67 -5.26
C HIS B 151 0.29 -27.17 -5.81
N ALA B 152 0.26 -26.76 -7.08
CA ALA B 152 1.44 -26.32 -7.80
C ALA B 152 1.28 -24.89 -8.25
N CYS B 153 2.27 -24.06 -7.96
CA CYS B 153 2.19 -22.67 -8.40
C CYS B 153 3.03 -22.44 -9.64
N PRO B 154 2.46 -21.83 -10.68
CA PRO B 154 3.19 -21.64 -11.93
C PRO B 154 3.88 -20.30 -12.05
N LEU B 155 4.94 -20.26 -12.85
CA LEU B 155 5.65 -19.04 -13.21
C LEU B 155 5.86 -19.09 -14.72
N LYS B 156 5.20 -18.21 -15.45
CA LYS B 156 5.27 -18.22 -16.91
C LYS B 156 5.87 -16.92 -17.40
N PHE B 157 6.86 -17.01 -18.28
CA PHE B 157 7.50 -15.82 -18.84
C PHE B 157 7.60 -15.95 -20.35
N GLY B 158 7.53 -14.79 -21.02
CA GLY B 158 7.56 -14.79 -22.46
C GLY B 158 7.96 -13.43 -22.99
N SER B 159 8.12 -13.37 -24.31
CA SER B 159 8.49 -12.12 -24.94
C SER B 159 7.30 -11.18 -25.03
N TYR B 160 7.60 -9.92 -25.32
CA TYR B 160 6.60 -8.88 -25.51
C TYR B 160 6.91 -8.15 -26.81
N ALA B 161 5.87 -7.87 -27.59
CA ALA B 161 6.04 -7.18 -28.87
C ALA B 161 6.95 -7.95 -29.80
N TYR B 162 6.84 -9.27 -29.80
CA TYR B 162 7.57 -10.10 -30.76
C TYR B 162 6.77 -11.37 -30.98
N THR B 163 6.33 -11.59 -32.21
CA THR B 163 5.57 -12.80 -32.51
C THR B 163 6.50 -14.00 -32.52
N ARG B 164 5.91 -15.18 -32.77
CA ARG B 164 6.73 -16.39 -32.85
C ARG B 164 7.71 -16.32 -34.02
N ALA B 165 7.39 -15.51 -35.03
CA ALA B 165 8.27 -15.41 -36.19
C ALA B 165 9.57 -14.69 -35.84
N GLU B 166 9.57 -13.92 -34.76
CA GLU B 166 10.71 -13.04 -34.50
C GLU B 166 11.62 -13.53 -33.39
N VAL B 167 11.09 -13.99 -32.26
CA VAL B 167 11.89 -14.39 -31.12
C VAL B 167 11.38 -15.73 -30.60
N VAL B 168 12.30 -16.66 -30.36
CA VAL B 168 11.96 -17.99 -29.87
C VAL B 168 12.79 -18.29 -28.63
N TYR B 169 12.15 -18.80 -27.60
CA TYR B 169 12.82 -19.12 -26.34
C TYR B 169 13.13 -20.61 -26.28
N GLU B 170 14.30 -20.93 -25.72
CA GLU B 170 14.71 -22.29 -25.47
C GLU B 170 15.40 -22.35 -24.11
N TRP B 171 15.61 -23.56 -23.62
CA TRP B 171 16.33 -23.74 -22.37
C TRP B 171 17.80 -24.02 -22.63
N THR B 172 18.66 -23.36 -21.85
CA THR B 172 20.09 -23.40 -22.14
C THR B 172 20.66 -24.80 -21.98
N ARG B 173 20.12 -25.57 -21.05
CA ARG B 173 20.57 -26.94 -20.80
C ARG B 173 19.38 -27.87 -20.93
N GLU B 174 19.58 -29.12 -20.53
CA GLU B 174 18.49 -30.08 -20.54
C GLU B 174 17.36 -29.59 -19.63
N PRO B 175 16.12 -29.53 -20.13
CA PRO B 175 15.05 -28.87 -19.37
C PRO B 175 14.88 -29.37 -17.95
N ALA B 176 15.12 -30.65 -17.69
CA ALA B 176 15.02 -31.14 -16.32
C ALA B 176 16.05 -30.48 -15.41
N ARG B 177 17.18 -30.06 -15.96
CA ARG B 177 18.26 -29.47 -15.19
C ARG B 177 18.38 -27.96 -15.36
N SER B 178 17.39 -27.31 -15.96
CA SER B 178 17.48 -25.86 -16.17
C SER B 178 17.21 -25.11 -14.88
N VAL B 179 15.99 -25.21 -14.36
CA VAL B 179 15.61 -24.46 -13.17
C VAL B 179 16.21 -25.15 -11.96
N VAL B 180 17.23 -24.52 -11.37
CA VAL B 180 17.96 -25.08 -10.24
C VAL B 180 17.68 -24.24 -9.01
N VAL B 181 17.30 -24.88 -7.93
CA VAL B 181 16.97 -24.20 -6.67
C VAL B 181 18.08 -24.47 -5.67
N ALA B 182 18.54 -23.41 -5.01
CA ALA B 182 19.55 -23.58 -3.98
C ALA B 182 18.95 -24.29 -2.77
N GLU B 183 19.72 -25.23 -2.21
CA GLU B 183 19.19 -26.07 -1.14
C GLU B 183 19.01 -25.28 0.15
N ASP B 184 20.00 -24.46 0.52
CA ASP B 184 19.91 -23.74 1.78
C ASP B 184 18.94 -22.57 1.69
N GLY B 185 18.88 -21.91 0.53
CA GLY B 185 18.11 -20.70 0.42
C GLY B 185 16.61 -20.89 0.51
N SER B 186 16.11 -22.04 0.02
CA SER B 186 14.68 -22.26 -0.05
C SER B 186 14.05 -22.28 1.33
N ARG B 187 13.31 -21.22 1.67
CA ARG B 187 12.68 -21.10 2.98
C ARG B 187 11.18 -20.94 2.80
N LEU B 188 10.42 -21.82 3.44
CA LEU B 188 8.96 -21.76 3.45
C LEU B 188 8.49 -21.91 4.88
N ASN B 189 7.70 -20.95 5.35
CA ASN B 189 7.24 -21.01 6.73
C ASN B 189 6.33 -22.20 6.96
N GLN B 190 5.31 -22.36 6.11
CA GLN B 190 4.25 -23.33 6.32
C GLN B 190 4.32 -24.49 5.33
N TYR B 191 4.53 -24.22 4.06
CA TYR B 191 4.54 -25.26 3.03
C TYR B 191 5.86 -26.02 3.06
N ASP B 192 6.10 -26.81 2.02
CA ASP B 192 7.33 -27.59 1.91
C ASP B 192 7.58 -27.84 0.43
N LEU B 193 8.67 -27.28 -0.11
CA LEU B 193 8.97 -27.42 -1.52
C LEU B 193 9.22 -28.88 -1.87
N LEU B 194 8.70 -29.30 -3.02
CA LEU B 194 8.75 -30.70 -3.43
C LEU B 194 9.53 -30.90 -4.73
N GLY B 195 9.18 -30.19 -5.79
CA GLY B 195 9.85 -30.42 -7.06
C GLY B 195 9.53 -29.34 -8.09
N GLN B 196 10.25 -29.42 -9.21
CA GLN B 196 10.15 -28.45 -10.28
C GLN B 196 9.77 -29.13 -11.58
N THR B 197 9.04 -28.43 -12.43
CA THR B 197 8.64 -28.94 -13.73
C THR B 197 8.67 -27.80 -14.73
N VAL B 198 9.12 -28.09 -15.95
CA VAL B 198 9.25 -27.07 -16.99
C VAL B 198 8.43 -27.49 -18.20
N ASP B 199 8.05 -26.50 -19.00
CA ASP B 199 7.23 -26.75 -20.18
C ASP B 199 7.36 -25.57 -21.14
N SER B 200 7.14 -25.85 -22.42
CA SER B 200 7.14 -24.82 -23.45
C SER B 200 5.81 -24.85 -24.17
N GLY B 201 5.28 -23.67 -24.51
CA GLY B 201 3.99 -23.63 -25.17
C GLY B 201 3.86 -22.41 -26.05
N ILE B 202 2.73 -22.34 -26.76
CA ILE B 202 2.39 -21.22 -27.61
C ILE B 202 1.05 -20.67 -27.18
N VAL B 203 1.02 -19.39 -26.83
CA VAL B 203 -0.19 -18.72 -26.38
C VAL B 203 -0.59 -17.70 -27.45
N GLN B 204 -1.86 -17.72 -27.83
CA GLN B 204 -2.38 -16.85 -28.86
C GLN B 204 -3.24 -15.76 -28.23
N SER B 205 -2.90 -14.51 -28.50
CA SER B 205 -3.67 -13.36 -28.02
C SER B 205 -4.01 -12.46 -29.20
N SER B 206 -4.51 -11.26 -28.89
CA SER B 206 -5.03 -10.38 -29.93
C SER B 206 -3.95 -9.97 -30.92
N THR B 207 -2.73 -9.77 -30.44
CA THR B 207 -1.69 -9.24 -31.31
C THR B 207 -1.07 -10.33 -32.18
N GLY B 208 -0.93 -11.54 -31.64
CA GLY B 208 -0.35 -12.61 -32.43
C GLY B 208 -0.13 -13.85 -31.57
N GLU B 209 0.84 -14.66 -31.99
CA GLU B 209 1.20 -15.89 -31.29
C GLU B 209 2.54 -15.70 -30.60
N TYR B 210 2.56 -15.85 -29.28
CA TYR B 210 3.77 -15.68 -28.49
C TYR B 210 4.21 -17.02 -27.92
N VAL B 211 5.51 -17.21 -27.81
CA VAL B 211 6.03 -18.42 -27.16
C VAL B 211 6.14 -18.15 -25.67
N VAL B 212 5.78 -19.14 -24.86
CA VAL B 212 5.68 -18.96 -23.41
C VAL B 212 6.40 -20.12 -22.73
N MET B 213 7.32 -19.80 -21.84
CA MET B 213 8.01 -20.79 -21.03
C MET B 213 7.34 -20.86 -19.66
N THR B 214 7.01 -22.07 -19.22
CA THR B 214 6.27 -22.29 -18.00
C THR B 214 7.10 -23.12 -17.03
N THR B 215 7.04 -22.78 -15.75
CA THR B 215 7.73 -23.54 -14.73
C THR B 215 6.79 -23.69 -13.53
N HIS B 216 6.41 -24.92 -13.22
CA HIS B 216 5.59 -25.21 -12.07
C HIS B 216 6.47 -25.62 -10.90
N PHE B 217 6.24 -25.00 -9.74
CA PHE B 217 6.86 -25.42 -8.49
C PHE B 217 5.79 -26.10 -7.65
N HIS B 218 6.04 -27.35 -7.26
CA HIS B 218 5.06 -28.10 -6.49
C HIS B 218 5.20 -27.80 -5.01
N LEU B 219 4.06 -27.73 -4.32
CA LEU B 219 4.02 -27.40 -2.89
C LEU B 219 3.09 -28.35 -2.17
N LYS B 220 3.49 -28.76 -0.97
CA LYS B 220 2.66 -29.59 -0.10
C LYS B 220 2.66 -28.99 1.30
N ARG B 221 1.50 -29.00 1.94
CA ARG B 221 1.36 -28.31 3.22
C ARG B 221 1.83 -29.19 4.37
N LYS B 222 2.44 -28.56 5.36
CA LYS B 222 2.78 -29.22 6.61
C LYS B 222 1.55 -29.29 7.50
N ILE B 223 1.38 -30.42 8.19
CA ILE B 223 0.17 -30.66 8.96
C ILE B 223 0.42 -30.71 10.46
N GLY B 224 1.69 -30.76 10.89
CA GLY B 224 1.99 -30.96 12.30
C GLY B 224 1.39 -29.91 13.22
N TYR B 225 1.04 -28.75 12.67
CA TYR B 225 0.52 -27.68 13.52
C TYR B 225 -0.97 -27.83 13.81
N PHE B 226 -1.76 -28.13 12.78
CA PHE B 226 -3.21 -28.17 12.94
C PHE B 226 -3.66 -29.38 13.74
N VAL B 227 -2.79 -30.36 13.96
CA VAL B 227 -3.14 -31.48 14.83
C VAL B 227 -3.35 -30.98 16.26
N ILE B 228 -2.31 -30.41 16.86
CA ILE B 228 -2.43 -29.88 18.21
C ILE B 228 -3.12 -28.52 18.24
N GLN B 229 -3.42 -27.94 17.09
CA GLN B 229 -4.07 -26.64 17.08
C GLN B 229 -5.56 -26.75 17.34
N THR B 230 -6.28 -27.44 16.46
CA THR B 230 -7.73 -27.50 16.53
C THR B 230 -8.28 -28.90 16.71
N TYR B 231 -7.71 -29.89 16.03
CA TYR B 231 -8.29 -31.23 16.05
C TYR B 231 -8.23 -31.84 17.45
N LEU B 232 -7.11 -31.67 18.15
CA LEU B 232 -7.00 -32.26 19.49
C LEU B 232 -7.95 -31.62 20.49
N PRO B 233 -8.08 -30.29 20.59
CA PRO B 233 -9.10 -29.75 21.49
C PRO B 233 -10.50 -30.22 21.15
N CYS B 234 -10.82 -30.35 19.86
CA CYS B 234 -12.14 -30.84 19.49
C CYS B 234 -12.35 -32.27 19.96
N ILE B 235 -11.37 -33.15 19.75
CA ILE B 235 -11.52 -34.54 20.17
C ILE B 235 -11.61 -34.64 21.68
N MET B 236 -10.80 -33.85 22.39
CA MET B 236 -10.83 -33.91 23.85
C MET B 236 -12.15 -33.42 24.41
N THR B 237 -12.70 -32.35 23.82
CA THR B 237 -13.99 -31.86 24.31
C THR B 237 -15.12 -32.80 23.93
N VAL B 238 -15.00 -33.51 22.81
CA VAL B 238 -16.00 -34.53 22.49
C VAL B 238 -15.93 -35.68 23.48
N ILE B 239 -14.71 -36.11 23.84
CA ILE B 239 -14.59 -37.16 24.86
C ILE B 239 -15.12 -36.67 26.20
N LEU B 240 -14.99 -35.37 26.48
CA LEU B 240 -15.57 -34.82 27.70
C LEU B 240 -17.09 -34.86 27.66
N SER B 241 -17.68 -34.53 26.51
CA SER B 241 -19.12 -34.68 26.34
C SER B 241 -19.53 -36.12 26.52
N GLN B 242 -18.67 -37.06 26.13
CA GLN B 242 -18.96 -38.47 26.35
C GLN B 242 -18.94 -38.82 27.84
N VAL B 243 -17.92 -38.32 28.56
CA VAL B 243 -17.84 -38.56 30.00
C VAL B 243 -19.04 -37.95 30.71
N SER B 244 -19.62 -36.89 30.14
CA SER B 244 -20.82 -36.29 30.72
C SER B 244 -21.92 -37.32 30.96
N PHE B 245 -21.94 -38.40 30.18
CA PHE B 245 -22.95 -39.43 30.39
C PHE B 245 -22.71 -40.21 31.68
N TRP B 246 -21.44 -40.37 32.08
CA TRP B 246 -21.14 -41.20 33.24
C TRP B 246 -21.56 -40.54 34.54
N LEU B 247 -21.70 -39.22 34.57
CA LEU B 247 -22.03 -38.52 35.80
C LEU B 247 -23.34 -39.04 36.37
N ASN B 248 -23.43 -39.04 37.70
CA ASN B 248 -24.65 -39.47 38.37
C ASN B 248 -25.80 -38.56 37.99
N ARG B 249 -26.93 -39.16 37.61
CA ARG B 249 -28.08 -38.39 37.15
C ARG B 249 -28.67 -37.53 38.26
N GLU B 250 -28.36 -37.82 39.53
CA GLU B 250 -28.94 -37.07 40.63
C GLU B 250 -28.47 -35.63 40.63
N SER B 251 -27.16 -35.40 40.47
CA SER B 251 -26.60 -34.05 40.48
C SER B 251 -26.97 -33.34 39.17
N VAL B 252 -28.26 -32.97 39.09
CA VAL B 252 -28.77 -32.36 37.87
C VAL B 252 -28.12 -31.02 37.57
N PRO B 253 -28.03 -30.07 38.51
CA PRO B 253 -27.37 -28.79 38.17
C PRO B 253 -25.92 -28.96 37.74
N ALA B 254 -25.17 -29.84 38.41
CA ALA B 254 -23.80 -30.11 37.99
C ALA B 254 -23.78 -30.65 36.56
N ARG B 255 -24.73 -31.52 36.22
CA ARG B 255 -24.78 -32.06 34.87
C ARG B 255 -25.11 -30.98 33.85
N THR B 256 -25.99 -30.05 34.21
CA THR B 256 -26.31 -28.94 33.32
C THR B 256 -25.09 -28.07 33.07
N VAL B 257 -24.34 -27.76 34.14
CA VAL B 257 -23.13 -26.96 33.98
C VAL B 257 -22.11 -27.70 33.12
N PHE B 258 -22.00 -29.01 33.32
CA PHE B 258 -21.08 -29.82 32.52
C PHE B 258 -21.46 -29.79 31.05
N GLY B 259 -22.77 -29.77 30.76
CA GLY B 259 -23.21 -29.69 29.38
C GLY B 259 -22.98 -28.33 28.76
N VAL B 260 -23.20 -27.26 29.53
CA VAL B 260 -23.05 -25.91 29.00
C VAL B 260 -21.58 -25.58 28.77
N THR B 261 -20.68 -26.12 29.61
CA THR B 261 -19.27 -25.81 29.46
C THR B 261 -18.71 -26.30 28.14
N THR B 262 -19.11 -27.51 27.72
CA THR B 262 -18.65 -28.03 26.45
C THR B 262 -19.09 -27.14 25.30
N VAL B 263 -20.32 -26.62 25.36
CA VAL B 263 -20.81 -25.76 24.29
C VAL B 263 -20.03 -24.45 24.26
N LEU B 264 -19.76 -23.87 25.44
CA LEU B 264 -18.99 -22.63 25.47
C LEU B 264 -17.59 -22.85 24.92
N THR B 265 -16.95 -23.96 25.30
CA THR B 265 -15.62 -24.26 24.80
C THR B 265 -15.63 -24.48 23.28
N MET B 266 -16.67 -25.16 22.78
CA MET B 266 -16.79 -25.34 21.34
C MET B 266 -16.93 -24.00 20.62
N THR B 267 -17.73 -23.09 21.17
CA THR B 267 -17.88 -21.78 20.55
C THR B 267 -16.55 -21.04 20.50
N THR B 268 -15.84 -21.01 21.62
CA THR B 268 -14.55 -20.31 21.64
C THR B 268 -13.56 -20.94 20.67
N LEU B 269 -13.47 -22.28 20.68
CA LEU B 269 -12.54 -22.97 19.79
C LEU B 269 -12.89 -22.74 18.33
N SER B 270 -14.19 -22.75 18.00
CA SER B 270 -14.60 -22.53 16.62
C SER B 270 -14.28 -21.12 16.16
N ILE B 271 -14.48 -20.12 17.03
CA ILE B 271 -14.13 -18.76 16.66
C ILE B 271 -12.63 -18.63 16.44
N SER B 272 -11.83 -19.24 17.33
CA SER B 272 -10.38 -19.20 17.16
C SER B 272 -9.96 -19.88 15.86
N ALA B 273 -10.63 -20.97 15.49
CA ALA B 273 -10.29 -21.64 14.24
C ALA B 273 -10.69 -20.81 13.03
N ARG B 274 -11.84 -20.14 13.10
CA ARG B 274 -12.28 -19.30 11.99
C ARG B 274 -11.34 -18.11 11.80
N ASN B 275 -10.75 -17.63 12.90
CA ASN B 275 -9.87 -16.46 12.79
C ASN B 275 -8.69 -16.71 11.87
N SER B 276 -8.18 -17.94 11.82
CA SER B 276 -7.01 -18.24 11.01
C SER B 276 -7.37 -18.80 9.63
N LEU B 277 -8.57 -19.34 9.47
CA LEU B 277 -8.94 -19.98 8.23
C LEU B 277 -9.06 -18.93 7.11
N PRO B 278 -8.55 -19.22 5.92
CA PRO B 278 -8.63 -18.24 4.83
C PRO B 278 -10.03 -18.16 4.24
N LYS B 279 -10.46 -16.92 3.96
CA LYS B 279 -11.83 -16.68 3.52
C LYS B 279 -12.01 -17.14 2.09
N VAL B 280 -12.83 -18.18 1.90
CA VAL B 280 -13.14 -18.72 0.58
C VAL B 280 -14.60 -19.11 0.54
N ALA B 281 -15.18 -19.09 -0.66
CA ALA B 281 -16.58 -19.48 -0.81
C ALA B 281 -16.77 -20.97 -0.61
N TYR B 282 -15.76 -21.78 -0.92
CA TYR B 282 -15.87 -23.22 -0.75
C TYR B 282 -16.00 -23.59 0.73
N ALA B 283 -16.58 -24.76 0.99
CA ALA B 283 -16.61 -25.32 2.33
C ALA B 283 -15.36 -26.18 2.51
N THR B 284 -14.46 -25.71 3.37
CA THR B 284 -13.19 -26.39 3.55
C THR B 284 -13.40 -27.76 4.19
N ALA B 285 -12.42 -28.65 3.97
CA ALA B 285 -12.52 -29.99 4.53
C ALA B 285 -12.44 -29.98 6.04
N MET B 286 -11.84 -28.95 6.64
CA MET B 286 -11.79 -28.87 8.09
C MET B 286 -13.13 -28.48 8.68
N ASP B 287 -13.92 -27.69 7.94
CA ASP B 287 -15.19 -27.23 8.50
C ASP B 287 -16.18 -28.36 8.68
N TRP B 288 -16.09 -29.42 7.86
CA TRP B 288 -16.97 -30.56 8.08
C TRP B 288 -16.64 -31.28 9.38
N PHE B 289 -15.35 -31.51 9.64
CA PHE B 289 -14.95 -32.08 10.92
C PHE B 289 -15.38 -31.17 12.07
N ILE B 290 -15.26 -29.85 11.89
CA ILE B 290 -15.70 -28.93 12.93
C ILE B 290 -17.20 -29.04 13.16
N ALA B 291 -17.98 -29.17 12.08
CA ALA B 291 -19.42 -29.29 12.21
C ALA B 291 -19.80 -30.57 12.94
N VAL B 292 -19.13 -31.68 12.64
CA VAL B 292 -19.44 -32.93 13.34
C VAL B 292 -19.06 -32.83 14.82
N CYS B 293 -17.85 -32.32 15.10
CA CYS B 293 -17.40 -32.16 16.47
C CYS B 293 -18.30 -31.22 17.25
N TYR B 294 -18.92 -30.25 16.57
CA TYR B 294 -19.82 -29.31 17.21
C TYR B 294 -21.23 -29.88 17.36
N ALA B 295 -21.61 -30.82 16.49
CA ALA B 295 -22.95 -31.40 16.56
C ALA B 295 -23.04 -32.50 17.61
N PHE B 296 -21.94 -33.23 17.85
CA PHE B 296 -22.01 -34.29 18.85
C PHE B 296 -22.32 -33.74 20.23
N VAL B 297 -21.81 -32.55 20.56
CA VAL B 297 -22.07 -31.96 21.87
C VAL B 297 -23.55 -31.62 22.01
N PHE B 298 -24.14 -31.04 20.97
CA PHE B 298 -25.57 -30.75 21.02
C PHE B 298 -26.40 -32.03 21.09
N SER B 299 -25.95 -33.10 20.44
CA SER B 299 -26.65 -34.37 20.56
C SER B 299 -26.62 -34.88 22.00
N ALA B 300 -25.46 -34.81 22.65
CA ALA B 300 -25.39 -35.22 24.05
C ALA B 300 -26.26 -34.34 24.93
N LEU B 301 -26.31 -33.04 24.65
CA LEU B 301 -27.15 -32.15 25.44
C LEU B 301 -28.63 -32.50 25.27
N ILE B 302 -29.05 -32.80 24.04
CA ILE B 302 -30.43 -33.20 23.81
C ILE B 302 -30.75 -34.50 24.54
N GLU B 303 -29.80 -35.43 24.55
CA GLU B 303 -30.01 -36.68 25.29
C GLU B 303 -30.19 -36.39 26.77
N PHE B 304 -29.35 -35.53 27.34
CA PHE B 304 -29.47 -35.20 28.75
C PHE B 304 -30.80 -34.52 29.04
N ALA B 305 -31.25 -33.65 28.15
CA ALA B 305 -32.55 -33.00 28.34
C ALA B 305 -33.67 -34.02 28.32
N THR B 306 -33.63 -34.96 27.38
CA THR B 306 -34.68 -35.96 27.33
C THR B 306 -34.65 -36.87 28.56
N VAL B 307 -33.48 -37.07 29.15
CA VAL B 307 -33.39 -37.87 30.38
C VAL B 307 -34.00 -37.11 31.54
N ASN B 308 -33.68 -35.81 31.64
CA ASN B 308 -34.27 -34.98 32.69
C ASN B 308 -35.78 -34.91 32.55
N TYR B 309 -36.29 -34.99 31.33
CA TYR B 309 -37.74 -35.03 31.13
C TYR B 309 -38.32 -36.38 31.54
N PHE B 310 -37.68 -37.47 31.14
CA PHE B 310 -38.25 -38.80 31.35
C PHE B 310 -38.14 -39.25 32.80
N THR B 311 -37.20 -38.68 33.56
CA THR B 311 -36.91 -39.22 34.89
C THR B 311 -38.13 -39.23 35.81
N LYS B 312 -39.03 -38.25 35.66
CA LYS B 312 -40.18 -38.17 36.56
C LYS B 312 -41.17 -39.29 36.30
N SER B 313 -41.57 -39.49 35.04
CA SER B 313 -42.58 -40.48 34.73
C SER B 313 -42.05 -41.90 34.89
N GLN B 314 -40.89 -42.20 34.29
CA GLN B 314 -40.35 -43.55 34.35
C GLN B 314 -38.84 -43.53 34.53
N PRO B 315 -38.31 -44.23 35.52
CA PRO B 315 -36.85 -44.32 35.66
C PRO B 315 -36.25 -45.39 34.74
N ALA B 316 -37.07 -46.37 34.36
CA ALA B 316 -36.57 -47.46 33.53
C ALA B 316 -36.10 -46.94 32.17
N ARG B 317 -36.93 -46.14 31.50
CA ARG B 317 -36.53 -45.62 30.19
C ARG B 317 -35.38 -44.64 30.31
N ALA B 318 -35.30 -43.90 31.43
CA ALA B 318 -34.15 -43.03 31.65
C ALA B 318 -32.85 -43.83 31.72
N ALA B 319 -32.84 -44.89 32.54
CA ALA B 319 -31.66 -45.73 32.64
C ALA B 319 -31.34 -46.40 31.30
N LYS B 320 -32.36 -46.84 30.57
CA LYS B 320 -32.13 -47.47 29.29
C LYS B 320 -31.53 -46.48 28.28
N ILE B 321 -32.03 -45.24 28.27
CA ILE B 321 -31.47 -44.23 27.38
C ILE B 321 -30.03 -43.92 27.75
N ASP B 322 -29.73 -43.81 29.05
CA ASP B 322 -28.36 -43.60 29.48
C ASP B 322 -27.45 -44.72 28.97
N ARG B 323 -27.86 -45.97 29.21
CA ARG B 323 -27.04 -47.11 28.81
C ARG B 323 -26.82 -47.13 27.30
N LEU B 324 -27.89 -46.92 26.53
CA LEU B 324 -27.79 -46.99 25.08
C LEU B 324 -26.93 -45.85 24.53
N SER B 325 -27.07 -44.64 25.08
CA SER B 325 -26.22 -43.54 24.65
C SER B 325 -24.76 -43.82 24.94
N ARG B 326 -24.46 -44.34 26.13
CA ARG B 326 -23.08 -44.68 26.46
C ARG B 326 -22.52 -45.71 25.48
N ILE B 327 -23.29 -46.75 25.18
CA ILE B 327 -22.75 -47.78 24.29
C ILE B 327 -22.78 -47.35 22.83
N ALA B 328 -23.51 -46.28 22.49
CA ALA B 328 -23.68 -45.93 21.09
C ALA B 328 -22.81 -44.78 20.61
N PHE B 329 -22.62 -43.74 21.42
CA PHE B 329 -21.94 -42.54 20.92
C PHE B 329 -20.50 -42.78 20.46
N PRO B 330 -19.60 -43.36 21.27
CA PRO B 330 -18.20 -43.44 20.85
C PRO B 330 -17.98 -44.32 19.64
N LEU B 331 -18.84 -45.31 19.44
CA LEU B 331 -18.73 -46.17 18.26
C LEU B 331 -18.87 -45.36 16.98
N LEU B 332 -19.95 -44.59 16.86
CA LEU B 332 -20.15 -43.76 15.67
C LEU B 332 -19.08 -42.69 15.58
N PHE B 333 -18.65 -42.14 16.72
CA PHE B 333 -17.58 -41.16 16.69
C PHE B 333 -16.32 -41.73 16.05
N GLY B 334 -15.92 -42.92 16.49
CA GLY B 334 -14.72 -43.54 15.93
C GLY B 334 -14.88 -43.92 14.47
N ILE B 335 -16.07 -44.40 14.10
CA ILE B 335 -16.30 -44.73 12.70
C ILE B 335 -16.15 -43.49 11.82
N PHE B 336 -16.71 -42.37 12.26
CA PHE B 336 -16.59 -41.14 11.48
C PHE B 336 -15.15 -40.67 11.42
N ASN B 337 -14.41 -40.76 12.54
CA ASN B 337 -13.01 -40.37 12.52
C ASN B 337 -12.22 -41.21 11.52
N LEU B 338 -12.47 -42.53 11.51
CA LEU B 338 -11.79 -43.40 10.57
C LEU B 338 -12.11 -42.99 9.13
N VAL B 339 -13.39 -42.75 8.84
CA VAL B 339 -13.77 -42.36 7.48
C VAL B 339 -13.09 -41.06 7.07
N TYR B 340 -13.11 -40.07 7.96
CA TYR B 340 -12.54 -38.76 7.64
C TYR B 340 -11.05 -38.86 7.39
N TRP B 341 -10.32 -39.55 8.26
CA TRP B 341 -8.87 -39.62 8.10
C TRP B 341 -8.48 -40.55 6.96
N ALA B 342 -9.36 -41.45 6.55
CA ALA B 342 -9.02 -42.34 5.44
C ALA B 342 -9.31 -41.67 4.10
N THR B 343 -10.32 -40.80 4.05
CA THR B 343 -10.74 -40.25 2.77
C THR B 343 -9.67 -39.35 2.16
N TYR B 344 -9.07 -38.48 2.96
CA TYR B 344 -8.24 -37.41 2.42
C TYR B 344 -6.83 -37.89 2.10
N LEU B 345 -6.12 -38.42 3.09
CA LEU B 345 -4.75 -38.86 2.89
C LEU B 345 -4.65 -39.98 1.85
N ASN C 8 16.77 -6.64 -46.24
CA ASN C 8 18.14 -6.36 -45.83
C ASN C 8 18.14 -5.57 -44.52
N MET C 9 19.31 -5.45 -43.90
CA MET C 9 19.40 -4.74 -42.62
C MET C 9 19.65 -3.24 -42.82
N SER C 10 20.59 -2.89 -43.71
CA SER C 10 20.94 -1.49 -43.89
C SER C 10 19.76 -0.68 -44.40
N LEU C 11 18.91 -1.29 -45.22
CA LEU C 11 17.72 -0.59 -45.70
C LEU C 11 16.85 -0.15 -44.53
N VAL C 12 16.55 -1.08 -43.62
CA VAL C 12 15.70 -0.73 -42.49
C VAL C 12 16.40 0.28 -41.59
N LYS C 13 17.72 0.12 -41.40
CA LYS C 13 18.46 1.08 -40.59
C LYS C 13 18.31 2.49 -41.13
N GLU C 14 18.60 2.68 -42.41
CA GLU C 14 18.53 4.03 -42.98
C GLU C 14 17.10 4.53 -43.03
N THR C 15 16.12 3.64 -43.25
CA THR C 15 14.73 4.08 -43.27
C THR C 15 14.31 4.62 -41.92
N VAL C 16 14.57 3.88 -40.84
CA VAL C 16 14.21 4.35 -39.51
C VAL C 16 14.97 5.62 -39.17
N ASP C 17 16.24 5.69 -39.55
CA ASP C 17 17.05 6.86 -39.21
C ASP C 17 16.53 8.11 -39.93
N ARG C 18 16.06 7.97 -41.17
CA ARG C 18 15.54 9.13 -41.88
C ARG C 18 14.11 9.45 -41.46
N LEU C 19 13.37 8.47 -40.94
CA LEU C 19 12.05 8.76 -40.39
C LEU C 19 12.15 9.62 -39.15
N LEU C 20 12.91 9.15 -38.15
CA LEU C 20 12.94 9.85 -36.88
C LEU C 20 13.66 11.19 -36.97
N LYS C 21 14.51 11.36 -37.98
CA LYS C 21 15.15 12.66 -38.19
C LYS C 21 14.16 13.64 -38.82
N GLY C 22 14.17 14.87 -38.33
CA GLY C 22 13.21 15.85 -38.80
C GLY C 22 11.80 15.59 -38.34
N TYR C 23 11.63 15.03 -37.14
CA TYR C 23 10.33 14.68 -36.59
C TYR C 23 10.12 15.47 -35.32
N ASP C 24 9.05 16.26 -35.27
CA ASP C 24 8.80 17.20 -34.18
C ASP C 24 7.80 16.57 -33.23
N ILE C 25 8.24 16.29 -32.00
CA ILE C 25 7.42 15.53 -31.07
C ILE C 25 6.33 16.40 -30.45
N ARG C 26 6.50 17.73 -30.45
CA ARG C 26 5.56 18.59 -29.75
C ARG C 26 4.17 18.52 -30.37
N LEU C 27 4.08 18.44 -31.69
CA LEU C 27 2.82 18.57 -32.40
C LEU C 27 2.34 17.20 -32.87
N ARG C 28 1.04 16.94 -32.67
CA ARG C 28 0.43 15.68 -33.06
C ARG C 28 0.13 15.67 -34.56
N PRO C 29 -0.15 14.49 -35.13
CA PRO C 29 -0.40 14.43 -36.57
C PRO C 29 -1.61 15.26 -36.98
N ASP C 30 -1.53 15.84 -38.17
CA ASP C 30 -2.57 16.71 -38.69
C ASP C 30 -2.86 17.84 -37.71
N PHE C 31 -1.85 18.68 -37.50
CA PHE C 31 -1.98 19.74 -36.51
C PHE C 31 -2.97 20.80 -36.96
N GLY C 32 -2.99 21.12 -38.25
CA GLY C 32 -3.84 22.21 -38.71
C GLY C 32 -5.28 21.80 -38.90
N GLY C 33 -5.51 20.69 -39.60
CA GLY C 33 -6.83 20.38 -40.09
C GLY C 33 -7.64 19.43 -39.22
N PRO C 34 -8.06 18.31 -39.79
CA PRO C 34 -9.05 17.46 -39.14
C PRO C 34 -8.48 16.78 -37.91
N PRO C 35 -9.33 16.25 -37.04
CA PRO C 35 -8.84 15.57 -35.84
C PRO C 35 -8.36 14.15 -36.13
N VAL C 36 -7.47 13.67 -35.27
CA VAL C 36 -6.91 12.34 -35.43
C VAL C 36 -7.88 11.30 -34.86
N ALA C 37 -7.71 10.06 -35.28
CA ALA C 37 -8.56 8.96 -34.85
C ALA C 37 -7.75 7.99 -34.01
N VAL C 38 -8.24 7.68 -32.81
CA VAL C 38 -7.55 6.81 -31.87
C VAL C 38 -8.49 5.69 -31.46
N GLY C 39 -8.03 4.45 -31.61
CA GLY C 39 -8.84 3.32 -31.20
C GLY C 39 -8.22 2.55 -30.05
N MET C 40 -8.99 2.31 -29.00
CA MET C 40 -8.50 1.67 -27.79
C MET C 40 -9.09 0.28 -27.64
N ASN C 41 -8.27 -0.67 -27.19
CA ASN C 41 -8.63 -2.08 -27.14
C ASN C 41 -8.10 -2.66 -25.83
N ILE C 42 -8.92 -2.63 -24.79
CA ILE C 42 -8.51 -3.13 -23.48
C ILE C 42 -8.56 -4.65 -23.49
N ASP C 43 -7.68 -5.27 -22.69
CA ASP C 43 -7.72 -6.72 -22.47
C ASP C 43 -7.43 -6.97 -21.00
N ILE C 44 -8.45 -7.34 -20.23
CA ILE C 44 -8.34 -7.47 -18.79
C ILE C 44 -7.68 -8.80 -18.46
N ALA C 45 -6.68 -8.78 -17.57
CA ALA C 45 -6.01 -10.00 -17.16
C ALA C 45 -6.64 -10.59 -15.91
N SER C 46 -6.90 -9.75 -14.90
CA SER C 46 -7.43 -10.22 -13.63
C SER C 46 -7.83 -9.03 -12.78
N ILE C 47 -8.86 -9.21 -11.97
CA ILE C 47 -9.26 -8.24 -10.96
C ILE C 47 -8.76 -8.77 -9.63
N ASP C 48 -7.65 -8.22 -9.14
CA ASP C 48 -6.96 -8.81 -7.99
C ASP C 48 -7.85 -8.80 -6.75
N MET C 49 -8.25 -7.62 -6.30
CA MET C 49 -8.99 -7.54 -5.05
C MET C 49 -9.98 -6.39 -5.11
N VAL C 50 -11.12 -6.59 -4.46
CA VAL C 50 -12.21 -5.62 -4.41
C VAL C 50 -12.50 -5.35 -2.95
N SER C 51 -12.04 -4.22 -2.44
CA SER C 51 -12.09 -3.90 -1.03
C SER C 51 -13.21 -2.89 -0.76
N GLU C 52 -14.03 -3.19 0.25
CA GLU C 52 -15.10 -2.27 0.66
C GLU C 52 -14.59 -1.25 1.67
N VAL C 53 -13.55 -1.59 2.44
CA VAL C 53 -13.02 -0.65 3.42
C VAL C 53 -12.57 0.64 2.74
N ASN C 54 -11.78 0.52 1.68
CA ASN C 54 -11.37 1.67 0.91
C ASN C 54 -12.26 1.92 -0.30
N MET C 55 -13.11 0.95 -0.65
CA MET C 55 -13.98 1.04 -1.83
C MET C 55 -13.15 1.20 -3.09
N ASP C 56 -12.33 0.19 -3.39
CA ASP C 56 -11.47 0.24 -4.56
C ASP C 56 -11.25 -1.17 -5.08
N TYR C 57 -10.97 -1.26 -6.37
CA TYR C 57 -10.80 -2.56 -7.03
C TYR C 57 -9.55 -2.53 -7.91
N THR C 58 -8.55 -3.33 -7.55
CA THR C 58 -7.33 -3.39 -8.33
C THR C 58 -7.56 -4.22 -9.59
N LEU C 59 -6.99 -3.78 -10.71
CA LEU C 59 -7.13 -4.55 -11.94
C LEU C 59 -5.91 -4.36 -12.83
N THR C 60 -5.56 -5.42 -13.56
CA THR C 60 -4.41 -5.44 -14.45
C THR C 60 -4.89 -5.60 -15.89
N MET C 61 -4.29 -4.86 -16.81
CA MET C 61 -4.82 -4.85 -18.17
C MET C 61 -3.73 -4.59 -19.19
N TYR C 62 -3.92 -5.17 -20.38
CA TYR C 62 -3.15 -4.81 -21.56
C TYR C 62 -3.94 -3.74 -22.30
N PHE C 63 -3.32 -2.58 -22.50
CA PHE C 63 -4.00 -1.40 -23.01
C PHE C 63 -3.36 -1.00 -24.32
N GLN C 64 -4.13 -1.03 -25.40
CA GLN C 64 -3.58 -0.87 -26.74
C GLN C 64 -4.30 0.25 -27.47
N GLN C 65 -3.53 1.14 -28.09
CA GLN C 65 -4.06 2.28 -28.83
C GLN C 65 -3.48 2.27 -30.23
N ALA C 66 -4.35 2.42 -31.22
CA ALA C 66 -3.94 2.41 -32.63
C ALA C 66 -4.38 3.72 -33.28
N TRP C 67 -3.48 4.33 -34.05
CA TRP C 67 -3.83 5.57 -34.73
C TRP C 67 -2.96 5.76 -35.96
N ARG C 68 -3.50 6.49 -36.93
CA ARG C 68 -2.81 6.71 -38.19
C ARG C 68 -1.99 7.99 -38.11
N ASP C 69 -0.68 7.86 -38.29
CA ASP C 69 0.25 8.99 -38.27
C ASP C 69 0.92 9.08 -39.63
N LYS C 70 0.72 10.20 -40.32
CA LYS C 70 1.18 10.32 -41.70
C LYS C 70 2.70 10.47 -41.78
N ARG C 71 3.30 11.17 -40.82
CA ARG C 71 4.72 11.44 -40.91
C ARG C 71 5.56 10.16 -40.81
N LEU C 72 4.99 9.09 -40.25
CA LEU C 72 5.67 7.81 -40.17
C LEU C 72 5.15 6.90 -41.28
N SER C 73 5.53 7.23 -42.51
CA SER C 73 5.09 6.49 -43.68
C SER C 73 6.32 6.09 -44.49
N TYR C 74 6.50 4.79 -44.66
CA TYR C 74 7.65 4.24 -45.38
C TYR C 74 7.15 3.20 -46.38
N ASN C 75 7.88 3.07 -47.50
CA ASN C 75 7.43 2.21 -48.59
C ASN C 75 8.50 1.25 -49.10
N VAL C 76 9.72 1.29 -48.56
CA VAL C 76 10.79 0.45 -49.11
C VAL C 76 10.72 -0.97 -48.55
N ILE C 77 10.37 -1.12 -47.29
CA ILE C 77 10.37 -2.41 -46.61
C ILE C 77 8.93 -2.90 -46.51
N PRO C 78 8.61 -4.11 -46.97
CA PRO C 78 7.24 -4.62 -46.80
C PRO C 78 6.93 -5.14 -45.41
N LEU C 79 7.94 -5.37 -44.57
CA LEU C 79 7.72 -5.92 -43.24
C LEU C 79 6.97 -4.93 -42.36
N ASN C 80 6.30 -5.47 -41.34
CA ASN C 80 5.74 -4.66 -40.27
C ASN C 80 6.81 -4.45 -39.21
N LEU C 81 7.40 -3.26 -39.19
CA LEU C 81 8.49 -2.99 -38.27
C LEU C 81 8.01 -3.07 -36.82
N THR C 82 8.85 -3.64 -35.97
CA THR C 82 8.59 -3.76 -34.54
C THR C 82 9.81 -3.23 -33.81
N LEU C 83 9.85 -1.92 -33.58
CA LEU C 83 11.01 -1.29 -32.99
C LEU C 83 11.10 -1.64 -31.51
N ASP C 84 12.27 -1.35 -30.93
CA ASP C 84 12.45 -1.53 -29.50
C ASP C 84 11.56 -0.55 -28.74
N ASN C 85 11.40 -0.81 -27.44
CA ASN C 85 10.50 0.01 -26.65
C ASN C 85 11.04 1.42 -26.45
N ARG C 86 12.36 1.58 -26.46
CA ARG C 86 12.95 2.89 -26.21
C ARG C 86 12.41 3.94 -27.18
N VAL C 87 12.19 3.56 -28.43
CA VAL C 87 11.70 4.49 -29.44
C VAL C 87 10.39 5.14 -29.04
N ALA C 88 9.68 4.59 -28.07
CA ALA C 88 8.44 5.20 -27.63
C ALA C 88 8.64 6.55 -26.97
N ASP C 89 9.89 6.89 -26.62
CA ASP C 89 10.14 8.20 -26.03
C ASP C 89 10.33 9.29 -27.07
N GLN C 90 10.39 8.94 -28.36
CA GLN C 90 10.59 9.91 -29.41
C GLN C 90 9.35 10.15 -30.26
N LEU C 91 8.58 9.12 -30.55
CA LEU C 91 7.33 9.30 -31.28
C LEU C 91 6.31 10.04 -30.43
N TRP C 92 5.33 10.64 -31.09
CA TRP C 92 4.22 11.22 -30.36
C TRP C 92 3.35 10.11 -29.80
N VAL C 93 2.73 10.36 -28.66
CA VAL C 93 1.83 9.41 -28.04
C VAL C 93 0.68 10.15 -27.37
N PRO C 94 -0.56 9.75 -27.60
CA PRO C 94 -1.68 10.50 -27.03
C PRO C 94 -1.74 10.35 -25.52
N ASP C 95 -1.83 11.47 -24.83
CA ASP C 95 -1.92 11.47 -23.38
C ASP C 95 -3.32 11.05 -22.96
N THR C 96 -3.40 9.97 -22.20
CA THR C 96 -4.67 9.38 -21.81
C THR C 96 -4.60 9.00 -20.34
N TYR C 97 -5.45 9.62 -19.52
CA TYR C 97 -5.43 9.40 -18.08
C TYR C 97 -6.77 8.82 -17.65
N PHE C 98 -6.72 7.89 -16.72
CA PHE C 98 -7.94 7.39 -16.11
C PHE C 98 -8.46 8.42 -15.11
N LEU C 99 -9.77 8.56 -15.03
CA LEU C 99 -10.32 9.66 -14.25
C LEU C 99 -10.38 9.33 -12.76
N ASN C 100 -10.79 8.12 -12.40
CA ASN C 100 -11.03 7.78 -11.00
C ASN C 100 -10.03 6.75 -10.47
N ASP C 101 -8.77 6.87 -10.80
CA ASP C 101 -7.74 6.01 -10.23
C ASP C 101 -7.07 6.72 -9.07
N LYS C 102 -6.54 5.93 -8.14
CA LYS C 102 -5.82 6.45 -6.99
C LYS C 102 -4.32 6.21 -7.08
N LYS C 103 -3.92 5.05 -7.59
CA LYS C 103 -2.51 4.69 -7.66
C LYS C 103 -2.32 3.63 -8.73
N SER C 104 -1.60 3.97 -9.79
CA SER C 104 -1.29 3.00 -10.84
C SER C 104 0.15 3.19 -11.29
N PHE C 105 0.70 2.13 -11.88
CA PHE C 105 2.10 2.14 -12.30
C PHE C 105 2.31 1.11 -13.38
N VAL C 106 3.04 1.49 -14.44
CA VAL C 106 3.38 0.54 -15.49
C VAL C 106 4.42 -0.44 -14.98
N HIS C 107 4.24 -1.71 -15.30
CA HIS C 107 5.16 -2.74 -14.82
C HIS C 107 6.53 -2.60 -15.46
N GLY C 108 7.57 -2.73 -14.63
CA GLY C 108 8.94 -2.62 -15.10
C GLY C 108 9.79 -3.82 -14.72
N VAL C 109 9.23 -5.02 -14.85
CA VAL C 109 9.91 -6.23 -14.35
C VAL C 109 11.27 -6.40 -15.00
N THR C 110 11.32 -6.36 -16.32
CA THR C 110 12.59 -6.38 -17.03
C THR C 110 12.83 -5.15 -17.87
N VAL C 111 11.81 -4.67 -18.59
CA VAL C 111 11.83 -3.37 -19.23
C VAL C 111 10.45 -2.76 -19.03
N LYS C 112 10.33 -1.47 -19.34
CA LYS C 112 9.01 -0.87 -19.35
C LYS C 112 8.17 -1.54 -20.43
N ASN C 113 7.11 -2.22 -19.99
CA ASN C 113 6.34 -3.09 -20.89
C ASN C 113 5.47 -2.24 -21.81
N ARG C 114 6.11 -1.65 -22.82
CA ARG C 114 5.38 -1.01 -23.90
C ARG C 114 5.78 -1.62 -25.23
N MET C 115 4.79 -1.82 -26.09
CA MET C 115 4.99 -2.38 -27.42
C MET C 115 4.75 -1.29 -28.46
N ILE C 116 5.69 -1.15 -29.38
CA ILE C 116 5.57 -0.21 -30.49
C ILE C 116 5.63 -1.01 -31.79
N ARG C 117 4.56 -0.96 -32.57
CA ARG C 117 4.48 -1.71 -33.83
C ARG C 117 4.06 -0.76 -34.93
N LEU C 118 4.92 -0.56 -35.92
CA LEU C 118 4.61 0.34 -37.02
C LEU C 118 3.88 -0.42 -38.12
N HIS C 119 3.68 0.25 -39.25
CA HIS C 119 2.97 -0.33 -40.38
C HIS C 119 3.40 0.41 -41.63
N PRO C 120 3.27 -0.21 -42.81
CA PRO C 120 3.72 0.47 -44.03
C PRO C 120 2.93 1.73 -44.35
N ASP C 121 1.68 1.82 -43.92
CA ASP C 121 0.87 3.00 -44.18
C ASP C 121 0.86 3.97 -43.01
N GLY C 122 1.49 3.64 -41.89
CA GLY C 122 1.58 4.54 -40.76
C GLY C 122 0.57 4.33 -39.67
N THR C 123 0.04 3.12 -39.53
CA THR C 123 -0.93 2.83 -38.48
C THR C 123 -0.17 2.38 -37.24
N VAL C 124 0.29 3.35 -36.45
CA VAL C 124 1.07 3.03 -35.27
C VAL C 124 0.19 2.31 -34.25
N LEU C 125 0.76 1.30 -33.59
CA LEU C 125 0.10 0.57 -32.53
C LEU C 125 0.99 0.60 -31.29
N TYR C 126 0.41 0.99 -30.15
CA TYR C 126 1.16 1.32 -28.95
C TYR C 126 0.49 0.65 -27.76
N GLY C 127 1.26 -0.12 -27.01
CA GLY C 127 0.69 -1.00 -25.99
C GLY C 127 1.37 -0.88 -24.64
N LEU C 128 0.58 -1.03 -23.59
CA LEU C 128 1.05 -0.94 -22.22
C LEU C 128 0.47 -2.09 -21.40
N ARG C 129 1.10 -2.36 -20.26
CA ARG C 129 0.59 -3.32 -19.30
C ARG C 129 0.45 -2.59 -17.96
N ILE C 130 -0.77 -2.22 -17.61
CA ILE C 130 -1.03 -1.28 -16.53
C ILE C 130 -1.74 -1.99 -15.39
N THR C 131 -1.35 -1.67 -14.17
CA THR C 131 -2.08 -2.11 -12.98
C THR C 131 -2.68 -0.88 -12.32
N THR C 132 -4.01 -0.79 -12.34
CA THR C 132 -4.73 0.38 -11.89
C THR C 132 -5.55 0.05 -10.66
N THR C 133 -5.41 0.87 -9.63
CA THR C 133 -6.28 0.78 -8.46
C THR C 133 -7.29 1.91 -8.57
N ALA C 134 -8.47 1.59 -9.10
CA ALA C 134 -9.53 2.57 -9.26
C ALA C 134 -10.52 2.46 -8.12
N ALA C 135 -11.27 3.54 -7.91
CA ALA C 135 -12.21 3.64 -6.81
C ALA C 135 -13.62 3.82 -7.35
N CYS C 136 -14.51 2.90 -6.99
CA CYS C 136 -15.92 2.98 -7.35
C CYS C 136 -16.76 3.06 -6.10
N MET C 137 -17.65 4.05 -6.05
CA MET C 137 -18.52 4.21 -4.90
C MET C 137 -19.46 3.01 -4.76
N MET C 138 -19.52 2.44 -3.57
CA MET C 138 -20.31 1.25 -3.30
C MET C 138 -21.41 1.58 -2.31
N ASP C 139 -22.62 1.08 -2.58
CA ASP C 139 -23.76 1.23 -1.70
C ASP C 139 -23.94 -0.08 -0.94
N LEU C 140 -23.89 -0.02 0.39
CA LEU C 140 -24.03 -1.20 1.22
C LEU C 140 -25.33 -1.20 2.02
N ARG C 141 -26.35 -0.48 1.54
CA ARG C 141 -27.65 -0.52 2.20
C ARG C 141 -28.22 -1.94 2.21
N ARG C 142 -28.10 -2.64 1.08
CA ARG C 142 -28.65 -3.98 0.95
C ARG C 142 -27.63 -5.07 1.25
N TYR C 143 -26.55 -4.72 1.93
CA TYR C 143 -25.55 -5.72 2.29
C TYR C 143 -26.19 -6.84 3.11
N PRO C 144 -25.79 -8.10 2.88
CA PRO C 144 -24.82 -8.56 1.90
C PRO C 144 -25.40 -8.75 0.49
N LEU C 145 -26.72 -8.90 0.39
CA LEU C 145 -27.36 -9.12 -0.90
C LEU C 145 -27.37 -7.81 -1.67
N ASP C 146 -26.30 -7.55 -2.43
CA ASP C 146 -26.13 -6.25 -3.06
C ASP C 146 -25.55 -6.41 -4.45
N GLU C 147 -25.80 -5.41 -5.28
CA GLU C 147 -25.23 -5.34 -6.62
C GLU C 147 -24.40 -4.07 -6.72
N GLN C 148 -23.16 -4.22 -7.14
CA GLN C 148 -22.27 -3.08 -7.35
C GLN C 148 -22.17 -2.79 -8.84
N ASN C 149 -21.96 -1.53 -9.17
CA ASN C 149 -21.78 -1.11 -10.56
C ASN C 149 -20.46 -0.34 -10.65
N CYS C 150 -19.37 -1.08 -10.74
CA CYS C 150 -18.04 -0.48 -10.77
C CYS C 150 -17.58 -0.25 -12.20
N THR C 151 -16.96 0.91 -12.43
CA THR C 151 -16.66 1.42 -13.75
C THR C 151 -15.18 1.78 -13.85
N LEU C 152 -14.78 2.16 -15.05
CA LEU C 152 -13.48 2.74 -15.36
C LEU C 152 -13.67 3.76 -16.46
N GLU C 153 -13.04 4.92 -16.32
CA GLU C 153 -13.27 6.02 -17.24
C GLU C 153 -11.97 6.50 -17.86
N ILE C 154 -12.01 6.79 -19.16
CA ILE C 154 -10.83 7.10 -19.94
C ILE C 154 -11.06 8.42 -20.66
N GLU C 155 -10.13 9.36 -20.52
CA GLU C 155 -10.29 10.67 -21.13
C GLU C 155 -8.95 11.18 -21.63
N SER C 156 -9.00 11.94 -22.72
CA SER C 156 -7.82 12.61 -23.25
C SER C 156 -7.62 13.92 -22.51
N TYR C 157 -6.47 14.07 -21.86
CA TYR C 157 -6.27 15.19 -20.94
C TYR C 157 -5.92 16.49 -21.62
N GLY C 158 -5.27 16.46 -22.77
CA GLY C 158 -4.74 17.69 -23.33
C GLY C 158 -5.37 18.15 -24.63
N TYR C 159 -6.23 17.34 -25.23
CA TYR C 159 -6.79 17.65 -26.54
C TYR C 159 -8.31 17.57 -26.47
N THR C 160 -8.97 18.61 -26.97
CA THR C 160 -10.43 18.66 -26.97
C THR C 160 -10.97 17.81 -28.12
N THR C 161 -12.31 17.72 -28.20
CA THR C 161 -12.92 16.93 -29.25
C THR C 161 -12.66 17.50 -30.63
N ASP C 162 -12.14 18.73 -30.71
CA ASP C 162 -11.74 19.27 -32.00
C ASP C 162 -10.43 18.65 -32.47
N ASP C 163 -9.71 17.95 -31.59
CA ASP C 163 -8.40 17.43 -31.92
C ASP C 163 -8.33 15.90 -31.96
N ILE C 164 -9.01 15.22 -31.05
CA ILE C 164 -8.85 13.78 -30.89
C ILE C 164 -10.22 13.11 -30.86
N GLU C 165 -10.26 11.84 -31.25
CA GLU C 165 -11.48 11.06 -31.30
C GLU C 165 -11.23 9.69 -30.67
N PHE C 166 -12.23 9.16 -29.98
CA PHE C 166 -12.12 7.88 -29.30
C PHE C 166 -13.23 6.95 -29.76
N TYR C 167 -12.86 5.72 -30.10
CA TYR C 167 -13.83 4.71 -30.48
C TYR C 167 -13.19 3.34 -30.30
N TRP C 168 -13.97 2.39 -29.79
CA TRP C 168 -13.46 1.04 -29.61
C TRP C 168 -13.36 0.33 -30.95
N ARG C 169 -12.43 -0.61 -31.04
CA ARG C 169 -12.18 -1.34 -32.29
C ARG C 169 -13.11 -2.54 -32.40
N GLY C 170 -14.41 -2.25 -32.46
CA GLY C 170 -15.42 -3.29 -32.51
C GLY C 170 -15.93 -3.61 -31.12
N ASP C 171 -17.17 -3.21 -30.83
CA ASP C 171 -17.65 -3.28 -29.45
C ASP C 171 -17.65 -4.70 -28.92
N ASP C 172 -18.22 -5.64 -29.70
CA ASP C 172 -18.29 -7.02 -29.23
C ASP C 172 -16.91 -7.60 -28.94
N ASN C 173 -15.89 -7.13 -29.64
CA ASN C 173 -14.51 -7.55 -29.39
C ASN C 173 -13.66 -6.44 -28.79
N ALA C 174 -14.29 -5.44 -28.16
CA ALA C 174 -13.50 -4.37 -27.58
C ALA C 174 -12.77 -4.82 -26.33
N VAL C 175 -13.48 -5.49 -25.42
CA VAL C 175 -12.91 -5.93 -24.15
C VAL C 175 -13.06 -7.44 -24.07
N THR C 176 -11.96 -8.14 -23.81
CA THR C 176 -11.94 -9.59 -23.79
C THR C 176 -11.47 -10.08 -22.44
N GLY C 177 -11.44 -11.40 -22.27
CA GLY C 177 -10.88 -11.99 -21.08
C GLY C 177 -11.70 -11.81 -19.83
N VAL C 178 -12.97 -11.43 -19.94
CA VAL C 178 -13.79 -11.24 -18.75
C VAL C 178 -14.34 -12.58 -18.24
N THR C 179 -14.58 -13.52 -19.15
CA THR C 179 -15.17 -14.80 -18.74
C THR C 179 -14.22 -15.58 -17.84
N LYS C 180 -12.94 -15.62 -18.17
CA LYS C 180 -11.99 -16.41 -17.39
C LYS C 180 -11.75 -15.84 -16.00
N ILE C 181 -12.15 -14.60 -15.75
CA ILE C 181 -11.93 -14.00 -14.44
C ILE C 181 -12.76 -14.72 -13.40
N GLU C 182 -12.11 -15.16 -12.33
CA GLU C 182 -12.77 -15.91 -11.25
C GLU C 182 -12.50 -15.16 -9.95
N LEU C 183 -13.36 -14.19 -9.63
CA LEU C 183 -13.20 -13.45 -8.38
C LEU C 183 -13.41 -14.39 -7.19
N PRO C 184 -12.69 -14.15 -6.09
CA PRO C 184 -12.84 -15.05 -4.94
C PRO C 184 -14.18 -14.90 -4.22
N GLN C 185 -14.76 -13.70 -4.23
CA GLN C 185 -15.97 -13.43 -3.46
C GLN C 185 -17.16 -13.05 -4.34
N PHE C 186 -16.98 -12.12 -5.26
CA PHE C 186 -18.08 -11.62 -6.08
C PHE C 186 -18.27 -12.52 -7.31
N SER C 187 -19.11 -12.07 -8.23
CA SER C 187 -19.34 -12.77 -9.48
C SER C 187 -19.71 -11.77 -10.56
N ILE C 188 -19.03 -11.86 -11.71
CA ILE C 188 -19.33 -10.98 -12.82
C ILE C 188 -20.68 -11.31 -13.40
N VAL C 189 -21.42 -10.29 -13.85
CA VAL C 189 -22.71 -10.46 -14.48
C VAL C 189 -22.71 -9.96 -15.93
N ASP C 190 -22.26 -8.72 -16.14
CA ASP C 190 -22.40 -8.08 -17.43
C ASP C 190 -21.48 -6.88 -17.50
N TYR C 191 -21.02 -6.56 -18.71
CA TYR C 191 -20.14 -5.42 -18.94
C TYR C 191 -20.62 -4.63 -20.15
N LYS C 192 -20.48 -3.31 -20.07
CA LYS C 192 -20.93 -2.42 -21.14
C LYS C 192 -19.87 -1.37 -21.42
N LEU C 193 -19.88 -0.90 -22.67
CA LEU C 193 -18.90 0.05 -23.18
C LEU C 193 -19.65 1.26 -23.74
N ILE C 194 -19.30 2.44 -23.26
CA ILE C 194 -20.05 3.66 -23.54
C ILE C 194 -19.10 4.71 -24.09
N THR C 195 -19.57 5.52 -25.03
CA THR C 195 -18.82 6.65 -25.57
C THR C 195 -19.57 7.93 -25.26
N LYS C 196 -18.91 8.85 -24.57
CA LYS C 196 -19.55 10.10 -24.19
C LYS C 196 -18.63 11.27 -24.49
N LYS C 197 -19.18 12.48 -24.36
CA LYS C 197 -18.42 13.71 -24.40
C LYS C 197 -18.73 14.50 -23.14
N VAL C 198 -17.69 14.81 -22.37
CA VAL C 198 -17.83 15.50 -21.09
C VAL C 198 -17.43 16.95 -21.29
N VAL C 199 -18.25 17.86 -20.78
CA VAL C 199 -18.01 19.29 -20.92
C VAL C 199 -17.42 19.81 -19.63
N PHE C 200 -16.20 20.29 -19.69
CA PHE C 200 -15.54 20.95 -18.57
C PHE C 200 -15.50 22.45 -18.84
N SER C 201 -14.81 23.18 -17.95
CA SER C 201 -14.78 24.64 -18.07
C SER C 201 -14.00 25.07 -19.31
N THR C 202 -12.93 24.36 -19.65
CA THR C 202 -12.05 24.80 -20.73
C THR C 202 -12.56 24.35 -22.10
N GLY C 203 -13.17 23.18 -22.19
CA GLY C 203 -13.65 22.70 -23.47
C GLY C 203 -14.42 21.41 -23.34
N SER C 204 -14.67 20.78 -24.49
CA SER C 204 -15.39 19.51 -24.56
C SER C 204 -14.39 18.40 -24.84
N TYR C 205 -14.38 17.38 -23.97
CA TYR C 205 -13.39 16.32 -24.10
C TYR C 205 -14.07 14.97 -24.32
N PRO C 206 -13.47 14.09 -25.11
CA PRO C 206 -14.06 12.76 -25.31
C PRO C 206 -13.85 11.89 -24.10
N ARG C 207 -14.68 10.86 -23.99
CA ARG C 207 -14.56 9.93 -22.88
C ARG C 207 -15.06 8.56 -23.30
N LEU C 208 -14.35 7.53 -22.87
CA LEU C 208 -14.82 6.15 -22.96
C LEU C 208 -15.08 5.63 -21.57
N SER C 209 -16.10 4.80 -21.43
CA SER C 209 -16.45 4.22 -20.14
C SER C 209 -16.60 2.72 -20.28
N LEU C 210 -16.01 1.98 -19.36
CA LEU C 210 -16.12 0.53 -19.32
C LEU C 210 -16.65 0.14 -17.95
N SER C 211 -17.85 -0.43 -17.89
CA SER C 211 -18.49 -0.65 -16.60
C SER C 211 -19.02 -2.07 -16.51
N PHE C 212 -18.65 -2.78 -15.44
CA PHE C 212 -19.13 -4.14 -15.25
C PHE C 212 -19.81 -4.28 -13.88
N LYS C 213 -20.98 -4.93 -13.89
CA LYS C 213 -21.70 -5.21 -12.66
C LYS C 213 -20.94 -6.22 -11.81
N LEU C 214 -21.28 -6.26 -10.52
CA LEU C 214 -20.74 -7.25 -9.61
C LEU C 214 -21.86 -7.72 -8.69
N LYS C 215 -22.10 -9.03 -8.67
CA LYS C 215 -23.10 -9.61 -7.79
C LYS C 215 -22.41 -10.33 -6.64
N ARG C 216 -23.11 -10.40 -5.52
CA ARG C 216 -22.56 -11.02 -4.31
C ARG C 216 -22.93 -12.50 -4.27
N ASN C 217 -22.05 -13.28 -3.63
CA ASN C 217 -22.29 -14.70 -3.40
C ASN C 217 -22.94 -14.85 -2.03
N ILE C 218 -24.27 -14.83 -2.02
CA ILE C 218 -25.02 -14.85 -0.77
C ILE C 218 -24.87 -16.19 -0.07
N GLY C 219 -24.48 -17.23 -0.81
CA GLY C 219 -24.45 -18.57 -0.26
C GLY C 219 -23.51 -18.69 0.94
N TYR C 220 -22.25 -18.31 0.75
CA TYR C 220 -21.30 -18.42 1.85
C TYR C 220 -21.64 -17.46 2.98
N PHE C 221 -22.21 -16.30 2.65
CA PHE C 221 -22.40 -15.26 3.66
C PHE C 221 -23.60 -15.54 4.56
N ILE C 222 -24.63 -16.23 4.05
CA ILE C 222 -25.75 -16.59 4.91
C ILE C 222 -25.29 -17.54 6.01
N LEU C 223 -24.57 -18.60 5.62
CA LEU C 223 -24.29 -19.69 6.55
C LEU C 223 -23.46 -19.23 7.74
N GLN C 224 -22.60 -18.23 7.52
CA GLN C 224 -21.67 -17.85 8.58
C GLN C 224 -22.34 -16.99 9.66
N THR C 225 -23.40 -16.26 9.31
CA THR C 225 -23.94 -15.26 10.23
C THR C 225 -25.42 -15.43 10.57
N TYR C 226 -26.25 -15.91 9.65
CA TYR C 226 -27.69 -15.88 9.89
C TYR C 226 -28.16 -17.00 10.80
N MET C 227 -27.42 -18.08 10.93
CA MET C 227 -27.83 -19.19 11.79
C MET C 227 -27.66 -18.89 13.28
N PRO C 228 -26.55 -18.28 13.72
CA PRO C 228 -26.41 -18.00 15.17
C PRO C 228 -27.57 -17.25 15.79
N SER C 229 -28.16 -16.30 15.07
CA SER C 229 -29.29 -15.55 15.63
C SER C 229 -30.49 -16.47 15.85
N ILE C 230 -30.78 -17.34 14.89
CA ILE C 230 -31.87 -18.30 15.06
C ILE C 230 -31.59 -19.22 16.23
N LEU C 231 -30.35 -19.68 16.36
CA LEU C 231 -29.99 -20.60 17.45
C LEU C 231 -30.15 -19.91 18.80
N ILE C 232 -29.79 -18.63 18.89
CA ILE C 232 -29.95 -17.90 20.14
C ILE C 232 -31.42 -17.64 20.44
N THR C 233 -32.22 -17.37 19.41
CA THR C 233 -33.64 -17.12 19.65
C THR C 233 -34.38 -18.38 20.08
N ILE C 234 -33.95 -19.55 19.59
CA ILE C 234 -34.57 -20.81 20.02
C ILE C 234 -34.42 -21.00 21.52
N LEU C 235 -33.36 -20.43 22.11
CA LEU C 235 -33.18 -20.53 23.55
C LEU C 235 -34.33 -19.89 24.33
N SER C 236 -34.96 -18.85 23.78
CA SER C 236 -36.10 -18.25 24.46
C SER C 236 -37.28 -19.21 24.51
N TRP C 237 -37.56 -19.91 23.41
CA TRP C 237 -38.61 -20.93 23.41
C TRP C 237 -38.28 -22.05 24.39
N VAL C 238 -37.01 -22.50 24.39
CA VAL C 238 -36.60 -23.54 25.32
C VAL C 238 -36.81 -23.08 26.77
N SER C 239 -36.55 -21.80 27.04
CA SER C 239 -36.84 -21.25 28.35
C SER C 239 -38.33 -21.25 28.63
N PHE C 240 -39.15 -20.98 27.61
CA PHE C 240 -40.60 -21.03 27.79
C PHE C 240 -41.05 -22.44 28.16
N TRP C 241 -40.38 -23.46 27.63
CA TRP C 241 -40.78 -24.83 27.97
C TRP C 241 -40.29 -25.27 29.36
N ILE C 242 -39.78 -24.37 30.20
CA ILE C 242 -39.33 -24.71 31.54
C ILE C 242 -40.50 -24.57 32.50
N ASN C 243 -40.50 -25.39 33.56
CA ASN C 243 -41.51 -25.30 34.60
C ASN C 243 -41.45 -23.92 35.26
N TYR C 244 -42.62 -23.44 35.69
CA TYR C 244 -42.71 -22.07 36.22
C TYR C 244 -42.03 -21.95 37.58
N ASP C 245 -41.85 -23.07 38.30
CA ASP C 245 -41.26 -23.00 39.63
C ASP C 245 -39.82 -22.51 39.58
N ALA C 246 -39.00 -23.10 38.70
CA ALA C 246 -37.60 -22.70 38.59
C ALA C 246 -37.50 -21.28 38.04
N SER C 247 -36.75 -20.43 38.73
CA SER C 247 -36.64 -19.02 38.38
C SER C 247 -35.21 -18.63 38.01
N ALA C 248 -34.23 -18.95 38.86
CA ALA C 248 -32.86 -18.53 38.62
C ALA C 248 -32.33 -19.08 37.31
N ALA C 249 -32.67 -20.34 37.00
CA ALA C 249 -32.15 -20.96 35.78
C ALA C 249 -32.66 -20.25 34.53
N ARG C 250 -33.97 -19.98 34.47
CA ARG C 250 -34.52 -19.34 33.28
C ARG C 250 -34.09 -17.89 33.18
N VAL C 251 -33.98 -17.19 34.32
CA VAL C 251 -33.48 -15.82 34.29
C VAL C 251 -32.04 -15.79 33.80
N ALA C 252 -31.22 -16.76 34.24
CA ALA C 252 -29.85 -16.85 33.76
C ALA C 252 -29.80 -17.16 32.28
N LEU C 253 -30.71 -18.00 31.79
CA LEU C 253 -30.76 -18.28 30.36
C LEU C 253 -31.11 -17.03 29.56
N GLY C 254 -32.08 -16.25 30.04
CA GLY C 254 -32.42 -15.01 29.36
C GLY C 254 -31.27 -14.02 29.34
N ILE C 255 -30.59 -13.86 30.48
CA ILE C 255 -29.45 -12.95 30.55
C ILE C 255 -28.33 -13.44 29.65
N THR C 256 -28.13 -14.77 29.57
CA THR C 256 -27.13 -15.31 28.67
C THR C 256 -27.48 -15.02 27.22
N THR C 257 -28.76 -15.13 26.86
CA THR C 257 -29.16 -14.81 25.49
C THR C 257 -28.91 -13.34 25.18
N VAL C 258 -29.22 -12.44 26.12
CA VAL C 258 -28.99 -11.01 25.89
C VAL C 258 -27.49 -10.74 25.71
N LEU C 259 -26.67 -11.29 26.60
CA LEU C 259 -25.22 -11.08 26.50
C LEU C 259 -24.66 -11.68 25.21
N THR C 260 -25.17 -12.83 24.80
CA THR C 260 -24.69 -13.47 23.58
C THR C 260 -25.08 -12.67 22.35
N MET C 261 -26.29 -12.11 22.34
CA MET C 261 -26.68 -11.24 21.23
C MET C 261 -25.79 -10.00 21.16
N THR C 262 -25.51 -9.39 22.32
CA THR C 262 -24.62 -8.23 22.32
C THR C 262 -23.23 -8.59 21.82
N THR C 263 -22.68 -9.71 22.29
CA THR C 263 -21.34 -10.12 21.85
C THR C 263 -21.33 -10.48 20.37
N ILE C 264 -22.42 -11.07 19.87
CA ILE C 264 -22.50 -11.38 18.44
C ILE C 264 -22.51 -10.09 17.62
N ASN C 265 -23.27 -9.09 18.07
CA ASN C 265 -23.28 -7.81 17.38
C ASN C 265 -21.88 -7.21 17.36
N THR C 266 -21.21 -7.20 18.51
CA THR C 266 -19.87 -6.61 18.59
C THR C 266 -18.88 -7.35 17.69
N HIS C 267 -18.89 -8.68 17.75
CA HIS C 267 -17.94 -9.46 16.96
C HIS C 267 -18.20 -9.29 15.47
N LEU C 268 -19.47 -9.36 15.06
CA LEU C 268 -19.80 -9.16 13.66
C LEU C 268 -19.39 -7.78 13.18
N ARG C 269 -19.58 -6.75 14.02
CA ARG C 269 -19.12 -5.42 13.66
C ARG C 269 -17.61 -5.39 13.53
N GLU C 270 -16.90 -6.11 14.40
CA GLU C 270 -15.45 -6.19 14.30
C GLU C 270 -15.00 -6.93 13.04
N THR C 271 -15.84 -7.80 12.49
CA THR C 271 -15.51 -8.53 11.29
C THR C 271 -16.09 -7.91 10.02
N LEU C 272 -17.20 -7.17 10.13
CA LEU C 272 -17.82 -6.59 8.95
C LEU C 272 -17.07 -5.34 8.50
N PRO C 273 -17.23 -4.96 7.22
CA PRO C 273 -16.65 -3.69 6.75
C PRO C 273 -17.33 -2.51 7.40
N LYS C 274 -16.54 -1.65 8.04
CA LYS C 274 -17.06 -0.57 8.86
C LYS C 274 -17.61 0.55 7.97
N ILE C 275 -18.91 0.84 8.10
CA ILE C 275 -19.53 1.96 7.39
C ILE C 275 -20.53 2.63 8.33
N PRO C 276 -20.71 3.93 8.17
CA PRO C 276 -21.63 4.67 9.05
C PRO C 276 -23.09 4.28 8.94
N TYR C 277 -23.67 4.33 7.74
CA TYR C 277 -25.10 4.15 7.60
C TYR C 277 -25.53 2.73 7.95
N VAL C 278 -26.77 2.61 8.42
CA VAL C 278 -27.26 1.35 8.97
C VAL C 278 -27.46 0.33 7.86
N LYS C 279 -27.03 -0.90 8.11
CA LYS C 279 -27.10 -1.97 7.13
C LYS C 279 -28.32 -2.86 7.37
N ALA C 280 -28.44 -3.89 6.54
CA ALA C 280 -29.55 -4.82 6.66
C ALA C 280 -29.31 -5.84 7.78
N ILE C 281 -28.10 -6.41 7.83
CA ILE C 281 -27.80 -7.40 8.85
C ILE C 281 -27.87 -6.75 10.24
N ASP C 282 -27.65 -5.45 10.33
CA ASP C 282 -27.85 -4.75 11.59
C ASP C 282 -29.32 -4.75 11.99
N MET C 283 -30.23 -4.55 11.01
CA MET C 283 -31.66 -4.63 11.31
C MET C 283 -32.03 -6.04 11.77
N TYR C 284 -31.47 -7.05 11.13
CA TYR C 284 -31.78 -8.43 11.52
C TYR C 284 -31.30 -8.71 12.94
N LEU C 285 -30.05 -8.34 13.25
CA LEU C 285 -29.54 -8.55 14.60
C LEU C 285 -30.34 -7.76 15.63
N MET C 286 -30.75 -6.53 15.29
CA MET C 286 -31.56 -5.75 16.22
C MET C 286 -32.90 -6.43 16.46
N GLY C 287 -33.49 -7.01 15.43
CA GLY C 287 -34.74 -7.75 15.61
C GLY C 287 -34.57 -8.93 16.56
N CYS C 288 -33.50 -9.71 16.38
CA CYS C 288 -33.28 -10.85 17.26
C CYS C 288 -32.99 -10.40 18.69
N PHE C 289 -32.25 -9.30 18.84
CA PHE C 289 -31.98 -8.76 20.17
C PHE C 289 -33.26 -8.32 20.86
N VAL C 290 -34.14 -7.64 20.11
CA VAL C 290 -35.42 -7.22 20.68
C VAL C 290 -36.25 -8.43 21.07
N PHE C 291 -36.21 -9.50 20.28
CA PHE C 291 -36.98 -10.69 20.61
C PHE C 291 -36.51 -11.33 21.91
N VAL C 292 -35.19 -11.54 22.04
CA VAL C 292 -34.70 -12.17 23.27
C VAL C 292 -34.91 -11.24 24.47
N PHE C 293 -34.80 -9.92 24.26
CA PHE C 293 -35.05 -8.97 25.33
C PHE C 293 -36.50 -9.01 25.80
N MET C 294 -37.44 -9.10 24.85
CA MET C 294 -38.84 -9.23 25.21
C MET C 294 -39.11 -10.55 25.93
N ALA C 295 -38.43 -11.62 25.55
CA ALA C 295 -38.58 -12.88 26.27
C ALA C 295 -38.11 -12.74 27.72
N LEU C 296 -36.96 -12.10 27.92
CA LEU C 296 -36.46 -11.90 29.28
C LEU C 296 -37.42 -11.03 30.10
N LEU C 297 -37.93 -9.95 29.51
CA LEU C 297 -38.89 -9.11 30.22
C LEU C 297 -40.17 -9.87 30.53
N GLU C 298 -40.61 -10.73 29.61
CA GLU C 298 -41.81 -11.53 29.84
C GLU C 298 -41.62 -12.44 31.03
N TYR C 299 -40.46 -13.11 31.11
CA TYR C 299 -40.26 -13.99 32.27
C TYR C 299 -40.05 -13.20 33.55
N ALA C 300 -39.48 -12.00 33.47
CA ALA C 300 -39.41 -11.16 34.65
C ALA C 300 -40.81 -10.82 35.17
N LEU C 301 -41.71 -10.47 34.25
CA LEU C 301 -43.10 -10.22 34.64
C LEU C 301 -43.73 -11.47 35.23
N VAL C 302 -43.45 -12.63 34.64
CA VAL C 302 -43.99 -13.89 35.15
C VAL C 302 -43.53 -14.11 36.58
N ASN C 303 -42.23 -13.95 36.84
CA ASN C 303 -41.71 -14.13 38.19
C ASN C 303 -42.27 -13.10 39.15
N TYR C 304 -42.57 -11.89 38.67
CA TYR C 304 -43.07 -10.85 39.57
C TYR C 304 -44.53 -11.06 39.94
N ILE C 305 -45.35 -11.56 39.01
CA ILE C 305 -46.77 -11.76 39.28
C ILE C 305 -47.08 -13.21 39.64
N PHE C 306 -46.06 -13.99 39.99
CA PHE C 306 -46.27 -15.40 40.30
C PHE C 306 -46.90 -15.61 41.67
N PHE C 307 -46.63 -14.72 42.63
CA PHE C 307 -47.15 -14.91 43.98
C PHE C 307 -48.65 -14.67 44.06
N SER C 308 -49.23 -13.92 43.12
CA SER C 308 -50.67 -13.67 43.15
C SER C 308 -51.45 -14.94 42.83
N GLN C 309 -51.13 -15.58 41.70
CA GLN C 309 -51.81 -16.80 41.29
C GLN C 309 -50.97 -17.54 40.26
N PRO C 310 -50.65 -18.82 40.49
CA PRO C 310 -49.86 -19.57 39.50
C PRO C 310 -50.64 -19.93 38.25
N ALA C 311 -51.97 -19.94 38.30
CA ALA C 311 -52.77 -20.17 37.10
C ALA C 311 -52.48 -19.10 36.06
N ARG C 312 -52.37 -17.84 36.49
CA ARG C 312 -52.00 -16.77 35.57
C ARG C 312 -50.62 -17.00 34.97
N ALA C 313 -49.69 -17.50 35.78
CA ALA C 313 -48.34 -17.78 35.28
C ALA C 313 -48.36 -18.84 34.20
N ALA C 314 -49.04 -19.97 34.46
CA ALA C 314 -49.12 -21.03 33.46
C ALA C 314 -49.85 -20.55 32.21
N ALA C 315 -50.88 -19.72 32.39
CA ALA C 315 -51.61 -19.19 31.25
C ALA C 315 -50.71 -18.32 30.37
N ILE C 316 -49.94 -17.43 31.00
CA ILE C 316 -49.04 -16.56 30.24
C ILE C 316 -47.97 -17.40 29.55
N ASP C 317 -47.47 -18.44 30.22
CA ASP C 317 -46.49 -19.32 29.58
C ASP C 317 -47.07 -19.97 28.34
N ARG C 318 -48.29 -20.51 28.44
CA ARG C 318 -48.93 -21.13 27.28
C ARG C 318 -49.17 -20.11 26.17
N TRP C 319 -49.61 -18.90 26.53
CA TRP C 319 -49.82 -17.86 25.54
C TRP C 319 -48.54 -17.56 24.79
N SER C 320 -47.43 -17.40 25.51
CA SER C 320 -46.17 -17.07 24.85
C SER C 320 -45.69 -18.23 23.97
N ARG C 321 -45.87 -19.47 24.43
CA ARG C 321 -45.44 -20.62 23.64
C ARG C 321 -46.24 -20.72 22.35
N ILE C 322 -47.53 -20.38 22.39
CA ILE C 322 -48.34 -20.41 21.17
C ILE C 322 -48.27 -19.09 20.39
N PHE C 323 -47.59 -18.08 20.92
CA PHE C 323 -47.51 -16.76 20.31
C PHE C 323 -46.21 -16.53 19.55
N PHE C 324 -45.06 -16.79 20.18
CA PHE C 324 -43.78 -16.40 19.59
C PHE C 324 -43.43 -17.13 18.30
N PRO C 325 -43.54 -18.45 18.20
CA PRO C 325 -43.04 -19.14 16.99
C PRO C 325 -43.75 -18.73 15.70
N VAL C 326 -44.90 -18.09 15.78
CA VAL C 326 -45.61 -17.61 14.59
C VAL C 326 -45.20 -16.20 14.23
N VAL C 327 -45.08 -15.32 15.23
CA VAL C 327 -44.66 -13.94 14.97
C VAL C 327 -43.23 -13.91 14.44
N PHE C 328 -42.36 -14.75 14.99
CA PHE C 328 -40.97 -14.79 14.51
C PHE C 328 -40.92 -15.23 13.05
N SER C 329 -41.67 -16.27 12.70
CA SER C 329 -41.68 -16.74 11.32
C SER C 329 -42.29 -15.70 10.39
N PHE C 330 -43.31 -14.97 10.84
CA PHE C 330 -43.89 -13.91 10.02
C PHE C 330 -42.87 -12.80 9.78
N PHE C 331 -42.13 -12.42 10.82
CA PHE C 331 -41.09 -11.41 10.65
C PHE C 331 -40.03 -11.86 9.66
N ASN C 332 -39.60 -13.12 9.75
CA ASN C 332 -38.62 -13.63 8.79
C ASN C 332 -39.18 -13.64 7.38
N ILE C 333 -40.47 -13.97 7.23
CA ILE C 333 -41.12 -13.94 5.93
C ILE C 333 -41.03 -12.55 5.33
N VAL C 334 -41.45 -11.53 6.09
CA VAL C 334 -41.40 -10.16 5.59
C VAL C 334 -39.97 -9.76 5.27
N TYR C 335 -39.02 -10.14 6.12
CA TYR C 335 -37.62 -9.81 5.91
C TYR C 335 -37.11 -10.35 4.59
N TRP C 336 -37.24 -11.66 4.38
CA TRP C 336 -36.70 -12.27 3.17
C TRP C 336 -37.48 -11.87 1.93
N LEU C 337 -38.76 -11.52 2.06
CA LEU C 337 -39.49 -11.03 0.91
C LEU C 337 -39.21 -9.55 0.62
N TYR C 338 -38.64 -8.82 1.57
CA TYR C 338 -38.30 -7.42 1.35
C TYR C 338 -36.88 -7.25 0.83
N TYR C 339 -35.93 -8.06 1.30
CA TYR C 339 -34.55 -7.95 0.85
C TYR C 339 -34.24 -8.80 -0.38
N VAL C 340 -35.22 -9.50 -0.92
CA VAL C 340 -35.01 -10.30 -2.13
C VAL C 340 -36.13 -10.00 -3.12
N ASN D 11 1.87 22.83 -44.16
CA ASN D 11 2.29 21.63 -43.45
C ASN D 11 2.64 21.94 -42.01
N THR D 12 3.34 21.01 -41.37
CA THR D 12 3.80 21.21 -40.00
C THR D 12 5.10 22.00 -39.92
N THR D 13 5.78 22.18 -41.05
CA THR D 13 7.05 22.90 -41.05
C THR D 13 6.85 24.36 -40.65
N VAL D 14 5.74 24.96 -41.07
CA VAL D 14 5.44 26.34 -40.66
C VAL D 14 5.36 26.43 -39.14
N PHE D 15 4.61 25.52 -38.53
CA PHE D 15 4.45 25.56 -37.08
C PHE D 15 5.76 25.26 -36.37
N THR D 16 6.57 24.35 -36.92
CA THR D 16 7.85 24.05 -36.30
C THR D 16 8.78 25.25 -36.34
N ARG D 17 8.80 25.97 -37.47
CA ARG D 17 9.62 27.17 -37.56
C ARG D 17 9.13 28.24 -36.60
N ILE D 18 7.81 28.42 -36.50
CA ILE D 18 7.25 29.37 -35.54
C ILE D 18 7.69 29.02 -34.13
N LEU D 19 7.58 27.74 -33.76
CA LEU D 19 7.91 27.32 -32.41
C LEU D 19 9.39 27.50 -32.12
N ASP D 20 10.26 27.19 -33.08
CA ASP D 20 11.69 27.31 -32.84
C ASP D 20 12.11 28.77 -32.77
N ARG D 21 11.49 29.65 -33.56
CA ARG D 21 11.75 31.07 -33.40
C ARG D 21 11.24 31.57 -32.06
N LEU D 22 10.15 30.98 -31.57
CA LEU D 22 9.58 31.41 -30.30
C LEU D 22 10.48 31.03 -29.13
N LEU D 23 10.84 29.75 -29.03
CA LEU D 23 11.67 29.28 -27.92
C LEU D 23 13.10 29.81 -27.99
N ASP D 24 13.51 30.38 -29.12
CA ASP D 24 14.86 30.92 -29.23
C ASP D 24 15.02 32.14 -28.34
N GLY D 25 16.07 32.15 -27.52
CA GLY D 25 16.36 33.28 -26.66
C GLY D 25 15.48 33.42 -25.44
N TYR D 26 14.57 32.48 -25.20
CA TYR D 26 13.69 32.54 -24.05
C TYR D 26 14.40 31.90 -22.85
N ASP D 27 14.74 32.73 -21.88
CA ASP D 27 15.51 32.29 -20.71
C ASP D 27 14.52 31.96 -19.59
N ASN D 28 14.45 30.68 -19.22
CA ASN D 28 13.44 30.23 -18.28
C ASN D 28 13.74 30.63 -16.84
N ARG D 29 14.98 30.99 -16.53
CA ARG D 29 15.30 31.36 -15.15
C ARG D 29 14.63 32.67 -14.77
N LEU D 30 14.42 33.57 -15.72
CA LEU D 30 13.77 34.84 -15.46
C LEU D 30 12.25 34.70 -15.56
N ARG D 31 11.56 35.52 -14.80
CA ARG D 31 10.11 35.59 -14.86
C ARG D 31 9.69 36.64 -15.88
N PRO D 32 8.42 36.62 -16.31
CA PRO D 32 7.98 37.58 -17.34
C PRO D 32 7.86 38.98 -16.77
N GLY D 33 8.45 39.95 -17.45
CA GLY D 33 8.39 41.33 -17.02
C GLY D 33 9.18 41.59 -15.76
N LEU D 34 10.50 41.46 -15.83
CA LEU D 34 11.32 41.58 -14.64
C LEU D 34 11.42 43.03 -14.17
N GLY D 35 12.00 43.89 -15.01
CA GLY D 35 12.15 45.29 -14.62
C GLY D 35 10.83 46.04 -14.63
N GLU D 36 9.85 45.53 -15.37
CA GLU D 36 8.55 46.17 -15.51
C GLU D 36 7.63 45.70 -14.39
N ARG D 37 6.32 45.87 -14.58
CA ARG D 37 5.30 45.55 -13.58
C ARG D 37 5.40 44.12 -13.07
N VAL D 38 4.74 43.85 -11.95
CA VAL D 38 4.76 42.54 -11.34
C VAL D 38 3.97 41.56 -12.21
N THR D 39 4.36 40.30 -12.16
CA THR D 39 3.63 39.26 -12.88
C THR D 39 2.43 38.82 -12.04
N GLU D 40 1.26 38.76 -12.67
CA GLU D 40 0.02 38.43 -11.99
C GLU D 40 -0.50 37.09 -12.48
N VAL D 41 -0.70 36.16 -11.55
CA VAL D 41 -1.13 34.81 -11.86
C VAL D 41 -2.56 34.61 -11.39
N LYS D 42 -3.38 34.00 -12.23
CA LYS D 42 -4.78 33.75 -11.92
C LYS D 42 -4.99 32.26 -11.71
N THR D 43 -5.64 31.91 -10.61
CA THR D 43 -5.73 30.52 -10.15
C THR D 43 -7.18 30.06 -10.17
N ASP D 44 -7.38 28.76 -10.39
CA ASP D 44 -8.70 28.15 -10.31
C ASP D 44 -8.56 26.72 -9.83
N ILE D 45 -9.57 26.26 -9.10
CA ILE D 45 -9.59 24.91 -8.53
C ILE D 45 -10.92 24.26 -8.83
N PHE D 46 -10.87 23.07 -9.41
CA PHE D 46 -12.03 22.24 -9.68
C PHE D 46 -11.80 20.91 -8.98
N VAL D 47 -12.61 20.61 -7.97
CA VAL D 47 -12.42 19.44 -7.13
C VAL D 47 -13.20 18.28 -7.74
N THR D 48 -12.49 17.29 -8.26
CA THR D 48 -13.16 16.15 -8.86
C THR D 48 -13.80 15.26 -7.81
N SER D 49 -13.11 15.06 -6.69
CA SER D 49 -13.64 14.22 -5.62
C SER D 49 -12.97 14.57 -4.32
N PHE D 50 -13.74 14.54 -3.23
CA PHE D 50 -13.28 14.88 -1.91
C PHE D 50 -13.02 13.59 -1.15
N GLY D 51 -11.75 13.26 -0.95
CA GLY D 51 -11.37 11.94 -0.50
C GLY D 51 -11.75 11.69 0.95
N PRO D 52 -11.39 10.52 1.44
CA PRO D 52 -11.74 10.15 2.81
C PRO D 52 -10.96 10.98 3.82
N VAL D 53 -11.67 11.48 4.83
CA VAL D 53 -11.08 12.29 5.89
C VAL D 53 -10.77 11.39 7.07
N SER D 54 -9.50 11.31 7.44
CA SER D 54 -9.05 10.40 8.49
C SER D 54 -8.82 11.20 9.77
N ASP D 55 -9.54 10.83 10.82
CA ASP D 55 -9.41 11.52 12.10
C ASP D 55 -8.14 11.11 12.83
N HIS D 56 -7.72 9.85 12.66
CA HIS D 56 -6.57 9.36 13.40
C HIS D 56 -5.31 10.10 13.00
N ASP D 57 -5.14 10.40 11.72
CA ASP D 57 -4.06 11.26 11.27
C ASP D 57 -4.46 12.72 11.17
N MET D 58 -5.75 13.03 11.33
CA MET D 58 -6.27 14.39 11.21
C MET D 58 -5.91 14.99 9.85
N GLU D 59 -6.10 14.21 8.79
CA GLU D 59 -5.76 14.65 7.46
C GLU D 59 -6.88 14.31 6.48
N TYR D 60 -7.03 15.13 5.45
CA TYR D 60 -8.05 14.89 4.42
C TYR D 60 -7.38 14.87 3.06
N THR D 61 -7.77 13.90 2.24
CA THR D 61 -7.32 13.81 0.86
C THR D 61 -8.31 14.50 -0.05
N ILE D 62 -7.80 15.16 -1.09
CA ILE D 62 -8.62 15.88 -2.05
C ILE D 62 -8.01 15.64 -3.43
N ASP D 63 -8.85 15.69 -4.46
CA ASP D 63 -8.41 15.49 -5.84
C ASP D 63 -8.81 16.72 -6.66
N VAL D 64 -7.81 17.43 -7.19
CA VAL D 64 -8.05 18.74 -7.77
C VAL D 64 -7.53 18.81 -9.19
N PHE D 65 -8.09 19.75 -9.95
CA PHE D 65 -7.65 20.12 -11.29
C PHE D 65 -7.10 21.54 -11.19
N PHE D 66 -5.84 21.67 -10.80
CA PHE D 66 -5.28 22.99 -10.53
C PHE D 66 -5.03 23.73 -11.84
N ARG D 67 -5.60 24.92 -12.00
CA ARG D 67 -5.43 25.69 -13.22
C ARG D 67 -4.78 27.03 -12.89
N GLN D 68 -3.84 27.45 -13.73
CA GLN D 68 -3.20 28.74 -13.58
C GLN D 68 -3.08 29.41 -14.94
N SER D 69 -3.10 30.73 -14.93
CA SER D 69 -3.04 31.50 -16.16
C SER D 69 -2.23 32.77 -15.91
N TRP D 70 -1.32 33.10 -16.82
CA TRP D 70 -0.56 34.32 -16.64
C TRP D 70 -0.17 34.91 -17.98
N LYS D 71 -0.07 36.24 -18.01
CA LYS D 71 0.28 36.94 -19.24
C LYS D 71 1.79 37.01 -19.38
N ASP D 72 2.28 36.68 -20.57
CA ASP D 72 3.70 36.69 -20.86
C ASP D 72 3.93 37.34 -22.21
N GLU D 73 4.87 38.28 -22.26
CA GLU D 73 5.06 39.10 -23.45
C GLU D 73 5.89 38.39 -24.53
N ARG D 74 6.86 37.57 -24.12
CA ARG D 74 7.83 37.06 -25.08
C ARG D 74 7.24 35.98 -25.97
N LEU D 75 6.16 35.32 -25.55
CA LEU D 75 5.64 34.18 -26.29
C LEU D 75 4.61 34.57 -27.33
N LYS D 76 4.39 35.85 -27.60
CA LYS D 76 3.41 36.22 -28.62
C LYS D 76 3.98 35.96 -30.01
N PHE D 77 3.09 35.60 -30.93
CA PHE D 77 3.46 35.25 -32.29
C PHE D 77 2.35 35.65 -33.24
N LYS D 78 2.66 35.62 -34.53
CA LYS D 78 1.68 35.91 -35.58
C LYS D 78 1.59 34.70 -36.50
N GLY D 79 0.44 34.03 -36.48
CA GLY D 79 0.23 32.84 -37.27
C GLY D 79 -1.23 32.57 -37.56
N PRO D 80 -1.51 31.53 -38.34
CA PRO D 80 -2.91 31.24 -38.69
C PRO D 80 -3.68 30.51 -37.60
N MET D 81 -3.00 29.79 -36.70
CA MET D 81 -3.71 28.92 -35.77
C MET D 81 -4.41 29.73 -34.67
N THR D 82 -3.73 30.72 -34.11
CA THR D 82 -4.28 31.69 -33.16
C THR D 82 -4.56 31.10 -31.79
N VAL D 83 -4.47 29.78 -31.65
CA VAL D 83 -4.52 29.11 -30.36
C VAL D 83 -3.71 27.82 -30.46
N LEU D 84 -2.69 27.68 -29.64
CA LEU D 84 -1.80 26.52 -29.70
C LEU D 84 -2.06 25.63 -28.48
N ARG D 85 -2.51 24.41 -28.73
CA ARG D 85 -2.57 23.37 -27.71
C ARG D 85 -1.31 22.52 -27.85
N LEU D 86 -0.38 22.69 -26.92
CA LEU D 86 0.92 22.06 -27.07
C LEU D 86 1.03 20.84 -26.17
N ASN D 87 2.02 20.01 -26.47
CA ASN D 87 2.21 18.77 -25.72
C ASN D 87 2.68 19.09 -24.32
N ASN D 88 2.62 18.07 -23.46
CA ASN D 88 2.93 18.27 -22.04
C ASN D 88 4.41 18.55 -21.83
N LEU D 89 5.27 17.88 -22.60
CA LEU D 89 6.71 17.96 -22.35
C LEU D 89 7.28 19.35 -22.60
N MET D 90 6.54 20.23 -23.29
CA MET D 90 7.02 21.58 -23.47
C MET D 90 6.89 22.43 -22.20
N ALA D 91 6.15 21.95 -21.21
CA ALA D 91 5.88 22.77 -20.03
C ALA D 91 7.16 23.09 -19.25
N SER D 92 8.19 22.26 -19.38
CA SER D 92 9.38 22.45 -18.57
C SER D 92 10.28 23.55 -19.11
N LYS D 93 10.15 23.88 -20.39
CA LYS D 93 11.08 24.84 -20.99
C LYS D 93 10.68 26.28 -20.67
N ILE D 94 9.40 26.61 -20.72
CA ILE D 94 8.94 27.95 -20.41
C ILE D 94 8.93 28.16 -18.91
N TRP D 95 8.78 29.41 -18.47
CA TRP D 95 8.66 29.68 -17.04
C TRP D 95 7.36 29.11 -16.50
N THR D 96 7.41 28.58 -15.30
CA THR D 96 6.22 28.07 -14.63
C THR D 96 6.25 28.48 -13.16
N PRO D 97 5.24 29.21 -12.68
CA PRO D 97 5.30 29.67 -11.29
C PRO D 97 5.17 28.51 -10.33
N ASP D 98 6.00 28.53 -9.30
CA ASP D 98 5.96 27.49 -8.28
C ASP D 98 4.84 27.81 -7.29
N THR D 99 4.04 26.80 -6.97
CA THR D 99 2.89 26.98 -6.10
C THR D 99 2.82 25.78 -5.17
N PHE D 100 3.40 25.93 -3.97
CA PHE D 100 3.45 24.81 -3.00
C PHE D 100 2.37 25.03 -1.93
N PHE D 101 1.56 24.00 -1.67
CA PHE D 101 0.52 24.10 -0.65
C PHE D 101 1.17 24.19 0.73
N HIS D 102 0.89 25.31 1.43
CA HIS D 102 1.50 25.66 2.73
C HIS D 102 1.37 24.56 3.79
N ASN D 103 0.29 23.78 3.76
CA ASN D 103 0.13 22.74 4.77
C ASN D 103 -0.19 21.38 4.16
N GLY D 104 0.56 20.99 3.14
CA GLY D 104 0.38 19.68 2.55
C GLY D 104 1.33 18.68 3.13
N LYS D 105 0.80 17.63 3.78
CA LYS D 105 1.68 16.62 4.36
C LYS D 105 2.45 15.86 3.29
N LYS D 106 1.76 15.39 2.26
CA LYS D 106 2.41 14.67 1.17
C LYS D 106 1.48 14.62 -0.03
N SER D 107 1.97 15.06 -1.18
CA SER D 107 1.15 15.14 -2.38
C SER D 107 1.85 14.39 -3.50
N VAL D 108 1.08 14.07 -4.54
CA VAL D 108 1.57 13.29 -5.66
C VAL D 108 0.86 13.74 -6.93
N ALA D 109 1.64 14.06 -7.95
CA ALA D 109 1.10 14.43 -9.26
C ALA D 109 1.07 13.18 -10.13
N HIS D 110 -0.11 12.85 -10.66
CA HIS D 110 -0.27 11.60 -11.37
C HIS D 110 0.54 11.59 -12.66
N ASN D 111 1.03 10.41 -13.02
CA ASN D 111 1.87 10.21 -14.20
C ASN D 111 1.40 8.96 -14.94
N MET D 112 0.10 8.87 -15.19
CA MET D 112 -0.51 7.60 -15.58
C MET D 112 0.06 7.05 -16.88
N THR D 113 -0.15 7.77 -17.98
CA THR D 113 0.39 7.38 -19.27
C THR D 113 1.18 8.49 -19.94
N MET D 114 1.15 9.69 -19.39
CA MET D 114 1.93 10.83 -19.84
C MET D 114 1.71 11.90 -18.78
N PRO D 115 2.70 12.74 -18.50
CA PRO D 115 2.55 13.72 -17.42
C PRO D 115 1.27 14.51 -17.56
N ASN D 116 0.44 14.50 -16.52
CA ASN D 116 -0.85 15.18 -16.56
C ASN D 116 -0.63 16.68 -16.48
N LYS D 117 -0.33 17.26 -17.64
CA LYS D 117 -0.16 18.70 -17.76
C LYS D 117 -0.69 19.10 -19.13
N LEU D 118 -1.32 20.26 -19.20
CA LEU D 118 -1.82 20.79 -20.46
C LEU D 118 -1.34 22.22 -20.60
N LEU D 119 -0.81 22.55 -21.77
CA LEU D 119 -0.26 23.87 -22.03
C LEU D 119 -1.00 24.49 -23.21
N ARG D 120 -1.54 25.68 -23.00
CA ARG D 120 -2.36 26.35 -24.01
C ARG D 120 -1.86 27.78 -24.16
N ILE D 121 -1.35 28.10 -25.33
CA ILE D 121 -0.74 29.41 -25.61
C ILE D 121 -1.63 30.14 -26.59
N THR D 122 -2.13 31.30 -26.18
CA THR D 122 -2.96 32.13 -27.04
C THR D 122 -2.10 33.06 -27.88
N GLU D 123 -2.74 33.71 -28.85
CA GLU D 123 -2.01 34.62 -29.74
C GLU D 123 -1.52 35.84 -29.00
N ASP D 124 -2.25 36.28 -27.97
CA ASP D 124 -1.81 37.45 -27.21
C ASP D 124 -0.59 37.12 -26.34
N GLY D 125 -0.58 35.95 -25.74
CA GLY D 125 0.50 35.57 -24.84
C GLY D 125 -0.01 35.17 -23.47
N THR D 126 -1.29 34.81 -23.40
CA THR D 126 -1.93 34.46 -22.13
C THR D 126 -1.81 32.95 -21.94
N LEU D 127 -0.75 32.53 -21.24
CA LEU D 127 -0.52 31.11 -21.04
C LEU D 127 -1.52 30.53 -20.07
N LEU D 128 -2.03 29.35 -20.40
CA LEU D 128 -2.86 28.56 -19.50
C LEU D 128 -2.16 27.23 -19.24
N TYR D 129 -2.12 26.82 -17.98
CA TYR D 129 -1.31 25.68 -17.55
C TYR D 129 -2.02 25.01 -16.39
N THR D 130 -2.42 23.76 -16.57
CA THR D 130 -3.17 23.04 -15.54
C THR D 130 -2.55 21.69 -15.26
N MET D 131 -2.64 21.28 -14.00
CA MET D 131 -2.17 19.99 -13.56
C MET D 131 -3.31 19.26 -12.86
N ARG D 132 -3.13 17.97 -12.62
CA ARG D 132 -4.05 17.20 -11.80
C ARG D 132 -3.30 16.74 -10.56
N LEU D 133 -3.91 16.90 -9.40
CA LEU D 133 -3.21 16.68 -8.15
C LEU D 133 -4.06 15.89 -7.18
N THR D 134 -3.38 15.11 -6.34
CA THR D 134 -3.98 14.48 -5.18
C THR D 134 -3.29 15.08 -3.96
N VAL D 135 -3.99 15.96 -3.27
CA VAL D 135 -3.41 16.76 -2.19
C VAL D 135 -3.89 16.20 -0.87
N ARG D 136 -2.95 15.90 0.01
CA ARG D 136 -3.23 15.33 1.32
C ARG D 136 -2.85 16.38 2.36
N ALA D 137 -3.85 17.07 2.91
CA ALA D 137 -3.58 18.23 3.74
C ALA D 137 -4.10 17.99 5.16
N GLU D 138 -3.45 18.64 6.12
CA GLU D 138 -3.79 18.51 7.52
C GLU D 138 -4.74 19.63 7.93
N CYS D 139 -5.71 19.31 8.78
CA CYS D 139 -6.58 20.31 9.39
C CYS D 139 -6.70 20.01 10.87
N PRO D 140 -6.29 20.91 11.75
CA PRO D 140 -6.52 20.72 13.17
C PRO D 140 -8.01 20.75 13.48
N MET D 141 -8.42 19.95 14.46
CA MET D 141 -9.82 19.81 14.80
C MET D 141 -10.02 20.01 16.29
N HIS D 142 -11.21 20.47 16.65
CA HIS D 142 -11.64 20.59 18.03
C HIS D 142 -12.67 19.50 18.28
N LEU D 143 -12.23 18.38 18.84
CA LEU D 143 -13.09 17.23 19.07
C LEU D 143 -13.80 17.28 20.41
N GLU D 144 -14.00 18.47 20.97
CA GLU D 144 -14.74 18.60 22.21
C GLU D 144 -16.21 18.25 22.00
N ASP D 145 -16.81 18.78 20.94
CA ASP D 145 -18.22 18.52 20.66
C ASP D 145 -18.46 17.17 19.99
N PHE D 146 -17.44 16.32 19.92
CA PHE D 146 -17.61 15.01 19.31
C PHE D 146 -18.71 14.23 20.03
N PRO D 147 -19.58 13.52 19.30
CA PRO D 147 -19.63 13.39 17.84
C PRO D 147 -20.57 14.38 17.18
N MET D 148 -21.00 15.40 17.91
CA MET D 148 -21.83 16.45 17.34
C MET D 148 -21.02 17.58 16.73
N ASP D 149 -19.76 17.31 16.36
CA ASP D 149 -18.86 18.36 15.94
C ASP D 149 -19.11 18.79 14.50
N ALA D 150 -18.73 20.03 14.20
CA ALA D 150 -18.73 20.56 12.84
C ALA D 150 -17.51 21.44 12.70
N HIS D 151 -16.57 21.02 11.86
CA HIS D 151 -15.29 21.71 11.71
C HIS D 151 -14.98 21.92 10.25
N ALA D 152 -14.11 22.90 9.99
CA ALA D 152 -13.77 23.32 8.64
C ALA D 152 -12.31 23.00 8.36
N CYS D 153 -12.07 22.28 7.27
CA CYS D 153 -10.68 21.95 6.95
C CYS D 153 -10.14 22.92 5.91
N PRO D 154 -8.99 23.54 6.16
CA PRO D 154 -8.47 24.55 5.25
C PRO D 154 -7.46 24.02 4.24
N LEU D 155 -7.10 24.87 3.28
CA LEU D 155 -6.05 24.59 2.32
C LEU D 155 -5.49 25.92 1.85
N LYS D 156 -4.22 26.18 2.15
CA LYS D 156 -3.61 27.48 1.89
C LYS D 156 -2.42 27.28 0.95
N PHE D 157 -2.48 27.92 -0.20
CA PHE D 157 -1.38 27.83 -1.16
C PHE D 157 -0.90 29.23 -1.54
N GLY D 158 0.41 29.35 -1.69
CA GLY D 158 1.01 30.62 -2.04
C GLY D 158 2.30 30.38 -2.79
N SER D 159 2.86 31.46 -3.34
CA SER D 159 4.08 31.31 -4.17
C SER D 159 5.30 31.07 -3.30
N TYR D 160 6.35 30.51 -3.90
CA TYR D 160 7.61 30.23 -3.17
C TYR D 160 8.73 31.02 -3.83
N ALA D 161 9.75 31.32 -3.06
CA ALA D 161 10.93 32.03 -3.56
C ALA D 161 10.60 33.31 -4.30
N TYR D 162 9.39 33.84 -4.12
CA TYR D 162 8.99 35.08 -4.78
C TYR D 162 8.18 35.90 -3.79
N THR D 163 8.64 37.11 -3.48
CA THR D 163 7.91 37.95 -2.55
C THR D 163 6.63 38.47 -3.18
N ARG D 164 5.86 39.22 -2.39
CA ARG D 164 4.66 39.86 -2.91
C ARG D 164 5.00 40.93 -3.92
N ALA D 165 6.22 41.45 -3.88
CA ALA D 165 6.61 42.49 -4.83
C ALA D 165 6.71 41.95 -6.25
N GLU D 166 6.81 40.63 -6.40
CA GLU D 166 7.12 40.06 -7.70
C GLU D 166 6.02 39.17 -8.27
N VAL D 167 5.22 38.50 -7.44
CA VAL D 167 4.15 37.64 -7.92
C VAL D 167 2.93 37.82 -7.02
N VAL D 168 1.77 38.07 -7.63
CA VAL D 168 0.53 38.30 -6.91
C VAL D 168 -0.53 37.36 -7.48
N TYR D 169 -1.20 36.62 -6.60
CA TYR D 169 -2.22 35.65 -7.02
C TYR D 169 -3.60 36.26 -6.97
N GLU D 170 -4.42 35.93 -7.97
CA GLU D 170 -5.80 36.36 -8.03
C GLU D 170 -6.66 35.23 -8.56
N TRP D 171 -7.98 35.36 -8.38
CA TRP D 171 -8.90 34.34 -8.85
C TRP D 171 -9.44 34.69 -10.23
N THR D 172 -9.68 33.66 -11.04
CA THR D 172 -10.03 33.89 -12.44
C THR D 172 -11.42 34.49 -12.57
N ARG D 173 -12.37 34.02 -11.77
CA ARG D 173 -13.75 34.48 -11.82
C ARG D 173 -14.07 35.17 -10.50
N GLU D 174 -15.35 35.49 -10.31
CA GLU D 174 -15.79 35.96 -9.00
C GLU D 174 -15.43 34.92 -7.95
N PRO D 175 -14.81 35.30 -6.84
CA PRO D 175 -14.26 34.30 -5.91
C PRO D 175 -15.27 33.26 -5.46
N ALA D 176 -16.52 33.66 -5.23
CA ALA D 176 -17.53 32.71 -4.77
C ALA D 176 -17.68 31.54 -5.73
N ARG D 177 -17.49 31.77 -7.02
CA ARG D 177 -17.59 30.72 -8.03
C ARG D 177 -16.23 30.24 -8.52
N SER D 178 -15.17 30.45 -7.75
CA SER D 178 -13.86 29.98 -8.19
C SER D 178 -13.64 28.51 -7.87
N VAL D 179 -13.65 28.15 -6.58
CA VAL D 179 -13.51 26.76 -6.18
C VAL D 179 -14.81 26.04 -6.51
N VAL D 180 -14.78 25.19 -7.53
CA VAL D 180 -15.98 24.52 -8.03
C VAL D 180 -15.87 23.04 -7.71
N VAL D 181 -16.91 22.49 -7.10
CA VAL D 181 -16.91 21.09 -6.67
C VAL D 181 -17.95 20.33 -7.49
N ALA D 182 -17.57 19.13 -7.92
CA ALA D 182 -18.48 18.31 -8.71
C ALA D 182 -19.60 17.76 -7.84
N GLU D 183 -20.72 17.44 -8.47
CA GLU D 183 -21.91 17.02 -7.73
C GLU D 183 -21.74 15.64 -7.14
N ASP D 184 -21.49 14.63 -7.99
CA ASP D 184 -21.31 13.26 -7.54
C ASP D 184 -19.88 12.97 -7.10
N GLY D 185 -19.01 13.98 -7.09
CA GLY D 185 -17.62 13.73 -6.76
C GLY D 185 -17.40 13.40 -5.30
N SER D 186 -18.21 13.98 -4.42
CA SER D 186 -18.05 13.78 -2.99
C SER D 186 -18.14 12.31 -2.63
N ARG D 187 -17.03 11.73 -2.18
CA ARG D 187 -17.01 10.38 -1.64
C ARG D 187 -16.54 10.47 -0.20
N LEU D 188 -17.49 10.73 0.70
CA LEU D 188 -17.24 10.79 2.13
C LEU D 188 -18.06 9.70 2.80
N ASN D 189 -17.37 8.74 3.41
CA ASN D 189 -18.09 7.66 4.10
C ASN D 189 -18.90 8.21 5.27
N GLN D 190 -18.28 9.07 6.09
CA GLN D 190 -18.84 9.46 7.38
C GLN D 190 -19.25 10.91 7.46
N TYR D 191 -18.36 11.83 7.09
CA TYR D 191 -18.67 13.25 7.16
C TYR D 191 -19.67 13.64 6.09
N ASP D 192 -19.99 14.94 6.04
CA ASP D 192 -20.88 15.49 5.03
C ASP D 192 -20.40 16.88 4.66
N LEU D 193 -20.46 17.20 3.37
CA LEU D 193 -19.98 18.48 2.87
C LEU D 193 -21.11 19.50 2.88
N LEU D 194 -20.82 20.69 3.41
CA LEU D 194 -21.80 21.76 3.51
C LEU D 194 -21.53 22.87 2.49
N GLY D 195 -20.33 23.42 2.48
CA GLY D 195 -20.04 24.54 1.60
C GLY D 195 -18.55 24.81 1.52
N GLN D 196 -18.21 25.79 0.69
CA GLN D 196 -16.83 26.17 0.42
C GLN D 196 -16.69 27.67 0.50
N THR D 197 -15.54 28.13 1.00
CA THR D 197 -15.29 29.55 1.15
C THR D 197 -13.86 29.85 0.76
N VAL D 198 -13.63 31.07 0.26
CA VAL D 198 -12.31 31.47 -0.22
C VAL D 198 -11.92 32.78 0.44
N ASP D 199 -10.61 33.05 0.46
CA ASP D 199 -10.08 34.26 1.06
C ASP D 199 -8.68 34.51 0.54
N SER D 200 -8.31 35.78 0.44
CA SER D 200 -6.96 36.18 0.09
C SER D 200 -6.27 36.77 1.31
N GLY D 201 -4.97 36.59 1.42
CA GLY D 201 -4.26 37.11 2.57
C GLY D 201 -2.80 37.32 2.29
N ILE D 202 -2.13 37.96 3.23
CA ILE D 202 -0.71 38.26 3.15
C ILE D 202 -0.03 37.72 4.40
N VAL D 203 1.02 36.92 4.21
CA VAL D 203 1.75 36.32 5.31
C VAL D 203 3.14 36.95 5.36
N GLN D 204 3.50 37.48 6.53
CA GLN D 204 4.78 38.13 6.72
C GLN D 204 5.74 37.19 7.43
N SER D 205 6.96 37.07 6.90
CA SER D 205 7.95 36.15 7.52
C SER D 205 9.34 36.79 7.56
N SER D 206 10.34 36.01 7.97
CA SER D 206 11.74 36.50 8.09
C SER D 206 12.25 36.92 6.72
N THR D 207 11.90 36.17 5.67
CA THR D 207 12.38 36.50 4.30
C THR D 207 11.61 37.72 3.76
N GLY D 208 10.28 37.72 3.83
CA GLY D 208 9.52 38.82 3.28
C GLY D 208 8.03 38.55 3.36
N GLU D 209 7.29 39.27 2.51
CA GLU D 209 5.84 39.12 2.45
C GLU D 209 5.47 38.19 1.30
N TYR D 210 4.51 37.29 1.54
CA TYR D 210 4.09 36.34 0.48
C TYR D 210 2.56 36.27 0.42
N VAL D 211 2.00 36.44 -0.77
CA VAL D 211 0.56 36.37 -0.96
C VAL D 211 0.13 34.93 -0.78
N VAL D 212 -1.06 34.72 -0.20
CA VAL D 212 -1.52 33.38 0.14
C VAL D 212 -3.03 33.31 -0.11
N MET D 213 -3.45 32.31 -0.88
CA MET D 213 -4.87 32.04 -1.09
C MET D 213 -5.29 30.95 -0.11
N THR D 214 -6.39 31.18 0.59
CA THR D 214 -6.92 30.24 1.56
C THR D 214 -8.29 29.77 1.09
N THR D 215 -8.54 28.47 1.20
CA THR D 215 -9.83 27.90 0.87
C THR D 215 -10.26 26.98 1.99
N HIS D 216 -11.44 27.24 2.56
CA HIS D 216 -12.01 26.43 3.62
C HIS D 216 -13.11 25.56 3.06
N PHE D 217 -13.09 24.28 3.40
CA PHE D 217 -14.18 23.35 3.11
C PHE D 217 -14.88 23.02 4.42
N HIS D 218 -16.17 23.33 4.52
CA HIS D 218 -16.92 23.09 5.74
C HIS D 218 -17.43 21.66 5.77
N LEU D 219 -17.27 20.99 6.90
CA LEU D 219 -17.69 19.60 7.06
C LEU D 219 -18.55 19.45 8.29
N LYS D 220 -19.47 18.49 8.23
CA LYS D 220 -20.32 18.12 9.35
C LYS D 220 -20.39 16.60 9.42
N ARG D 221 -20.60 16.07 10.63
CA ARG D 221 -20.54 14.64 10.86
C ARG D 221 -21.94 14.05 10.96
N LYS D 222 -22.15 12.91 10.31
CA LYS D 222 -23.39 12.18 10.46
C LYS D 222 -23.44 11.49 11.82
N ILE D 223 -24.63 11.50 12.45
CA ILE D 223 -24.78 10.93 13.78
C ILE D 223 -25.40 9.54 13.76
N GLY D 224 -25.96 9.11 12.64
CA GLY D 224 -26.72 7.88 12.61
C GLY D 224 -25.93 6.67 13.06
N TYR D 225 -24.64 6.63 12.71
CA TYR D 225 -23.82 5.49 13.11
C TYR D 225 -23.70 5.40 14.62
N PHE D 226 -23.30 6.50 15.27
CA PHE D 226 -23.11 6.49 16.71
C PHE D 226 -24.44 6.41 17.46
N VAL D 227 -25.57 6.67 16.80
CA VAL D 227 -26.85 6.48 17.45
C VAL D 227 -27.03 5.02 17.86
N ILE D 228 -26.90 4.11 16.89
CA ILE D 228 -27.03 2.68 17.18
C ILE D 228 -25.73 2.04 17.66
N GLN D 229 -24.61 2.77 17.59
CA GLN D 229 -23.34 2.17 17.93
C GLN D 229 -23.16 2.06 19.44
N THR D 230 -23.26 3.18 20.15
CA THR D 230 -22.90 3.19 21.56
C THR D 230 -24.02 3.74 22.44
N TYR D 231 -24.77 4.71 21.94
CA TYR D 231 -25.82 5.32 22.76
C TYR D 231 -26.92 4.33 23.07
N LEU D 232 -27.43 3.64 22.05
CA LEU D 232 -28.48 2.65 22.29
C LEU D 232 -28.03 1.51 23.19
N PRO D 233 -26.84 0.94 23.05
CA PRO D 233 -26.41 -0.07 24.04
C PRO D 233 -26.42 0.44 25.46
N CYS D 234 -25.90 1.65 25.71
CA CYS D 234 -25.87 2.13 27.09
C CYS D 234 -27.26 2.43 27.61
N ILE D 235 -28.15 2.95 26.77
CA ILE D 235 -29.51 3.20 27.21
C ILE D 235 -30.22 1.89 27.55
N MET D 236 -30.09 0.90 26.67
CA MET D 236 -30.69 -0.41 26.94
C MET D 236 -30.12 -1.02 28.22
N THR D 237 -28.81 -0.84 28.44
CA THR D 237 -28.19 -1.42 29.63
C THR D 237 -28.68 -0.73 30.90
N VAL D 238 -28.83 0.60 30.85
CA VAL D 238 -29.36 1.31 32.01
C VAL D 238 -30.78 0.83 32.31
N ILE D 239 -31.61 0.74 31.28
CA ILE D 239 -32.99 0.31 31.49
C ILE D 239 -33.04 -1.11 32.05
N LEU D 240 -32.20 -2.01 31.50
CA LEU D 240 -32.17 -3.38 31.98
C LEU D 240 -31.74 -3.43 33.44
N SER D 241 -30.62 -2.80 33.78
CA SER D 241 -30.13 -2.81 35.15
C SER D 241 -31.12 -2.20 36.12
N GLN D 242 -31.93 -1.23 35.66
CA GLN D 242 -32.95 -0.68 36.54
C GLN D 242 -34.13 -1.64 36.70
N VAL D 243 -34.43 -2.42 35.66
CA VAL D 243 -35.54 -3.37 35.73
C VAL D 243 -35.36 -4.34 36.88
N SER D 244 -34.12 -4.70 37.18
CA SER D 244 -33.84 -5.70 38.22
C SER D 244 -34.40 -5.30 39.57
N PHE D 245 -34.69 -4.02 39.79
CA PHE D 245 -35.20 -3.58 41.09
C PHE D 245 -36.62 -4.04 41.36
N TRP D 246 -37.34 -4.51 40.34
CA TRP D 246 -38.73 -4.90 40.56
C TRP D 246 -38.85 -6.33 41.06
N LEU D 247 -37.89 -7.18 40.72
CA LEU D 247 -37.92 -8.57 41.14
C LEU D 247 -37.84 -8.67 42.66
N ASN D 248 -38.28 -9.82 43.18
CA ASN D 248 -38.27 -10.06 44.62
C ASN D 248 -36.84 -10.15 45.13
N ARG D 249 -36.61 -9.61 46.34
CA ARG D 249 -35.28 -9.62 46.92
C ARG D 249 -34.88 -10.99 47.46
N GLU D 250 -35.81 -11.93 47.52
CA GLU D 250 -35.46 -13.29 47.95
C GLU D 250 -34.62 -14.00 46.90
N SER D 251 -34.96 -13.84 45.62
CA SER D 251 -34.23 -14.49 44.54
C SER D 251 -32.92 -13.73 44.33
N VAL D 252 -31.94 -14.09 45.14
CA VAL D 252 -30.64 -13.41 45.17
C VAL D 252 -29.80 -13.74 43.94
N PRO D 253 -29.57 -15.02 43.61
CA PRO D 253 -28.60 -15.30 42.53
C PRO D 253 -28.98 -14.69 41.19
N ALA D 254 -30.26 -14.64 40.87
CA ALA D 254 -30.69 -14.01 39.62
C ALA D 254 -30.30 -12.54 39.58
N ARG D 255 -30.57 -11.81 40.66
CA ARG D 255 -30.23 -10.40 40.70
C ARG D 255 -28.71 -10.18 40.71
N THR D 256 -27.96 -11.09 41.33
CA THR D 256 -26.50 -10.94 41.31
C THR D 256 -25.95 -11.15 39.91
N VAL D 257 -26.42 -12.19 39.21
CA VAL D 257 -26.03 -12.40 37.81
C VAL D 257 -26.42 -11.19 36.98
N PHE D 258 -27.61 -10.63 37.23
CA PHE D 258 -28.05 -9.42 36.55
C PHE D 258 -27.05 -8.30 36.72
N GLY D 259 -26.72 -7.96 37.97
CA GLY D 259 -25.82 -6.87 38.24
C GLY D 259 -24.43 -7.09 37.70
N VAL D 260 -23.98 -8.35 37.66
CA VAL D 260 -22.64 -8.64 37.12
C VAL D 260 -22.63 -8.46 35.60
N THR D 261 -23.64 -9.00 34.92
CA THR D 261 -23.69 -8.92 33.47
C THR D 261 -23.81 -7.49 33.00
N THR D 262 -24.60 -6.67 33.70
CA THR D 262 -24.71 -5.27 33.32
C THR D 262 -23.35 -4.58 33.35
N VAL D 263 -22.60 -4.76 34.43
CA VAL D 263 -21.31 -4.07 34.55
C VAL D 263 -20.32 -4.60 33.52
N LEU D 264 -20.35 -5.90 33.24
CA LEU D 264 -19.43 -6.44 32.24
C LEU D 264 -19.73 -5.89 30.85
N THR D 265 -21.02 -5.84 30.49
CA THR D 265 -21.39 -5.25 29.21
C THR D 265 -20.98 -3.78 29.15
N MET D 266 -21.15 -3.06 30.26
CA MET D 266 -20.73 -1.66 30.30
C MET D 266 -19.23 -1.54 30.07
N THR D 267 -18.45 -2.46 30.64
CA THR D 267 -17.00 -2.38 30.48
C THR D 267 -16.60 -2.63 29.03
N THR D 268 -17.21 -3.63 28.39
CA THR D 268 -16.94 -3.87 26.97
C THR D 268 -17.32 -2.65 26.13
N LEU D 269 -18.46 -2.04 26.44
CA LEU D 269 -18.90 -0.86 25.70
C LEU D 269 -17.91 0.29 25.87
N SER D 270 -17.40 0.47 27.09
CA SER D 270 -16.41 1.53 27.32
C SER D 270 -15.12 1.24 26.57
N ILE D 271 -14.71 -0.02 26.50
CA ILE D 271 -13.52 -0.36 25.72
C ILE D 271 -13.71 0.01 24.26
N SER D 272 -14.87 -0.32 23.69
CA SER D 272 -15.13 0.03 22.30
C SER D 272 -15.14 1.54 22.11
N ALA D 273 -15.78 2.27 23.02
CA ALA D 273 -15.85 3.72 22.90
C ALA D 273 -14.47 4.35 22.96
N ARG D 274 -13.59 3.82 23.81
CA ARG D 274 -12.22 4.30 23.82
C ARG D 274 -11.50 3.96 22.53
N ASN D 275 -11.81 2.80 21.94
CA ASN D 275 -11.27 2.46 20.63
C ASN D 275 -11.72 3.45 19.56
N SER D 276 -12.88 4.08 19.76
CA SER D 276 -13.50 4.87 18.70
C SER D 276 -12.61 6.00 18.20
N LEU D 277 -12.01 6.77 19.11
CA LEU D 277 -11.39 8.02 18.72
C LEU D 277 -9.91 8.05 19.08
N PRO D 278 -9.09 8.75 18.30
CA PRO D 278 -7.67 8.89 18.65
C PRO D 278 -7.49 9.64 19.97
N LYS D 279 -6.32 9.43 20.57
CA LYS D 279 -6.04 9.97 21.88
C LYS D 279 -6.01 11.49 21.86
N VAL D 280 -6.67 12.10 22.84
CA VAL D 280 -6.72 13.55 23.00
C VAL D 280 -6.72 13.89 24.48
N ALA D 281 -6.28 15.11 24.79
CA ALA D 281 -6.35 15.59 26.17
C ALA D 281 -7.76 16.00 26.54
N TYR D 282 -8.57 16.40 25.55
CA TYR D 282 -9.93 16.83 25.80
C TYR D 282 -10.77 15.70 26.40
N ALA D 283 -11.95 16.07 26.87
CA ALA D 283 -12.97 15.10 27.29
C ALA D 283 -14.11 15.15 26.28
N THR D 284 -14.29 14.07 25.54
CA THR D 284 -15.33 14.02 24.53
C THR D 284 -16.71 13.86 25.15
N ALA D 285 -17.73 14.35 24.45
CA ALA D 285 -19.09 14.29 24.98
C ALA D 285 -19.57 12.85 25.11
N MET D 286 -19.20 11.99 24.15
CA MET D 286 -19.57 10.58 24.25
C MET D 286 -18.95 9.95 25.49
N ASP D 287 -17.72 10.34 25.82
CA ASP D 287 -17.11 9.84 27.04
C ASP D 287 -17.88 10.30 28.27
N TRP D 288 -18.36 11.55 28.25
CA TRP D 288 -19.16 12.05 29.36
C TRP D 288 -20.43 11.24 29.54
N PHE D 289 -21.15 11.01 28.43
CA PHE D 289 -22.38 10.23 28.49
C PHE D 289 -22.12 8.82 29.00
N ILE D 290 -21.05 8.18 28.51
CA ILE D 290 -20.77 6.81 28.92
C ILE D 290 -20.34 6.75 30.38
N ALA D 291 -19.61 7.76 30.86
CA ALA D 291 -19.24 7.81 32.26
C ALA D 291 -20.47 7.91 33.15
N VAL D 292 -21.43 8.75 32.76
CA VAL D 292 -22.65 8.87 33.56
C VAL D 292 -23.46 7.59 33.53
N CYS D 293 -23.56 6.96 32.36
CA CYS D 293 -24.29 5.69 32.24
C CYS D 293 -23.68 4.61 33.13
N TYR D 294 -22.35 4.48 33.08
CA TYR D 294 -21.65 3.53 33.92
C TYR D 294 -21.84 3.85 35.40
N ALA D 295 -21.78 5.13 35.76
CA ALA D 295 -21.98 5.51 37.16
C ALA D 295 -23.37 5.13 37.63
N PHE D 296 -24.38 5.27 36.76
CA PHE D 296 -25.74 4.92 37.16
C PHE D 296 -25.87 3.43 37.39
N VAL D 297 -25.37 2.61 36.46
CA VAL D 297 -25.52 1.17 36.65
C VAL D 297 -24.72 0.70 37.87
N PHE D 298 -23.57 1.33 38.13
CA PHE D 298 -22.77 0.95 39.28
C PHE D 298 -23.45 1.35 40.59
N SER D 299 -24.09 2.52 40.61
CA SER D 299 -24.82 2.94 41.80
C SER D 299 -26.01 2.01 42.05
N ALA D 300 -26.67 1.56 40.98
CA ALA D 300 -27.76 0.61 41.15
C ALA D 300 -27.25 -0.70 41.75
N LEU D 301 -26.10 -1.19 41.26
CA LEU D 301 -25.54 -2.41 41.83
C LEU D 301 -25.17 -2.22 43.29
N ILE D 302 -24.61 -1.06 43.63
CA ILE D 302 -24.27 -0.78 45.03
C ILE D 302 -25.52 -0.77 45.89
N GLU D 303 -26.61 -0.20 45.38
CA GLU D 303 -27.86 -0.18 46.13
C GLU D 303 -28.36 -1.60 46.37
N PHE D 304 -28.32 -2.44 45.34
CA PHE D 304 -28.74 -3.83 45.53
C PHE D 304 -27.87 -4.52 46.57
N ALA D 305 -26.56 -4.28 46.53
CA ALA D 305 -25.67 -4.91 47.49
C ALA D 305 -25.99 -4.48 48.91
N THR D 306 -26.20 -3.18 49.11
CA THR D 306 -26.49 -2.71 50.46
C THR D 306 -27.87 -3.19 50.93
N VAL D 307 -28.81 -3.37 50.01
CA VAL D 307 -30.10 -3.94 50.39
C VAL D 307 -29.94 -5.39 50.83
N ASN D 308 -29.14 -6.16 50.10
CA ASN D 308 -28.94 -7.55 50.47
C ASN D 308 -28.18 -7.68 51.78
N TYR D 309 -27.31 -6.72 52.08
CA TYR D 309 -26.63 -6.73 53.38
C TYR D 309 -27.55 -6.26 54.50
N PHE D 310 -28.50 -5.37 54.18
CA PHE D 310 -29.36 -4.77 55.19
C PHE D 310 -30.60 -5.59 55.47
N THR D 311 -30.95 -6.55 54.60
CA THR D 311 -32.18 -7.30 54.77
C THR D 311 -32.24 -8.04 56.10
N LYS D 312 -31.09 -8.37 56.68
CA LYS D 312 -31.10 -9.16 57.91
C LYS D 312 -31.41 -8.29 59.13
N SER D 313 -30.92 -7.05 59.15
CA SER D 313 -31.11 -6.19 60.32
C SER D 313 -32.54 -5.66 60.37
N GLN D 314 -33.04 -5.12 59.26
CA GLN D 314 -34.36 -4.49 59.27
C GLN D 314 -34.97 -4.55 57.87
N PRO D 315 -35.84 -5.53 57.62
CA PRO D 315 -36.36 -5.71 56.25
C PRO D 315 -37.38 -4.66 55.83
N ALA D 316 -38.10 -4.05 56.78
CA ALA D 316 -39.08 -3.03 56.42
C ALA D 316 -38.40 -1.83 55.76
N ARG D 317 -37.32 -1.35 56.37
CA ARG D 317 -36.54 -0.27 55.76
C ARG D 317 -35.98 -0.69 54.41
N ALA D 318 -35.65 -1.97 54.25
CA ALA D 318 -35.16 -2.44 52.96
C ALA D 318 -36.25 -2.38 51.89
N ALA D 319 -37.47 -2.76 52.23
CA ALA D 319 -38.56 -2.68 51.26
C ALA D 319 -38.86 -1.22 50.90
N LYS D 320 -38.84 -0.33 51.90
CA LYS D 320 -39.02 1.08 51.62
C LYS D 320 -37.93 1.61 50.70
N ILE D 321 -36.68 1.21 50.96
CA ILE D 321 -35.56 1.62 50.11
C ILE D 321 -35.75 1.11 48.68
N ASP D 322 -36.19 -0.14 48.53
CA ASP D 322 -36.41 -0.69 47.20
C ASP D 322 -37.47 0.11 46.44
N ARG D 323 -38.62 0.35 47.09
CA ARG D 323 -39.68 1.09 46.41
C ARG D 323 -39.23 2.49 46.06
N LEU D 324 -38.48 3.14 46.95
CA LEU D 324 -38.00 4.50 46.69
C LEU D 324 -37.01 4.52 45.54
N SER D 325 -36.12 3.52 45.47
CA SER D 325 -35.17 3.47 44.36
C SER D 325 -35.90 3.25 43.04
N ARG D 326 -36.90 2.35 43.05
CA ARG D 326 -37.72 2.14 41.86
C ARG D 326 -38.32 3.46 41.37
N ILE D 327 -38.94 4.21 42.29
CA ILE D 327 -39.62 5.44 41.87
C ILE D 327 -38.66 6.60 41.66
N ALA D 328 -37.39 6.48 42.06
CA ALA D 328 -36.45 7.59 41.97
C ALA D 328 -35.48 7.49 40.80
N PHE D 329 -34.98 6.30 40.48
CA PHE D 329 -33.90 6.20 39.50
C PHE D 329 -34.30 6.65 38.09
N PRO D 330 -35.40 6.16 37.49
CA PRO D 330 -35.69 6.56 36.10
C PRO D 330 -35.92 8.05 35.94
N LEU D 331 -36.45 8.71 36.97
CA LEU D 331 -36.64 10.15 36.90
C LEU D 331 -35.31 10.86 36.68
N LEU D 332 -34.31 10.57 37.51
CA LEU D 332 -33.00 11.22 37.38
C LEU D 332 -32.34 10.85 36.07
N PHE D 333 -32.47 9.59 35.65
CA PHE D 333 -31.86 9.17 34.39
C PHE D 333 -32.44 9.95 33.21
N GLY D 334 -33.77 9.99 33.10
CA GLY D 334 -34.39 10.71 32.01
C GLY D 334 -34.09 12.20 32.05
N ILE D 335 -34.04 12.78 33.25
CA ILE D 335 -33.73 14.20 33.37
C ILE D 335 -32.33 14.49 32.84
N PHE D 336 -31.35 13.68 33.23
CA PHE D 336 -30.00 13.90 32.74
C PHE D 336 -29.93 13.70 31.23
N ASN D 337 -30.61 12.68 30.70
CA ASN D 337 -30.58 12.45 29.27
C ASN D 337 -31.16 13.65 28.51
N LEU D 338 -32.27 14.19 28.99
CA LEU D 338 -32.86 15.35 28.34
C LEU D 338 -31.90 16.54 28.38
N VAL D 339 -31.30 16.79 29.55
CA VAL D 339 -30.38 17.92 29.67
C VAL D 339 -29.23 17.77 28.69
N TYR D 340 -28.59 16.59 28.67
CA TYR D 340 -27.43 16.37 27.82
C TYR D 340 -27.78 16.53 26.35
N TRP D 341 -28.87 15.87 25.91
CA TRP D 341 -29.23 15.94 24.50
C TRP D 341 -29.59 17.34 24.08
N ALA D 342 -30.34 18.08 24.92
CA ALA D 342 -30.65 19.46 24.58
C ALA D 342 -29.38 20.30 24.47
N THR D 343 -28.47 20.14 25.44
CA THR D 343 -27.25 20.94 25.46
C THR D 343 -26.43 20.74 24.20
N TYR D 344 -26.27 19.49 23.76
CA TYR D 344 -25.39 19.26 22.62
C TYR D 344 -26.11 19.34 21.29
N LEU D 345 -27.45 19.31 21.29
CA LEU D 345 -28.16 19.51 20.03
C LEU D 345 -28.37 20.99 19.71
N ASN D 346 -28.54 21.83 20.75
CA ASN D 346 -28.75 23.25 20.51
C ASN D 346 -27.55 23.90 19.82
N ARG D 347 -26.36 23.35 20.04
CA ARG D 347 -25.14 23.91 19.44
C ARG D 347 -25.14 23.74 17.93
N GLY E 62 16.93 41.99 -19.73
CA GLY E 62 17.96 41.86 -20.75
C GLY E 62 19.36 41.77 -20.19
N ASP E 63 19.57 42.36 -19.02
CA ASP E 63 20.88 42.34 -18.39
C ASP E 63 21.10 41.04 -17.61
N VAL E 64 20.06 40.59 -16.90
CA VAL E 64 20.20 39.45 -16.00
C VAL E 64 20.64 38.20 -16.74
N THR E 65 20.20 38.04 -18.00
CA THR E 65 20.63 36.88 -18.77
C THR E 65 22.13 36.90 -18.99
N VAL E 66 22.68 38.06 -19.36
CA VAL E 66 24.12 38.16 -19.56
C VAL E 66 24.86 37.97 -18.25
N ILE E 67 24.31 38.49 -17.15
CA ILE E 67 24.95 38.32 -15.84
C ILE E 67 25.03 36.84 -15.48
N LEU E 68 23.94 36.10 -15.66
CA LEU E 68 23.97 34.68 -15.35
C LEU E 68 24.91 33.93 -16.28
N ASN E 69 24.89 34.24 -17.57
CA ASN E 69 25.77 33.54 -18.50
C ASN E 69 27.24 33.80 -18.18
N ASN E 70 27.56 34.99 -17.65
CA ASN E 70 28.94 35.24 -17.23
C ASN E 70 29.27 34.47 -15.96
N LEU E 71 28.32 34.40 -15.01
CA LEU E 71 28.57 33.68 -13.77
C LEU E 71 28.84 32.20 -14.04
N LEU E 72 28.05 31.59 -14.92
CA LEU E 72 28.14 30.15 -15.11
C LEU E 72 29.35 29.78 -15.97
N GLU E 73 29.68 30.61 -16.95
CA GLU E 73 30.81 30.30 -17.82
C GLU E 73 32.09 30.26 -17.02
N GLY E 74 32.82 29.14 -17.13
CA GLY E 74 34.03 28.97 -16.36
C GLY E 74 33.80 28.72 -14.89
N TYR E 75 32.71 28.04 -14.53
CA TYR E 75 32.41 27.69 -13.16
C TYR E 75 32.34 26.18 -13.06
N ASP E 76 32.99 25.62 -12.04
CA ASP E 76 33.09 24.17 -11.87
C ASP E 76 32.21 23.76 -10.70
N ASN E 77 31.23 22.91 -10.98
CA ASN E 77 30.25 22.54 -9.96
C ASN E 77 30.88 21.67 -8.87
N LYS E 78 31.89 20.89 -9.22
CA LYS E 78 32.36 19.85 -8.34
C LYS E 78 33.21 20.37 -7.19
N LEU E 79 33.82 21.54 -7.34
CA LEU E 79 34.76 22.06 -6.36
C LEU E 79 34.12 23.14 -5.50
N ARG E 80 34.36 23.07 -4.20
CA ARG E 80 33.84 24.06 -3.28
C ARG E 80 34.68 25.34 -3.34
N PRO E 81 34.14 26.46 -2.90
CA PRO E 81 34.92 27.70 -2.92
C PRO E 81 36.04 27.66 -1.90
N ASP E 82 37.16 28.27 -2.26
CA ASP E 82 38.33 28.38 -1.37
C ASP E 82 38.85 27.00 -0.98
N ILE E 83 39.21 26.20 -1.99
CA ILE E 83 39.59 24.81 -1.74
C ILE E 83 40.98 24.73 -1.12
N GLY E 84 41.91 25.56 -1.58
CA GLY E 84 43.27 25.50 -1.09
C GLY E 84 43.53 26.29 0.17
N VAL E 85 42.57 27.12 0.58
CA VAL E 85 42.75 28.03 1.71
C VAL E 85 41.69 27.76 2.76
N LYS E 86 41.63 28.63 3.78
CA LYS E 86 40.79 28.50 4.97
C LYS E 86 39.38 28.00 4.64
N PRO E 87 38.78 27.21 5.53
CA PRO E 87 37.53 26.53 5.19
C PRO E 87 36.37 27.50 5.06
N THR E 88 35.34 27.07 4.33
CA THR E 88 34.14 27.87 4.19
C THR E 88 33.34 27.86 5.49
N LEU E 89 32.55 28.90 5.69
CA LEU E 89 31.74 29.07 6.89
C LEU E 89 30.29 29.12 6.48
N ILE E 90 29.50 28.15 6.95
CA ILE E 90 28.10 28.01 6.55
C ILE E 90 27.23 28.36 7.75
N HIS E 91 26.40 29.39 7.60
CA HIS E 91 25.44 29.76 8.62
C HIS E 91 24.13 29.02 8.38
N THR E 92 23.50 28.55 9.46
CA THR E 92 22.33 27.69 9.37
C THR E 92 21.19 28.30 10.17
N ASP E 93 20.04 28.44 9.53
CA ASP E 93 18.82 28.99 10.17
C ASP E 93 17.70 27.99 9.90
N MET E 94 17.02 27.52 10.95
CA MET E 94 15.94 26.51 10.76
C MET E 94 14.63 27.00 11.37
N TYR E 95 13.53 26.92 10.60
CA TYR E 95 12.19 27.30 11.08
C TYR E 95 11.34 26.03 11.18
N VAL E 96 10.74 25.78 12.34
CA VAL E 96 9.99 24.55 12.58
C VAL E 96 8.51 24.81 12.38
N ASN E 97 7.89 24.04 11.49
CA ASN E 97 6.49 24.27 11.14
C ASN E 97 5.54 23.45 12.01
N SER E 98 5.78 22.15 12.12
CA SER E 98 4.95 21.31 12.99
C SER E 98 5.72 20.04 13.34
N ILE E 99 5.38 19.48 14.50
CA ILE E 99 5.99 18.25 14.98
C ILE E 99 4.94 17.15 14.98
N GLY E 100 5.22 16.06 14.28
CA GLY E 100 4.28 15.00 14.12
C GLY E 100 4.01 14.26 15.42
N PRO E 101 3.30 13.15 15.33
CA PRO E 101 2.96 12.39 16.53
C PRO E 101 4.19 11.68 17.08
N VAL E 102 4.30 11.69 18.41
CA VAL E 102 5.39 11.00 19.11
C VAL E 102 4.82 9.72 19.71
N ASN E 103 5.33 8.58 19.25
CA ASN E 103 4.91 7.28 19.77
C ASN E 103 6.11 6.62 20.45
N ALA E 104 5.91 6.21 21.71
CA ALA E 104 7.03 5.66 22.48
C ALA E 104 7.37 4.24 22.06
N ILE E 105 6.43 3.54 21.43
CA ILE E 105 6.66 2.15 21.05
C ILE E 105 7.87 2.05 20.12
N ASN E 106 7.77 2.68 18.95
CA ASN E 106 8.89 2.71 18.02
C ASN E 106 9.98 3.69 18.45
N MET E 107 9.70 4.55 19.43
CA MET E 107 10.68 5.50 19.95
C MET E 107 11.16 6.46 18.85
N GLU E 108 10.20 7.15 18.22
CA GLU E 108 10.50 8.05 17.13
C GLU E 108 9.40 9.08 16.99
N TYR E 109 9.71 10.16 16.27
CA TYR E 109 8.75 11.21 16.00
C TYR E 109 8.97 11.74 14.58
N THR E 110 8.06 12.61 14.16
CA THR E 110 8.08 13.23 12.85
C THR E 110 8.14 14.74 12.99
N ILE E 111 8.96 15.39 12.17
CA ILE E 111 9.13 16.83 12.21
C ILE E 111 9.08 17.37 10.79
N ASP E 112 8.67 18.64 10.67
CA ASP E 112 8.56 19.33 9.38
C ASP E 112 9.19 20.70 9.56
N ILE E 113 10.21 21.02 8.76
CA ILE E 113 11.00 22.22 8.95
C ILE E 113 11.29 22.87 7.60
N PHE E 114 11.84 24.09 7.69
CA PHE E 114 12.36 24.91 6.57
C PHE E 114 13.83 25.13 6.91
N PHE E 115 14.73 24.69 6.05
CA PHE E 115 16.16 24.71 6.30
C PHE E 115 16.80 25.76 5.40
N ALA E 116 17.54 26.70 6.01
CA ALA E 116 18.15 27.81 5.23
C ALA E 116 19.65 27.89 5.52
N GLN E 117 20.48 27.71 4.50
CA GLN E 117 21.93 27.74 4.64
C GLN E 117 22.49 28.90 3.84
N THR E 118 23.32 29.70 4.47
CA THR E 118 23.95 30.85 3.83
C THR E 118 25.46 30.67 3.86
N TRP E 119 26.11 30.87 2.71
CA TRP E 119 27.56 30.72 2.67
C TRP E 119 28.17 31.70 1.68
N TYR E 120 29.32 32.26 2.06
CA TYR E 120 30.02 33.19 1.19
C TYR E 120 30.62 32.45 0.01
N ASP E 121 30.83 33.17 -1.08
CA ASP E 121 31.48 32.61 -2.25
C ASP E 121 32.26 33.71 -2.95
N ARG E 122 33.33 33.30 -3.65
CA ARG E 122 34.19 34.26 -4.31
C ARG E 122 33.89 34.38 -5.80
N ARG E 123 33.52 33.28 -6.46
CA ARG E 123 33.33 33.30 -7.90
C ARG E 123 32.04 34.02 -8.28
N LEU E 124 30.98 33.84 -7.49
CA LEU E 124 29.69 34.46 -7.78
C LEU E 124 29.71 35.91 -7.30
N LYS E 125 30.52 36.72 -7.99
CA LYS E 125 30.70 38.13 -7.66
C LYS E 125 30.53 38.94 -8.93
N PHE E 126 29.28 39.27 -9.24
CA PHE E 126 28.98 40.07 -10.42
C PHE E 126 28.89 41.55 -10.05
N ASN E 127 29.21 42.40 -11.02
CA ASN E 127 29.19 43.85 -10.83
C ASN E 127 28.12 44.45 -11.72
N SER E 128 27.10 45.05 -11.10
CA SER E 128 26.04 45.72 -11.84
C SER E 128 25.28 46.61 -10.87
N THR E 129 24.22 47.24 -11.39
CA THR E 129 23.40 48.10 -10.54
C THR E 129 22.43 47.28 -9.70
N ILE E 130 22.07 46.08 -10.15
CA ILE E 130 21.12 45.25 -9.42
C ILE E 130 21.73 44.83 -8.08
N LYS E 131 21.00 45.10 -7.01
CA LYS E 131 21.53 44.80 -5.68
C LYS E 131 21.58 43.30 -5.42
N VAL E 132 20.44 42.63 -5.55
CA VAL E 132 20.34 41.21 -5.26
C VAL E 132 19.42 40.59 -6.29
N LEU E 133 19.70 39.35 -6.68
CA LEU E 133 18.89 38.65 -7.67
C LEU E 133 18.37 37.35 -7.07
N ARG E 134 17.04 37.19 -7.11
CA ARG E 134 16.37 35.97 -6.70
C ARG E 134 16.25 35.04 -7.90
N LEU E 135 16.22 33.73 -7.63
CA LEU E 135 16.19 32.76 -8.71
C LEU E 135 15.22 31.65 -8.37
N ASN E 136 14.74 31.00 -9.43
CA ASN E 136 13.87 29.86 -9.31
C ASN E 136 14.69 28.63 -8.96
N SER E 137 14.03 27.49 -8.82
CA SER E 137 14.75 26.25 -8.55
C SER E 137 15.53 25.76 -9.76
N ASN E 138 15.29 26.33 -10.94
CA ASN E 138 15.96 25.85 -12.15
C ASN E 138 17.46 26.08 -12.10
N MET E 139 17.93 26.92 -11.17
CA MET E 139 19.34 27.28 -11.12
C MET E 139 20.13 26.45 -10.13
N VAL E 140 19.47 25.79 -9.17
CA VAL E 140 20.15 25.23 -8.01
C VAL E 140 21.20 24.21 -8.41
N GLY E 141 20.88 23.31 -9.34
CA GLY E 141 21.75 22.18 -9.59
C GLY E 141 23.11 22.56 -10.13
N LYS E 142 23.22 23.71 -10.80
CA LYS E 142 24.48 24.05 -11.47
C LYS E 142 25.54 24.55 -10.50
N ILE E 143 25.20 25.55 -9.68
CA ILE E 143 26.18 26.05 -8.72
C ILE E 143 26.38 25.02 -7.60
N TRP E 144 27.42 25.25 -6.80
CA TRP E 144 27.72 24.35 -5.70
C TRP E 144 26.65 24.44 -4.62
N ILE E 145 26.37 23.31 -3.97
CA ILE E 145 25.46 23.28 -2.83
C ILE E 145 26.02 22.31 -1.78
N PRO E 146 26.18 22.75 -0.53
CA PRO E 146 26.86 21.90 0.45
C PRO E 146 25.99 20.74 0.86
N ASP E 147 26.61 19.57 1.01
CA ASP E 147 25.91 18.36 1.40
C ASP E 147 25.77 18.33 2.92
N THR E 148 24.53 18.34 3.39
CA THR E 148 24.22 18.39 4.81
C THR E 148 23.17 17.34 5.10
N PHE E 149 23.54 16.29 5.84
CA PHE E 149 22.63 15.20 6.10
C PHE E 149 22.37 15.08 7.59
N PHE E 150 21.24 14.47 7.92
CA PHE E 150 20.76 14.38 9.30
C PHE E 150 21.14 13.01 9.85
N ARG E 151 22.07 12.99 10.82
CA ARG E 151 22.51 11.73 11.39
C ARG E 151 21.37 10.97 12.05
N ASN E 152 20.42 11.71 12.63
CA ASN E 152 19.35 11.07 13.38
C ASN E 152 18.23 10.55 12.48
N SER E 153 18.29 10.85 11.19
CA SER E 153 17.17 10.55 10.29
C SER E 153 16.96 9.05 10.15
N LYS E 154 15.72 8.61 10.34
CA LYS E 154 15.32 7.27 9.92
C LYS E 154 14.75 7.28 8.51
N LYS E 155 14.13 8.39 8.11
CA LYS E 155 13.59 8.55 6.77
C LYS E 155 13.26 10.03 6.58
N ALA E 156 13.81 10.63 5.53
CA ALA E 156 13.63 12.05 5.30
C ALA E 156 13.32 12.32 3.84
N ASP E 157 12.45 13.31 3.61
CA ASP E 157 12.02 13.64 2.26
C ASP E 157 11.97 15.15 2.10
N ALA E 158 12.07 15.59 0.85
CA ALA E 158 11.88 16.99 0.48
C ALA E 158 10.73 17.08 -0.51
N HIS E 159 9.74 17.90 -0.20
CA HIS E 159 8.50 17.92 -0.98
C HIS E 159 8.74 18.43 -2.39
N TRP E 160 8.01 17.86 -3.35
CA TRP E 160 8.02 18.31 -4.73
C TRP E 160 6.58 18.43 -5.24
N ILE E 161 5.76 19.13 -4.48
CA ILE E 161 4.31 19.12 -4.73
C ILE E 161 4.01 19.61 -6.14
N THR E 162 4.40 20.84 -6.46
CA THR E 162 4.18 21.40 -7.79
C THR E 162 5.47 21.51 -8.58
N THR E 163 6.47 22.20 -8.03
CA THR E 163 7.83 22.19 -8.54
C THR E 163 8.73 22.05 -7.33
N PRO E 164 10.01 21.70 -7.53
CA PRO E 164 10.91 21.61 -6.38
C PRO E 164 10.87 22.89 -5.54
N ASN E 165 10.87 22.70 -4.22
CA ASN E 165 10.67 23.81 -3.29
C ASN E 165 11.96 24.47 -2.86
N ARG E 166 12.97 24.51 -3.72
CA ARG E 166 14.22 25.18 -3.41
C ARG E 166 14.11 26.66 -3.74
N MET E 167 14.85 27.48 -2.99
CA MET E 167 14.86 28.95 -3.23
C MET E 167 16.32 29.42 -3.20
N LEU E 168 16.75 30.14 -4.23
CA LEU E 168 18.11 30.64 -4.35
C LEU E 168 18.11 32.15 -4.43
N ARG E 169 19.07 32.79 -3.77
CA ARG E 169 19.21 34.23 -3.79
C ARG E 169 20.69 34.57 -3.78
N ILE E 170 21.12 35.46 -4.66
CA ILE E 170 22.53 35.81 -4.78
C ILE E 170 22.67 37.32 -4.69
N TRP E 171 23.54 37.78 -3.78
CA TRP E 171 23.79 39.20 -3.58
C TRP E 171 24.98 39.65 -4.44
N ASN E 172 25.48 40.86 -4.17
CA ASN E 172 26.57 41.41 -4.96
C ASN E 172 27.86 40.58 -4.80
N ASP E 173 28.22 40.25 -3.57
CA ASP E 173 29.49 39.57 -3.29
C ASP E 173 29.17 38.22 -2.64
N GLY E 174 28.98 37.21 -3.47
CA GLY E 174 28.67 35.88 -2.94
C GLY E 174 27.46 35.92 -2.03
N ARG E 175 27.66 35.48 -0.80
CA ARG E 175 26.59 35.38 0.20
C ARG E 175 25.38 34.65 -0.38
N VAL E 176 25.64 33.45 -0.91
CA VAL E 176 24.56 32.64 -1.44
C VAL E 176 23.64 32.22 -0.31
N LEU E 177 22.33 32.27 -0.57
CA LEU E 177 21.31 31.79 0.35
C LEU E 177 20.54 30.66 -0.31
N TYR E 178 20.29 29.59 0.43
CA TYR E 178 19.64 28.40 -0.10
C TYR E 178 18.62 27.92 0.91
N THR E 179 17.40 27.66 0.46
CA THR E 179 16.32 27.29 1.40
C THR E 179 15.50 26.13 0.84
N LEU E 180 15.18 25.13 1.67
CA LEU E 180 14.42 23.98 1.20
C LEU E 180 13.55 23.42 2.32
N ARG E 181 12.39 22.90 1.94
CA ARG E 181 11.48 22.26 2.88
C ARG E 181 12.00 20.86 3.21
N LEU E 182 11.62 20.35 4.39
CA LEU E 182 12.05 19.01 4.77
C LEU E 182 11.03 18.37 5.72
N THR E 183 10.86 17.06 5.57
CA THR E 183 10.05 16.25 6.46
C THR E 183 10.91 15.09 6.94
N ILE E 184 11.19 15.04 8.24
CA ILE E 184 12.15 14.12 8.81
C ILE E 184 11.45 13.21 9.81
N ASP E 185 11.93 11.96 9.90
CA ASP E 185 11.55 11.03 10.94
C ASP E 185 12.77 10.77 11.81
N ALA E 186 12.71 11.16 13.07
CA ALA E 186 13.87 11.11 13.94
C ALA E 186 13.62 10.17 15.12
N GLU E 187 14.71 9.70 15.73
CA GLU E 187 14.64 8.79 16.85
C GLU E 187 14.85 9.58 18.14
N CYS E 188 13.78 9.79 18.88
CA CYS E 188 13.84 10.52 20.15
C CYS E 188 13.89 9.51 21.28
N GLN E 189 15.02 9.45 21.97
CA GLN E 189 15.21 8.51 23.07
C GLN E 189 14.28 8.87 24.22
N LEU E 190 13.25 8.06 24.44
CA LEU E 190 12.22 8.33 25.42
C LEU E 190 12.41 7.43 26.62
N GLN E 191 12.45 8.02 27.82
CA GLN E 191 12.60 7.29 29.07
C GLN E 191 11.56 7.81 30.05
N LEU E 192 10.68 6.92 30.50
CA LEU E 192 9.54 7.29 31.33
C LEU E 192 9.78 6.97 32.81
N HIS E 193 11.03 6.88 33.25
CA HIS E 193 11.30 6.58 34.65
C HIS E 193 10.83 7.72 35.55
N ASN E 194 11.17 8.96 35.19
CA ASN E 194 10.79 10.11 36.00
C ASN E 194 9.28 10.28 36.06
N ASP E 198 7.93 14.52 34.18
CA ASP E 198 9.15 14.12 33.49
C ASP E 198 9.39 14.98 32.25
N GLU E 199 10.67 15.21 31.95
CA GLU E 199 11.08 15.97 30.78
C GLU E 199 11.86 15.06 29.84
N HIS E 200 11.53 15.13 28.56
CA HIS E 200 12.22 14.36 27.54
C HIS E 200 12.92 15.31 26.58
N SER E 201 14.10 14.91 26.13
CA SER E 201 14.85 15.69 25.14
C SER E 201 14.86 14.92 23.82
N CYS E 202 14.27 15.51 22.79
CA CYS E 202 14.28 14.94 21.46
C CYS E 202 15.37 15.62 20.64
N PRO E 203 16.40 14.90 20.22
CA PRO E 203 17.50 15.52 19.49
C PRO E 203 17.33 15.44 17.99
N LEU E 204 17.93 16.42 17.32
CA LEU E 204 18.03 16.46 15.87
C LEU E 204 19.44 16.93 15.53
N GLU E 205 20.23 16.05 14.91
CA GLU E 205 21.65 16.30 14.70
C GLU E 205 21.94 16.27 13.21
N PHE E 206 22.54 17.35 12.70
CA PHE E 206 22.90 17.40 11.29
C PHE E 206 24.35 17.79 11.11
N SER E 207 24.96 17.28 10.05
CA SER E 207 26.36 17.55 9.80
C SER E 207 26.70 17.24 8.36
N SER E 208 27.92 17.60 7.97
CA SER E 208 28.40 17.29 6.63
C SER E 208 28.72 15.81 6.49
N TYR E 209 28.76 15.34 5.25
CA TYR E 209 29.06 13.93 5.03
C TYR E 209 30.45 13.71 4.45
N GLY E 210 30.84 14.51 3.48
CA GLY E 210 32.09 14.30 2.77
C GLY E 210 33.22 15.24 3.12
N TYR E 211 33.04 16.14 4.10
CA TYR E 211 34.05 17.13 4.39
C TYR E 211 34.42 17.05 5.87
N PRO E 212 35.69 16.97 6.21
CA PRO E 212 36.11 16.95 7.61
C PRO E 212 36.08 18.35 8.20
N ARG E 213 36.44 18.44 9.49
CA ARG E 213 36.46 19.72 10.17
C ARG E 213 37.42 20.70 9.50
N GLU E 214 38.42 20.19 8.78
CA GLU E 214 39.40 21.05 8.15
C GLU E 214 38.87 21.73 6.90
N GLU E 215 37.73 21.29 6.37
CA GLU E 215 37.25 21.80 5.09
C GLU E 215 35.93 22.56 5.16
N ILE E 216 35.05 22.21 6.10
CA ILE E 216 33.77 22.90 6.23
C ILE E 216 33.42 23.01 7.72
N VAL E 217 32.78 24.11 8.09
CA VAL E 217 32.51 24.44 9.49
C VAL E 217 31.14 25.08 9.59
N TYR E 218 30.31 24.60 10.50
CA TYR E 218 28.96 25.13 10.68
C TYR E 218 28.91 26.06 11.89
N GLN E 219 28.08 27.09 11.81
CA GLN E 219 27.96 28.07 12.87
C GLN E 219 26.57 28.67 12.84
N TRP E 220 25.90 28.73 13.99
CA TRP E 220 24.52 29.18 14.03
C TRP E 220 24.42 30.70 13.93
N LYS E 221 23.24 31.18 13.54
CA LYS E 221 22.95 32.60 13.49
C LYS E 221 22.51 33.10 14.86
N ARG E 222 21.94 34.31 14.88
CA ARG E 222 21.59 34.95 16.14
C ARG E 222 20.35 34.31 16.76
N SER E 223 19.21 34.37 16.07
CA SER E 223 18.00 33.74 16.56
C SER E 223 18.08 32.22 16.39
N SER E 224 18.43 31.77 15.19
CA SER E 224 18.88 30.41 14.91
C SER E 224 17.78 29.35 14.93
N VAL E 225 16.60 29.70 15.43
CA VAL E 225 15.44 28.81 15.40
C VAL E 225 14.20 29.66 15.51
N GLU E 226 13.18 29.43 14.67
CA GLU E 226 11.90 30.18 14.83
C GLU E 226 10.69 29.23 14.82
N VAL E 227 10.18 28.82 15.99
CA VAL E 227 8.96 28.03 16.11
C VAL E 227 7.76 28.95 16.01
N GLY E 228 6.61 28.39 15.63
CA GLY E 228 5.42 29.20 15.47
C GLY E 228 4.16 28.39 15.64
N ASP E 229 3.16 29.02 16.28
CA ASP E 229 1.82 28.45 16.45
C ASP E 229 1.88 27.08 17.12
N THR E 230 2.36 27.08 18.37
CA THR E 230 2.47 25.84 19.14
C THR E 230 1.13 25.23 19.49
N ARG E 231 0.02 25.84 19.06
CA ARG E 231 -1.29 25.29 19.40
C ARG E 231 -1.64 24.09 18.52
N SER E 232 -1.42 24.20 17.22
CA SER E 232 -1.88 23.21 16.25
C SER E 232 -0.79 22.20 15.89
N TRP E 233 0.09 21.86 16.82
CA TRP E 233 1.22 21.00 16.52
C TRP E 233 0.87 19.52 16.49
N ARG E 234 -0.29 19.12 17.01
CA ARG E 234 -0.80 17.76 16.88
C ARG E 234 -0.02 16.74 17.70
N LEU E 235 0.67 17.16 18.76
CA LEU E 235 1.22 16.23 19.74
C LEU E 235 0.39 16.37 21.01
N TYR E 236 -0.28 15.28 21.41
CA TYR E 236 -1.24 15.35 22.49
C TYR E 236 -0.68 14.87 23.82
N GLN E 237 0.09 13.78 23.81
CA GLN E 237 0.63 13.26 25.05
C GLN E 237 1.57 14.26 25.72
N PHE E 238 2.35 14.97 24.92
CA PHE E 238 3.37 15.88 25.43
C PHE E 238 2.99 17.33 25.12
N SER E 239 3.77 18.24 25.69
CA SER E 239 3.60 19.66 25.46
C SER E 239 4.98 20.30 25.28
N PHE E 240 5.05 21.24 24.35
CA PHE E 240 6.30 21.91 24.05
C PHE E 240 6.68 22.86 25.18
N VAL E 241 7.98 22.91 25.48
CA VAL E 241 8.49 23.76 26.55
C VAL E 241 9.52 24.74 26.01
N GLY E 242 10.61 24.22 25.45
CA GLY E 242 11.69 25.05 24.96
C GLY E 242 12.69 24.20 24.21
N LEU E 243 13.74 24.86 23.71
CA LEU E 243 14.75 24.17 22.93
C LEU E 243 16.12 24.73 23.24
N ARG E 244 17.14 23.90 23.02
CA ARG E 244 18.53 24.27 23.20
C ARG E 244 19.31 23.86 21.96
N ASN E 245 20.49 24.43 21.78
CA ASN E 245 21.34 24.06 20.66
C ASN E 245 22.78 23.87 21.13
N THR E 246 23.49 22.96 20.47
CA THR E 246 24.88 22.68 20.78
C THR E 246 25.64 22.39 19.49
N THR E 247 26.96 22.51 19.56
CA THR E 247 27.85 22.12 18.47
C THR E 247 28.94 21.23 19.03
N GLU E 248 29.21 20.11 18.35
CA GLU E 248 30.19 19.15 18.84
C GLU E 248 31.12 18.74 17.71
N VAL E 249 32.21 18.09 18.08
CA VAL E 249 33.17 17.53 17.12
C VAL E 249 33.20 16.03 17.32
N VAL E 250 32.93 15.28 16.26
CA VAL E 250 32.78 13.83 16.33
C VAL E 250 33.83 13.19 15.42
N LYS E 251 34.52 12.18 15.94
CA LYS E 251 35.58 11.50 15.22
C LYS E 251 35.09 10.15 14.73
N THR E 252 35.19 9.91 13.42
CA THR E 252 34.83 8.65 12.80
C THR E 252 35.95 8.21 11.87
N THR E 253 35.67 7.17 11.09
CA THR E 253 36.68 6.64 10.17
C THR E 253 37.05 7.65 9.09
N SER E 254 36.05 8.39 8.59
CA SER E 254 36.32 9.35 7.52
C SER E 254 37.18 10.50 8.01
N GLY E 255 36.96 10.97 9.23
CA GLY E 255 37.70 12.09 9.75
C GLY E 255 37.00 12.67 10.97
N ASP E 256 37.20 13.97 11.16
CA ASP E 256 36.56 14.71 12.24
C ASP E 256 35.52 15.64 11.66
N TYR E 257 34.28 15.50 12.10
CA TYR E 257 33.16 16.26 11.58
C TYR E 257 32.62 17.19 12.66
N VAL E 258 31.99 18.27 12.22
CA VAL E 258 31.29 19.20 13.10
C VAL E 258 29.81 18.86 13.04
N VAL E 259 29.25 18.45 14.17
CA VAL E 259 27.86 18.04 14.27
C VAL E 259 27.08 19.12 15.00
N MET E 260 26.12 19.73 14.32
CA MET E 260 25.21 20.65 14.98
C MET E 260 24.03 19.89 15.54
N SER E 261 23.51 20.34 16.68
CA SER E 261 22.46 19.59 17.36
C SER E 261 21.44 20.55 17.95
N VAL E 262 20.17 20.20 17.79
CA VAL E 262 19.05 20.94 18.36
C VAL E 262 18.26 19.99 19.25
N TYR E 263 17.99 20.40 20.47
CA TYR E 263 17.24 19.59 21.42
C TYR E 263 15.90 20.25 21.70
N PHE E 264 14.82 19.51 21.48
CA PHE E 264 13.48 19.95 21.86
C PHE E 264 13.13 19.35 23.21
N ASP E 265 12.65 20.20 24.12
CA ASP E 265 12.24 19.75 25.44
C ASP E 265 10.74 19.55 25.48
N LEU E 266 10.30 18.35 25.83
CA LEU E 266 8.89 18.00 25.86
C LEU E 266 8.52 17.58 27.27
N SER E 267 7.39 18.09 27.76
CA SER E 267 6.91 17.77 29.10
C SER E 267 5.62 16.98 29.00
N ARG E 268 5.54 15.89 29.76
CA ARG E 268 4.36 15.04 29.77
C ARG E 268 3.41 15.47 30.87
N ARG E 269 2.12 15.45 30.55
CA ARG E 269 1.08 15.81 31.49
C ARG E 269 0.04 14.70 31.55
N MET E 270 -0.31 14.28 32.76
CA MET E 270 -1.27 13.19 32.93
C MET E 270 -2.68 13.65 32.58
N GLY E 271 -3.46 12.72 32.02
CA GLY E 271 -4.81 13.01 31.58
C GLY E 271 -5.75 13.38 32.71
N TYR E 272 -6.61 14.37 32.46
CA TYR E 272 -7.53 14.83 33.51
C TYR E 272 -8.74 13.92 33.63
N PHE E 273 -9.19 13.35 32.50
CA PHE E 273 -10.37 12.49 32.53
C PHE E 273 -10.11 11.20 33.30
N THR E 274 -8.93 10.60 33.11
CA THR E 274 -8.41 9.45 33.86
C THR E 274 -9.45 8.38 34.15
N ILE E 275 -10.39 8.17 33.22
CA ILE E 275 -11.39 7.12 33.40
C ILE E 275 -10.81 5.74 33.13
N GLN E 276 -9.67 5.66 32.45
CA GLN E 276 -9.13 4.37 32.04
C GLN E 276 -8.71 3.54 33.24
N THR E 277 -8.11 4.18 34.25
CA THR E 277 -7.52 3.44 35.36
C THR E 277 -8.53 2.98 36.40
N TYR E 278 -9.72 3.59 36.46
CA TYR E 278 -10.67 3.27 37.51
C TYR E 278 -11.48 2.01 37.24
N ILE E 279 -11.48 1.50 36.01
CA ILE E 279 -12.28 0.31 35.71
C ILE E 279 -11.75 -0.95 36.38
N PRO E 280 -10.46 -1.30 36.28
CA PRO E 280 -10.02 -2.59 36.84
C PRO E 280 -10.22 -2.70 38.35
N CYS E 281 -10.01 -1.62 39.09
CA CYS E 281 -10.19 -1.69 40.53
C CYS E 281 -11.66 -1.93 40.89
N THR E 282 -12.58 -1.27 40.18
CA THR E 282 -13.99 -1.52 40.40
C THR E 282 -14.35 -2.96 40.08
N LEU E 283 -13.81 -3.49 38.98
CA LEU E 283 -14.08 -4.89 38.63
C LEU E 283 -13.56 -5.84 39.71
N ILE E 284 -12.37 -5.56 40.22
CA ILE E 284 -11.80 -6.42 41.26
C ILE E 284 -12.64 -6.35 42.53
N VAL E 285 -13.12 -5.14 42.88
CA VAL E 285 -13.96 -5.01 44.06
C VAL E 285 -15.26 -5.80 43.89
N VAL E 286 -15.86 -5.73 42.71
CA VAL E 286 -17.11 -6.45 42.49
C VAL E 286 -16.87 -7.96 42.55
N LEU E 287 -15.79 -8.43 41.93
CA LEU E 287 -15.51 -9.86 41.93
C LEU E 287 -15.14 -10.36 43.31
N SER E 288 -14.53 -9.52 44.15
CA SER E 288 -14.22 -9.95 45.50
C SER E 288 -15.48 -9.97 46.36
N TRP E 289 -16.34 -8.97 46.19
CA TRP E 289 -17.60 -8.93 46.95
C TRP E 289 -18.48 -10.13 46.61
N VAL E 290 -18.63 -10.44 45.33
CA VAL E 290 -19.51 -11.54 44.93
C VAL E 290 -18.96 -12.88 45.41
N SER E 291 -17.63 -12.99 45.48
CA SER E 291 -16.99 -14.23 45.90
C SER E 291 -16.91 -14.37 47.42
N PHE E 292 -16.96 -13.27 48.16
CA PHE E 292 -16.85 -13.31 49.61
C PHE E 292 -18.20 -13.32 50.32
N TRP E 293 -19.16 -12.53 49.86
CA TRP E 293 -20.39 -12.35 50.62
C TRP E 293 -21.56 -13.17 50.11
N ILE E 294 -21.74 -13.30 48.80
CA ILE E 294 -22.88 -14.05 48.28
C ILE E 294 -22.72 -15.54 48.60
N ASN E 295 -21.57 -16.11 48.29
CA ASN E 295 -21.30 -17.51 48.54
C ASN E 295 -20.41 -17.63 49.77
N LYS E 296 -20.96 -18.18 50.86
CA LYS E 296 -20.23 -18.32 52.10
C LYS E 296 -20.04 -19.80 52.35
N ASP E 297 -21.11 -20.60 52.43
CA ASP E 297 -20.95 -22.04 52.58
C ASP E 297 -20.82 -22.71 51.21
N ALA E 298 -21.65 -22.29 50.25
CA ALA E 298 -21.64 -22.91 48.93
C ALA E 298 -20.32 -22.66 48.20
N VAL E 299 -19.62 -21.58 48.56
CA VAL E 299 -18.37 -21.25 47.89
C VAL E 299 -17.36 -22.38 48.10
N PRO E 300 -16.65 -22.79 47.05
CA PRO E 300 -15.62 -23.83 47.23
C PRO E 300 -14.46 -23.37 48.10
N ALA E 301 -13.87 -22.23 47.76
CA ALA E 301 -12.75 -21.68 48.51
C ALA E 301 -12.51 -20.25 48.06
N ARG E 302 -11.35 -19.71 48.49
CA ARG E 302 -10.94 -18.38 48.05
C ARG E 302 -10.41 -18.40 46.63
N THR E 303 -10.00 -19.58 46.14
CA THR E 303 -9.36 -19.68 44.83
C THR E 303 -10.33 -19.40 43.70
N SER E 304 -11.63 -19.54 43.95
CA SER E 304 -12.62 -19.21 42.94
C SER E 304 -12.51 -17.73 42.54
N LEU E 305 -12.25 -16.86 43.51
CA LEU E 305 -12.05 -15.45 43.20
C LEU E 305 -10.90 -15.27 42.20
N GLY E 306 -9.76 -15.91 42.47
CA GLY E 306 -8.62 -15.75 41.58
C GLY E 306 -8.89 -16.29 40.19
N ILE E 307 -9.52 -17.46 40.09
CA ILE E 307 -9.71 -18.06 38.77
C ILE E 307 -10.71 -17.24 37.96
N THR E 308 -11.79 -16.75 38.59
CA THR E 308 -12.74 -15.94 37.84
C THR E 308 -12.15 -14.58 37.48
N THR E 309 -11.25 -14.07 38.33
CA THR E 309 -10.57 -12.82 38.00
C THR E 309 -9.70 -12.99 36.77
N VAL E 310 -8.94 -14.09 36.72
CA VAL E 310 -8.11 -14.36 35.54
C VAL E 310 -8.99 -14.51 34.30
N LEU E 311 -10.14 -15.18 34.45
CA LEU E 311 -11.03 -15.37 33.31
C LEU E 311 -11.54 -14.05 32.76
N THR E 312 -12.06 -13.18 33.64
CA THR E 312 -12.62 -11.92 33.17
C THR E 312 -11.53 -11.02 32.59
N MET E 313 -10.36 -10.98 33.23
CA MET E 313 -9.28 -10.15 32.72
C MET E 313 -8.82 -10.60 31.34
N THR E 314 -8.65 -11.91 31.14
CA THR E 314 -8.17 -12.37 29.84
C THR E 314 -9.24 -12.20 28.76
N THR E 315 -10.52 -12.35 29.12
CA THR E 315 -11.57 -12.09 28.14
C THR E 315 -11.61 -10.63 27.73
N LEU E 316 -11.50 -9.72 28.70
CA LEU E 316 -11.49 -8.31 28.35
C LEU E 316 -10.27 -7.95 27.52
N SER E 317 -9.13 -8.59 27.80
CA SER E 317 -7.94 -8.33 26.99
C SER E 317 -8.14 -8.82 25.56
N THR E 318 -8.75 -10.00 25.38
CA THR E 318 -9.06 -10.47 24.04
C THR E 318 -9.96 -9.50 23.31
N ILE E 319 -11.00 -9.00 23.98
CA ILE E 319 -11.91 -8.07 23.32
C ILE E 319 -11.20 -6.77 22.96
N ALA E 320 -10.27 -6.32 23.82
CA ALA E 320 -9.56 -5.08 23.55
C ALA E 320 -8.52 -5.25 22.44
N ARG E 321 -8.01 -6.47 22.24
CA ARG E 321 -7.00 -6.67 21.21
C ARG E 321 -7.55 -6.36 19.81
N LYS E 322 -8.81 -6.71 19.57
CA LYS E 322 -9.42 -6.37 18.28
C LYS E 322 -9.49 -4.87 18.07
N SER E 323 -9.54 -4.10 19.17
CA SER E 323 -9.59 -2.65 19.05
C SER E 323 -8.24 -2.10 18.58
N LEU E 324 -7.20 -2.30 19.39
CA LEU E 324 -5.88 -1.77 19.08
C LEU E 324 -4.79 -2.79 19.42
N UNK E 325 -6.26 -2.49 30.16
CA UNK E 325 -5.28 -3.55 29.90
C UNK E 325 -3.99 -3.33 30.68
N UNK E 326 -3.83 -4.07 31.77
CA UNK E 326 -2.63 -4.00 32.60
C UNK E 326 -2.07 -5.40 32.80
N UNK E 327 -0.76 -5.49 33.00
CA UNK E 327 -0.05 -6.76 33.12
C UNK E 327 0.56 -6.87 34.51
N UNK E 328 0.25 -7.96 35.21
CA UNK E 328 0.78 -8.33 36.52
C UNK E 328 0.24 -7.43 37.63
N UNK E 329 -0.47 -6.36 37.25
CA UNK E 329 -1.14 -5.54 38.26
C UNK E 329 -2.34 -6.29 38.83
N UNK E 330 -3.05 -7.04 37.98
CA UNK E 330 -4.13 -7.89 38.47
C UNK E 330 -3.60 -8.93 39.44
N UNK E 331 -2.42 -9.50 39.14
CA UNK E 331 -1.83 -10.48 40.05
C UNK E 331 -1.44 -9.86 41.38
N UNK E 332 -0.83 -8.67 41.34
CA UNK E 332 -0.48 -7.99 42.58
C UNK E 332 -1.72 -7.66 43.40
N UNK E 333 -2.80 -7.23 42.73
CA UNK E 333 -4.02 -6.90 43.45
C UNK E 333 -4.67 -8.14 44.05
N UNK E 334 -4.64 -9.26 43.33
CA UNK E 334 -5.18 -10.50 43.88
C UNK E 334 -4.36 -10.96 45.08
N UNK E 335 -3.04 -10.79 45.02
CA UNK E 335 -2.20 -11.17 46.16
C UNK E 335 -2.49 -10.28 47.36
N UNK E 336 -2.65 -8.97 47.14
CA UNK E 336 -2.99 -8.07 48.24
C UNK E 336 -4.34 -8.42 48.83
N UNK E 337 -5.31 -8.78 47.99
CA UNK E 337 -6.63 -9.17 48.48
C UNK E 337 -6.54 -10.46 49.30
N UNK E 338 -5.73 -11.42 48.85
CA UNK E 338 -5.57 -12.66 49.60
C UNK E 338 -4.90 -12.39 50.94
N UNK E 339 -3.93 -11.49 50.99
CA UNK E 339 -3.30 -11.14 52.26
C UNK E 339 -4.30 -10.47 53.20
N UNK E 340 -5.13 -9.58 52.66
CA UNK E 340 -6.15 -8.94 53.48
C UNK E 340 -7.15 -9.96 54.00
N UNK E 341 -7.51 -10.95 53.17
CA UNK E 341 -8.44 -11.98 53.61
C UNK E 341 -7.82 -12.85 54.71
N UNK E 342 -6.54 -13.18 54.57
CA UNK E 342 -5.85 -13.91 55.62
C UNK E 342 -5.82 -13.13 56.93
N UNK E 343 -5.54 -11.82 56.84
CA UNK E 343 -5.54 -10.98 58.03
C UNK E 343 -6.92 -10.93 58.67
N UNK E 344 -7.97 -10.85 57.86
CA UNK E 344 -9.33 -10.83 58.39
C UNK E 344 -9.67 -12.15 59.07
N UNK E 345 -9.23 -13.27 58.47
CA UNK E 345 -9.45 -14.56 59.09
C UNK E 345 -8.71 -14.67 60.43
N UNK E 346 -7.53 -14.08 60.50
CA UNK E 346 -6.76 -14.08 61.75
C UNK E 346 -7.34 -13.07 62.73
N UNK E 347 -13.39 2.28 64.85
CA UNK E 347 -12.46 2.75 63.84
C UNK E 347 -12.85 2.22 62.46
N UNK E 348 -14.16 2.13 62.22
CA UNK E 348 -14.65 1.62 60.95
C UNK E 348 -14.18 2.48 59.79
N UNK E 349 -14.38 3.79 59.87
CA UNK E 349 -13.95 4.68 58.79
C UNK E 349 -12.44 4.76 58.71
N UNK E 350 -11.75 4.72 59.87
CA UNK E 350 -10.30 4.77 59.87
C UNK E 350 -9.69 3.57 59.17
N UNK E 351 -10.34 2.40 59.28
CA UNK E 351 -9.87 1.22 58.58
C UNK E 351 -10.29 1.23 57.11
N UNK E 352 -11.50 1.71 56.82
CA UNK E 352 -11.98 1.73 55.44
C UNK E 352 -11.18 2.70 54.59
N UNK E 353 -10.74 3.82 55.15
CA UNK E 353 -9.91 4.75 54.39
C UNK E 353 -8.58 4.11 53.99
N UNK E 354 -7.95 3.40 54.93
CA UNK E 354 -6.69 2.72 54.62
C UNK E 354 -6.91 1.59 53.61
N UNK E 355 -8.02 0.87 53.72
CA UNK E 355 -8.32 -0.18 52.76
C UNK E 355 -8.51 0.39 51.36
N UNK E 356 -9.24 1.51 51.25
CA UNK E 356 -9.43 2.14 49.95
C UNK E 356 -8.12 2.67 49.39
N UNK E 357 -7.26 3.22 50.26
CA UNK E 357 -5.95 3.69 49.79
C UNK E 357 -5.11 2.53 49.26
N UNK E 358 -5.12 1.40 49.97
CA UNK E 358 -4.38 0.23 49.50
C UNK E 358 -4.94 -0.29 48.18
N UNK E 359 -6.26 -0.28 48.04
CA UNK E 359 -6.87 -0.71 46.78
C UNK E 359 -6.49 0.22 45.64
N UNK E 360 -6.51 1.53 45.89
CA UNK E 360 -6.10 2.48 44.86
C UNK E 360 -4.65 2.28 44.47
N UNK E 361 -3.78 2.03 45.44
CA UNK E 361 -2.37 1.80 45.14
C UNK E 361 -2.19 0.53 44.33
N UNK E 362 -2.93 -0.52 44.66
CA UNK E 362 -2.80 -1.78 43.93
C UNK E 362 -3.42 -1.70 42.54
N UNK E 363 -4.36 -0.78 42.33
CA UNK E 363 -4.99 -0.64 41.02
C UNK E 363 -3.96 -0.34 39.94
N UNK E 364 -3.04 0.57 40.20
CA UNK E 364 -2.01 0.95 39.24
C UNK E 364 -0.65 0.90 39.91
N UNK E 365 0.28 0.17 39.32
CA UNK E 365 1.62 0.06 39.88
C UNK E 365 2.37 1.37 39.76
N UNK E 366 3.03 1.76 40.85
CA UNK E 366 3.80 3.01 40.91
C UNK E 366 2.94 4.21 40.56
N ASN F 1 15.77 -43.80 -14.45
CA ASN F 1 15.84 -43.05 -15.69
C ASN F 1 14.54 -43.20 -16.47
N ILE F 2 14.20 -42.19 -17.27
CA ILE F 2 12.94 -42.19 -17.99
C ILE F 2 12.98 -43.25 -19.09
N VAL F 3 11.93 -44.05 -19.17
CA VAL F 3 11.83 -45.16 -20.11
C VAL F 3 10.54 -45.01 -20.90
N MET F 4 10.59 -45.26 -22.19
CA MET F 4 9.43 -45.14 -23.06
C MET F 4 8.90 -46.51 -23.42
N THR F 5 7.59 -46.58 -23.67
CA THR F 5 6.91 -47.78 -24.12
C THR F 5 6.11 -47.42 -25.36
N GLN F 6 6.20 -48.25 -26.40
CA GLN F 6 5.59 -47.95 -27.69
C GLN F 6 4.64 -49.08 -28.07
N SER F 7 3.45 -48.72 -28.55
CA SER F 7 2.45 -49.70 -28.92
C SER F 7 1.76 -49.27 -30.21
N PRO F 8 1.38 -50.23 -31.06
CA PRO F 8 1.66 -51.66 -30.90
C PRO F 8 3.06 -52.01 -31.37
N LYS F 9 3.51 -53.23 -31.09
CA LYS F 9 4.85 -53.64 -31.51
C LYS F 9 4.98 -53.63 -33.02
N SER F 10 4.18 -54.43 -33.71
CA SER F 10 4.18 -54.48 -35.15
C SER F 10 2.74 -54.59 -35.64
N MET F 11 2.35 -53.68 -36.53
CA MET F 11 1.00 -53.66 -37.06
C MET F 11 1.05 -53.50 -38.58
N SER F 12 0.06 -54.08 -39.24
CA SER F 12 -0.03 -54.07 -40.69
C SER F 12 -1.35 -53.44 -41.11
N MET F 13 -1.27 -52.40 -41.94
CA MET F 13 -2.44 -51.65 -42.37
C MET F 13 -2.43 -51.51 -43.88
N SER F 14 -3.63 -51.48 -44.46
CA SER F 14 -3.78 -51.36 -45.89
C SER F 14 -3.79 -49.88 -46.30
N VAL F 15 -3.82 -49.65 -47.62
CA VAL F 15 -3.77 -48.30 -48.13
C VAL F 15 -5.07 -47.57 -47.82
N GLY F 16 -4.96 -46.30 -47.42
CA GLY F 16 -6.13 -45.48 -47.18
C GLY F 16 -6.79 -45.65 -45.84
N GLU F 17 -6.08 -46.14 -44.83
CA GLU F 17 -6.67 -46.45 -43.54
C GLU F 17 -6.00 -45.60 -42.45
N ARG F 18 -6.80 -45.21 -41.46
CA ARG F 18 -6.28 -44.42 -40.34
C ARG F 18 -5.47 -45.30 -39.39
N VAL F 19 -4.28 -44.81 -39.03
CA VAL F 19 -3.36 -45.56 -38.18
C VAL F 19 -3.01 -44.72 -36.97
N THR F 20 -2.92 -45.37 -35.81
CA THR F 20 -2.64 -44.72 -34.54
C THR F 20 -1.49 -45.45 -33.84
N LEU F 21 -0.49 -44.69 -33.40
CA LEU F 21 0.61 -45.25 -32.63
C LEU F 21 0.71 -44.52 -31.30
N SER F 22 0.83 -45.28 -30.21
CA SER F 22 0.80 -44.73 -28.86
C SER F 22 2.17 -44.86 -28.21
N CYS F 23 2.51 -43.87 -27.40
CA CYS F 23 3.78 -43.81 -26.68
C CYS F 23 3.48 -43.38 -25.25
N LYS F 24 3.83 -44.24 -24.30
CA LYS F 24 3.60 -44.00 -22.88
C LYS F 24 4.95 -43.81 -22.19
N ALA F 25 5.04 -42.80 -21.34
CA ALA F 25 6.27 -42.49 -20.61
C ALA F 25 6.08 -42.78 -19.13
N SER F 26 7.10 -43.40 -18.52
CA SER F 26 6.99 -43.75 -17.12
C SER F 26 6.92 -42.51 -16.23
N GLU F 27 7.91 -41.63 -16.33
CA GLU F 27 7.94 -40.41 -15.55
C GLU F 27 7.13 -39.33 -16.27
N TYR F 28 7.28 -38.08 -15.86
CA TYR F 28 6.65 -36.96 -16.52
C TYR F 28 7.55 -36.45 -17.64
N VAL F 29 6.96 -36.17 -18.79
CA VAL F 29 7.63 -35.48 -19.88
C VAL F 29 6.69 -34.43 -20.45
N GLY F 30 7.06 -33.16 -20.32
CA GLY F 30 6.17 -32.08 -20.69
C GLY F 30 6.21 -31.70 -22.16
N THR F 31 5.67 -32.55 -23.02
CA THR F 31 5.52 -32.26 -24.45
C THR F 31 6.87 -31.95 -25.08
N TYR F 32 7.84 -32.83 -24.85
CA TYR F 32 9.14 -32.74 -25.51
C TYR F 32 9.43 -33.98 -26.35
N VAL F 33 8.43 -34.79 -26.64
CA VAL F 33 8.64 -36.00 -27.42
C VAL F 33 8.90 -35.64 -28.87
N SER F 34 9.51 -36.57 -29.60
CA SER F 34 9.73 -36.42 -31.03
C SER F 34 9.56 -37.77 -31.71
N TRP F 35 9.12 -37.74 -32.96
CA TRP F 35 8.87 -38.95 -33.73
C TRP F 35 9.82 -39.01 -34.91
N TYR F 36 10.52 -40.14 -35.04
CA TYR F 36 11.51 -40.34 -36.09
C TYR F 36 11.05 -41.47 -37.01
N GLN F 37 11.19 -41.25 -38.32
CA GLN F 37 10.83 -42.21 -39.34
C GLN F 37 12.09 -42.76 -39.97
N GLN F 38 12.25 -44.07 -39.89
CA GLN F 38 13.42 -44.71 -40.44
C GLN F 38 13.11 -45.73 -41.52
N LYS F 39 13.53 -45.42 -42.74
CA LYS F 39 13.38 -46.33 -43.86
C LYS F 39 14.47 -47.40 -43.81
N PRO F 40 14.30 -48.51 -44.53
CA PRO F 40 15.30 -49.57 -44.48
C PRO F 40 16.65 -49.10 -45.00
N GLU F 41 17.68 -49.27 -44.15
CA GLU F 41 19.07 -48.97 -44.50
C GLU F 41 19.26 -47.51 -44.90
N GLN F 42 18.73 -46.61 -44.08
CA GLN F 42 18.87 -45.17 -44.28
C GLN F 42 19.04 -44.48 -42.94
N SER F 43 19.14 -43.15 -42.96
CA SER F 43 19.32 -42.39 -41.73
C SER F 43 18.00 -41.80 -41.25
N PRO F 44 17.64 -42.09 -40.00
CA PRO F 44 16.40 -41.61 -39.36
C PRO F 44 16.14 -40.14 -39.60
N LYS F 45 14.92 -39.82 -40.00
CA LYS F 45 14.48 -38.46 -40.27
C LYS F 45 13.53 -38.01 -39.18
N LEU F 46 13.19 -36.73 -39.21
CA LEU F 46 12.33 -36.12 -38.20
C LEU F 46 10.96 -35.83 -38.81
N LEU F 47 9.89 -36.24 -38.12
CA LEU F 47 8.53 -35.96 -38.54
C LEU F 47 7.84 -34.93 -37.64
N ILE F 48 7.79 -35.20 -36.34
CA ILE F 48 7.08 -34.36 -35.39
C ILE F 48 8.02 -34.04 -34.24
N TYR F 49 8.21 -32.76 -33.95
CA TYR F 49 9.01 -32.34 -32.81
C TYR F 49 8.10 -31.65 -31.81
N GLY F 50 8.38 -31.85 -30.53
CA GLY F 50 7.47 -31.37 -29.50
C GLY F 50 6.17 -32.15 -29.53
N ALA F 51 5.07 -31.42 -29.43
CA ALA F 51 3.75 -32.02 -29.53
C ALA F 51 2.95 -31.27 -30.59
N SER F 52 2.54 -32.00 -31.64
CA SER F 52 1.66 -31.46 -32.67
C SER F 52 2.30 -30.31 -33.43
N ASN F 53 3.59 -30.44 -33.74
CA ASN F 53 4.28 -29.52 -34.62
C ASN F 53 4.92 -30.32 -35.74
N ARG F 54 4.70 -29.89 -36.98
CA ARG F 54 5.21 -30.59 -38.13
C ARG F 54 6.49 -29.95 -38.62
N TYR F 55 7.52 -30.77 -38.79
CA TYR F 55 8.78 -30.29 -39.34
C TYR F 55 8.59 -29.84 -40.78
N THR F 56 9.44 -28.91 -41.22
CA THR F 56 9.32 -28.38 -42.57
C THR F 56 9.55 -29.48 -43.59
N GLY F 57 8.76 -29.45 -44.67
CA GLY F 57 8.87 -30.47 -45.70
C GLY F 57 8.18 -31.77 -45.38
N VAL F 58 7.24 -31.77 -44.43
CA VAL F 58 6.55 -32.99 -44.03
C VAL F 58 5.08 -32.90 -44.45
N PRO F 59 4.51 -33.96 -45.02
CA PRO F 59 3.10 -33.89 -45.44
C PRO F 59 2.16 -33.61 -44.27
N ASP F 60 1.00 -33.05 -44.60
CA ASP F 60 0.04 -32.64 -43.58
C ASP F 60 -0.76 -33.81 -43.01
N ARG F 61 -0.66 -34.99 -43.61
CA ARG F 61 -1.45 -36.12 -43.12
C ARG F 61 -1.01 -36.56 -41.74
N PHE F 62 0.27 -36.41 -41.42
CA PHE F 62 0.76 -36.76 -40.09
C PHE F 62 0.24 -35.75 -39.06
N THR F 63 -0.29 -36.26 -37.95
CA THR F 63 -0.73 -35.41 -36.86
C THR F 63 -0.23 -35.97 -35.55
N GLY F 64 0.00 -35.09 -34.59
CA GLY F 64 0.48 -35.48 -33.28
C GLY F 64 -0.45 -34.97 -32.19
N SER F 65 -0.54 -35.75 -31.13
CA SER F 65 -1.30 -35.36 -29.95
C SER F 65 -0.50 -35.70 -28.71
N GLY F 66 -0.47 -34.77 -27.76
CA GLY F 66 0.38 -34.92 -26.60
C GLY F 66 -0.38 -34.67 -25.32
N SER F 67 0.21 -35.14 -24.23
CA SER F 67 -0.31 -34.91 -22.89
C SER F 67 0.87 -35.00 -21.93
N ALA F 68 0.57 -35.15 -20.64
CA ALA F 68 1.63 -35.28 -19.64
C ALA F 68 2.46 -36.54 -19.88
N THR F 69 1.82 -37.70 -19.99
CA THR F 69 2.53 -38.97 -20.15
C THR F 69 1.95 -39.84 -21.26
N ASP F 70 1.07 -39.30 -22.10
CA ASP F 70 0.48 -40.07 -23.20
C ASP F 70 0.66 -39.30 -24.49
N PHE F 71 1.16 -39.96 -25.53
CA PHE F 71 1.37 -39.31 -26.81
C PHE F 71 0.93 -40.23 -27.93
N THR F 72 0.46 -39.63 -29.02
CA THR F 72 -0.12 -40.40 -30.11
C THR F 72 0.23 -39.77 -31.45
N LEU F 73 0.68 -40.61 -32.38
CA LEU F 73 0.90 -40.20 -33.76
C LEU F 73 -0.19 -40.81 -34.62
N THR F 74 -0.86 -39.96 -35.41
CA THR F 74 -2.02 -40.36 -36.19
C THR F 74 -1.75 -40.09 -37.66
N ILE F 75 -1.92 -41.13 -38.49
CA ILE F 75 -1.80 -41.03 -39.93
C ILE F 75 -3.18 -41.23 -40.53
N GLY F 76 -3.55 -40.39 -41.48
CA GLY F 76 -4.82 -40.52 -42.16
C GLY F 76 -4.66 -41.30 -43.44
N SER F 77 -4.70 -40.61 -44.58
CA SER F 77 -4.36 -41.24 -45.84
C SER F 77 -2.93 -41.78 -45.77
N VAL F 78 -2.77 -43.06 -46.06
CA VAL F 78 -1.48 -43.72 -46.00
C VAL F 78 -1.14 -44.23 -47.40
N GLN F 79 0.13 -44.09 -47.78
CA GLN F 79 0.60 -44.45 -49.11
C GLN F 79 1.53 -45.66 -49.01
N ALA F 80 2.14 -46.01 -50.15
CA ALA F 80 3.10 -47.11 -50.17
C ALA F 80 4.41 -46.70 -49.52
N GLU F 81 4.87 -45.48 -49.77
CA GLU F 81 6.15 -45.04 -49.23
C GLU F 81 6.08 -44.74 -47.74
N ASP F 82 4.89 -44.54 -47.19
CA ASP F 82 4.78 -44.15 -45.79
C ASP F 82 5.12 -45.29 -44.83
N LEU F 83 5.23 -46.53 -45.33
CA LEU F 83 5.56 -47.64 -44.45
C LEU F 83 7.04 -47.62 -44.12
N ALA F 84 7.35 -47.58 -42.82
CA ALA F 84 8.72 -47.55 -42.32
C ALA F 84 8.66 -47.60 -40.80
N ASP F 85 9.82 -47.77 -40.18
CA ASP F 85 9.88 -47.82 -38.72
C ASP F 85 9.65 -46.44 -38.13
N TYR F 86 9.04 -46.40 -36.95
CA TYR F 86 8.79 -45.15 -36.25
C TYR F 86 9.24 -45.28 -34.79
N HIS F 87 9.94 -44.27 -34.30
CA HIS F 87 10.42 -44.22 -32.92
C HIS F 87 9.91 -42.97 -32.24
N CYS F 88 9.50 -43.10 -30.98
CA CYS F 88 9.16 -41.94 -30.16
C CYS F 88 10.23 -41.76 -29.11
N GLY F 89 10.98 -40.68 -29.20
CA GLY F 89 12.06 -40.42 -28.26
C GLY F 89 11.86 -39.10 -27.55
N GLN F 90 12.14 -39.10 -26.25
CA GLN F 90 11.90 -37.95 -25.41
C GLN F 90 13.21 -37.27 -25.06
N SER F 91 13.19 -35.95 -24.97
CA SER F 91 14.38 -35.17 -24.67
C SER F 91 14.19 -34.27 -23.44
N TYR F 92 13.19 -34.56 -22.62
CA TYR F 92 12.99 -33.78 -21.39
C TYR F 92 14.17 -33.96 -20.45
N SER F 93 14.73 -35.16 -20.40
CA SER F 93 15.95 -35.48 -19.66
C SER F 93 16.99 -35.94 -20.67
N TYR F 94 18.08 -36.53 -20.17
CA TYR F 94 18.99 -37.23 -21.06
C TYR F 94 18.18 -38.10 -22.02
N PRO F 95 18.38 -37.95 -23.32
CA PRO F 95 17.44 -38.53 -24.28
C PRO F 95 17.49 -40.05 -24.29
N THR F 96 16.32 -40.65 -24.50
CA THR F 96 16.21 -42.09 -24.71
C THR F 96 15.09 -42.34 -25.71
N PHE F 97 15.14 -43.50 -26.36
CA PHE F 97 14.23 -43.82 -27.44
C PHE F 97 13.42 -45.07 -27.11
N GLY F 98 12.20 -45.12 -27.64
CA GLY F 98 11.35 -46.27 -27.45
C GLY F 98 11.84 -47.48 -28.23
N ALA F 99 11.10 -48.58 -28.08
CA ALA F 99 11.49 -49.82 -28.75
C ALA F 99 11.38 -49.70 -30.27
N GLY F 100 10.36 -49.01 -30.74
CA GLY F 100 10.18 -48.88 -32.17
C GLY F 100 9.02 -49.72 -32.67
N THR F 101 8.39 -49.25 -33.74
CA THR F 101 7.24 -49.91 -34.35
C THR F 101 7.55 -50.21 -35.81
N LYS F 102 7.31 -51.44 -36.22
CA LYS F 102 7.50 -51.86 -37.60
C LYS F 102 6.14 -51.91 -38.29
N LEU F 103 6.01 -51.23 -39.41
CA LEU F 103 4.74 -51.11 -40.13
C LEU F 103 4.93 -51.70 -41.52
N GLU F 104 4.10 -52.70 -41.86
CA GLU F 104 4.19 -53.39 -43.13
C GLU F 104 2.84 -53.37 -43.83
N LEU F 105 2.87 -53.22 -45.16
CA LEU F 105 1.65 -53.20 -45.95
C LEU F 105 1.07 -54.61 -46.06
N LYS F 106 -0.25 -54.69 -46.11
CA LYS F 106 -0.94 -55.97 -46.24
C LYS F 106 -1.73 -56.05 -47.55
N VAL G 2 24.09 -27.85 -42.13
CA VAL G 2 23.04 -28.50 -42.92
C VAL G 2 23.40 -29.93 -43.24
N GLN G 3 24.68 -30.18 -43.52
CA GLN G 3 25.09 -31.53 -43.89
C GLN G 3 26.11 -32.14 -42.95
N LEU G 4 26.00 -33.45 -42.73
CA LEU G 4 26.92 -34.16 -41.85
C LEU G 4 27.62 -35.27 -42.62
N GLN G 5 28.93 -35.36 -42.46
CA GLN G 5 29.73 -36.39 -43.11
C GLN G 5 30.40 -37.27 -42.07
N GLN G 6 30.44 -38.57 -42.32
CA GLN G 6 31.09 -39.48 -41.41
C GLN G 6 32.10 -40.31 -42.17
N SER G 7 33.00 -40.94 -41.44
CA SER G 7 34.02 -41.78 -42.06
C SER G 7 33.48 -43.12 -42.59
N GLY G 8 34.34 -43.87 -43.26
CA GLY G 8 33.91 -45.14 -43.84
C GLY G 8 33.78 -46.25 -42.82
N ALA G 9 33.32 -47.40 -43.30
CA ALA G 9 33.11 -48.56 -42.44
C ALA G 9 34.44 -49.04 -41.87
N GLU G 10 34.39 -49.58 -40.65
CA GLU G 10 35.57 -50.00 -39.91
C GLU G 10 35.45 -51.47 -39.54
N LEU G 11 36.59 -52.17 -39.62
CA LEU G 11 36.69 -53.55 -39.17
C LEU G 11 37.82 -53.64 -38.15
N VAL G 12 37.53 -54.22 -37.00
CA VAL G 12 38.47 -54.23 -35.88
C VAL G 12 38.35 -55.56 -35.14
N LYS G 13 39.50 -56.06 -34.68
CA LYS G 13 39.53 -57.28 -33.88
C LYS G 13 39.28 -56.95 -32.40
N PRO G 14 38.80 -57.93 -31.63
CA PRO G 14 38.48 -57.65 -30.23
C PRO G 14 39.69 -57.20 -29.43
N GLY G 15 39.43 -56.43 -28.38
CA GLY G 15 40.48 -55.94 -27.51
C GLY G 15 41.20 -54.72 -28.00
N ALA G 16 40.69 -54.04 -29.02
CA ALA G 16 41.33 -52.87 -29.59
C ALA G 16 40.41 -51.67 -29.53
N SER G 17 40.94 -50.51 -29.91
CA SER G 17 40.20 -49.25 -29.89
C SER G 17 39.95 -48.77 -31.31
N VAL G 18 38.75 -48.25 -31.55
CA VAL G 18 38.37 -47.71 -32.84
C VAL G 18 37.91 -46.26 -32.64
N LYS G 19 38.18 -45.41 -33.62
CA LYS G 19 37.81 -44.01 -33.54
C LYS G 19 36.89 -43.58 -34.69
N LEU G 20 35.77 -42.95 -34.36
CA LEU G 20 34.80 -42.49 -35.35
C LEU G 20 34.65 -40.98 -35.32
N SER G 21 34.69 -40.33 -36.48
CA SER G 21 34.57 -38.88 -36.52
C SER G 21 33.53 -38.37 -37.52
N CYS G 22 32.72 -37.42 -37.09
CA CYS G 22 31.69 -36.83 -37.95
C CYS G 22 31.99 -35.35 -38.17
N THR G 23 31.96 -34.93 -39.43
CA THR G 23 32.24 -33.55 -39.80
C THR G 23 30.98 -32.80 -40.20
N ALA G 24 30.82 -31.59 -39.69
CA ALA G 24 29.63 -30.79 -39.99
C ALA G 24 29.93 -29.62 -40.90
N SER G 25 29.14 -29.51 -41.97
CA SER G 25 29.28 -28.43 -42.94
C SER G 25 27.98 -27.63 -43.00
N GLY G 26 28.09 -26.31 -42.98
CA GLY G 26 26.95 -25.43 -43.00
C GLY G 26 26.64 -24.76 -41.68
N PHE G 27 27.41 -25.01 -40.63
CA PHE G 27 27.19 -24.37 -39.34
C PHE G 27 28.39 -24.63 -38.45
N ASN G 28 28.67 -23.67 -37.56
CA ASN G 28 29.71 -23.88 -36.55
C ASN G 28 29.20 -24.84 -35.49
N ILE G 29 30.10 -25.71 -35.01
CA ILE G 29 29.68 -26.66 -33.99
C ILE G 29 29.47 -25.96 -32.65
N LYS G 30 30.15 -24.84 -32.44
CA LYS G 30 30.13 -24.18 -31.12
C LYS G 30 28.73 -23.74 -30.72
N ASP G 31 27.79 -23.68 -31.67
CA ASP G 31 26.46 -23.19 -31.35
C ASP G 31 25.62 -24.23 -30.63
N THR G 32 25.47 -25.42 -31.22
CA THR G 32 24.58 -26.44 -30.70
C THR G 32 25.38 -27.65 -30.24
N TYR G 33 24.69 -28.58 -29.58
CA TYR G 33 25.32 -29.78 -29.07
C TYR G 33 25.51 -30.84 -30.14
N MET G 34 26.18 -31.93 -29.76
CA MET G 34 26.41 -33.05 -30.64
C MET G 34 25.95 -34.29 -29.90
N TYR G 35 25.25 -35.18 -30.60
CA TYR G 35 24.75 -36.39 -30.00
C TYR G 35 25.25 -37.62 -30.75
N TRP G 36 25.67 -38.63 -30.00
CA TRP G 36 26.13 -39.87 -30.60
C TRP G 36 25.17 -40.96 -30.18
N VAL G 37 24.64 -41.71 -31.15
CA VAL G 37 23.69 -42.76 -30.83
C VAL G 37 23.96 -44.04 -31.59
N LYS G 38 24.13 -45.14 -30.87
CA LYS G 38 24.38 -46.43 -31.53
C LYS G 38 23.07 -47.19 -31.68
N GLN G 39 23.03 -48.04 -32.69
CA GLN G 39 21.86 -48.86 -32.96
C GLN G 39 22.25 -50.22 -33.48
N ARG G 40 21.84 -51.26 -32.75
CA ARG G 40 22.12 -52.63 -33.16
C ARG G 40 21.21 -53.05 -34.30
N PRO G 41 21.56 -54.10 -35.03
CA PRO G 41 20.70 -54.56 -36.13
C PRO G 41 19.35 -55.01 -35.60
N GLU G 42 18.29 -54.45 -36.18
CA GLU G 42 16.91 -54.85 -35.90
C GLU G 42 16.57 -54.69 -34.41
N GLN G 43 16.98 -53.57 -33.83
CA GLN G 43 16.62 -53.23 -32.46
C GLN G 43 16.40 -51.73 -32.37
N GLY G 44 15.92 -51.29 -31.21
CA GLY G 44 15.62 -49.89 -31.03
C GLY G 44 16.86 -49.04 -30.84
N LEU G 45 16.72 -47.75 -31.13
CA LEU G 45 17.83 -46.82 -30.97
C LEU G 45 18.23 -46.72 -29.51
N GLU G 46 19.52 -46.48 -29.28
CA GLU G 46 20.06 -46.35 -27.93
C GLU G 46 21.07 -45.22 -27.90
N TRP G 47 20.94 -44.33 -26.93
CA TRP G 47 21.81 -43.16 -26.85
C TRP G 47 23.16 -43.53 -26.23
N ILE G 48 24.21 -42.88 -26.72
CA ILE G 48 25.56 -43.07 -26.20
C ILE G 48 26.03 -41.87 -25.39
N GLY G 49 26.11 -40.70 -26.02
CA GLY G 49 26.69 -39.57 -25.32
C GLY G 49 26.32 -38.23 -25.90
N ARG G 50 26.59 -37.19 -25.12
CA ARG G 50 26.36 -35.81 -25.51
C ARG G 50 27.59 -34.98 -25.22
N ILE G 51 27.96 -34.11 -26.16
CA ILE G 51 29.11 -33.23 -26.01
C ILE G 51 28.67 -31.80 -26.35
N ASP G 52 29.24 -30.83 -25.63
CA ASP G 52 29.00 -29.42 -25.83
C ASP G 52 30.31 -28.75 -26.21
N PRO G 53 30.40 -28.08 -27.36
CA PRO G 53 31.68 -27.46 -27.75
C PRO G 53 32.05 -26.25 -26.91
N ALA G 54 31.08 -25.60 -26.26
CA ALA G 54 31.38 -24.37 -25.53
C ALA G 54 32.34 -24.63 -24.37
N ASN G 55 31.98 -25.54 -23.48
CA ASN G 55 32.79 -25.83 -22.31
C ASN G 55 33.53 -27.14 -22.38
N GLY G 56 33.27 -27.96 -23.39
CA GLY G 56 33.86 -29.28 -23.46
C GLY G 56 33.24 -30.30 -22.54
N ASP G 57 32.16 -29.95 -21.84
CA ASP G 57 31.51 -30.89 -20.94
C ASP G 57 30.86 -32.02 -21.74
N THR G 58 31.05 -33.25 -21.26
CA THR G 58 30.52 -34.43 -21.91
C THR G 58 29.72 -35.23 -20.89
N LYS G 59 28.54 -35.68 -21.29
CA LYS G 59 27.73 -36.56 -20.46
C LYS G 59 27.53 -37.89 -21.18
N TYR G 60 27.55 -38.98 -20.42
CA TYR G 60 27.48 -40.31 -20.97
C TYR G 60 26.34 -41.10 -20.34
N ASP G 61 25.83 -42.05 -21.11
CA ASP G 61 24.88 -43.01 -20.57
C ASP G 61 25.57 -43.84 -19.50
N PRO G 62 25.04 -43.90 -18.27
CA PRO G 62 25.75 -44.57 -17.18
C PRO G 62 26.26 -45.97 -17.50
N LYS G 63 25.62 -46.69 -18.43
CA LYS G 63 26.15 -48.01 -18.78
C LYS G 63 27.40 -47.91 -19.63
N PHE G 64 27.62 -46.78 -20.31
CA PHE G 64 28.79 -46.59 -21.14
C PHE G 64 29.84 -45.69 -20.51
N GLN G 65 29.66 -45.30 -19.25
CA GLN G 65 30.60 -44.38 -18.62
C GLN G 65 31.95 -45.05 -18.43
N GLY G 66 33.00 -44.42 -18.97
CA GLY G 66 34.32 -44.99 -18.95
C GLY G 66 34.64 -45.91 -20.10
N LYS G 67 33.68 -46.16 -21.00
CA LYS G 67 33.91 -47.02 -22.15
C LYS G 67 34.00 -46.25 -23.47
N ALA G 68 33.55 -45.00 -23.50
CA ALA G 68 33.62 -44.18 -24.70
C ALA G 68 34.02 -42.77 -24.31
N THR G 69 34.68 -42.07 -25.24
CA THR G 69 35.15 -40.71 -24.99
C THR G 69 34.86 -39.85 -26.21
N ILE G 70 34.23 -38.70 -26.00
CA ILE G 70 33.86 -37.78 -27.07
C ILE G 70 34.72 -36.54 -26.93
N THR G 71 35.28 -36.08 -28.05
CA THR G 71 36.10 -34.89 -28.09
C THR G 71 35.70 -34.04 -29.29
N THR G 72 35.87 -32.73 -29.17
CA THR G 72 35.55 -31.81 -30.25
C THR G 72 36.79 -31.01 -30.63
N ASP G 73 36.98 -30.82 -31.94
CA ASP G 73 38.04 -29.96 -32.47
C ASP G 73 37.35 -28.84 -33.23
N THR G 74 37.30 -27.65 -32.63
CA THR G 74 36.56 -26.55 -33.23
C THR G 74 37.30 -25.94 -34.41
N PHE G 75 38.63 -26.03 -34.44
CA PHE G 75 39.39 -25.52 -35.57
C PHE G 75 39.04 -26.27 -36.85
N SER G 76 39.14 -27.59 -36.81
CA SER G 76 38.76 -28.42 -37.96
C SER G 76 37.27 -28.64 -38.06
N ASN G 77 36.52 -28.11 -37.09
CA ASN G 77 35.07 -28.23 -37.02
C ASN G 77 34.62 -29.68 -37.11
N THR G 78 35.16 -30.52 -36.24
CA THR G 78 34.82 -31.94 -36.24
C THR G 78 34.55 -32.48 -34.84
N ALA G 79 33.89 -33.64 -34.78
CA ALA G 79 33.56 -34.32 -33.54
C ALA G 79 34.27 -35.67 -33.61
N TYR G 80 34.67 -36.20 -32.46
CA TYR G 80 35.37 -37.48 -32.45
C TYR G 80 34.91 -38.41 -31.34
N LEU G 81 34.52 -39.63 -31.71
CA LEU G 81 34.16 -40.62 -30.72
C LEU G 81 35.24 -41.68 -30.67
N GLN G 82 35.61 -42.11 -29.47
CA GLN G 82 36.65 -43.11 -29.28
C GLN G 82 36.13 -44.21 -28.37
N LEU G 83 36.22 -45.45 -28.85
CA LEU G 83 35.77 -46.61 -28.12
C LEU G 83 36.96 -47.43 -27.65
N SER G 84 36.76 -48.19 -26.58
CA SER G 84 37.81 -49.03 -26.03
C SER G 84 37.19 -50.33 -25.51
N SER G 85 38.04 -51.37 -25.47
CA SER G 85 37.64 -52.68 -24.94
C SER G 85 36.43 -53.24 -25.69
N LEU G 86 36.58 -53.39 -26.99
CA LEU G 86 35.46 -53.84 -27.81
C LEU G 86 35.21 -55.33 -27.63
N THR G 87 33.94 -55.72 -27.79
CA THR G 87 33.53 -57.11 -27.78
C THR G 87 32.71 -57.39 -29.04
N SER G 88 32.35 -58.66 -29.22
CA SER G 88 31.54 -59.03 -30.36
C SER G 88 30.14 -58.44 -30.27
N GLU G 89 29.66 -58.15 -29.06
CA GLU G 89 28.34 -57.56 -28.91
C GLU G 89 28.32 -56.07 -29.23
N ASP G 90 29.48 -55.43 -29.31
CA ASP G 90 29.53 -53.99 -29.54
C ASP G 90 29.23 -53.63 -30.99
N THR G 91 29.23 -54.61 -31.90
CA THR G 91 29.00 -54.32 -33.32
C THR G 91 27.63 -53.71 -33.52
N ALA G 92 27.60 -52.53 -34.13
CA ALA G 92 26.36 -51.79 -34.37
C ALA G 92 26.66 -50.61 -35.27
N VAL G 93 25.61 -49.92 -35.71
CA VAL G 93 25.76 -48.74 -36.55
C VAL G 93 25.85 -47.52 -35.64
N TYR G 94 26.62 -46.51 -36.04
CA TYR G 94 26.77 -45.31 -35.22
C TYR G 94 26.30 -44.03 -35.92
N TYR G 95 25.51 -43.24 -35.22
CA TYR G 95 24.97 -41.99 -35.76
C TYR G 95 25.38 -40.75 -34.97
N CYS G 96 25.76 -39.69 -35.70
CA CYS G 96 26.15 -38.42 -35.08
C CYS G 96 25.06 -37.41 -35.43
N ALA G 97 24.49 -36.75 -34.41
CA ALA G 97 23.40 -35.79 -34.67
C ALA G 97 23.53 -34.44 -33.96
N ARG G 98 22.71 -33.49 -34.40
CA ARG G 98 22.69 -32.14 -33.86
C ARG G 98 21.30 -31.74 -33.37
N LYS G 99 21.21 -31.14 -32.18
CA LYS G 99 19.92 -30.75 -31.63
C LYS G 99 19.45 -29.38 -32.10
N GLY G 100 18.14 -29.15 -32.10
CA GLY G 100 17.54 -27.91 -32.51
C GLY G 100 16.03 -27.94 -32.46
N LEU G 101 15.41 -26.79 -32.18
CA LEU G 101 13.96 -26.64 -32.19
C LEU G 101 13.30 -27.61 -31.21
N ARG G 102 13.57 -27.35 -29.92
CA ARG G 102 13.04 -28.13 -28.81
C ARG G 102 13.64 -29.52 -28.77
N TRP G 103 14.94 -29.61 -29.01
CA TRP G 103 15.69 -30.84 -28.79
C TRP G 103 15.16 -31.99 -29.64
N ALA G 104 15.04 -31.75 -30.94
CA ALA G 104 14.48 -32.74 -31.83
C ALA G 104 15.51 -33.72 -32.38
N MET G 105 16.80 -33.35 -32.38
CA MET G 105 17.84 -34.13 -33.04
C MET G 105 17.48 -34.36 -34.50
N ASP G 106 17.40 -33.24 -35.24
CA ASP G 106 16.84 -33.27 -36.58
C ASP G 106 17.79 -33.90 -37.59
N TYR G 107 19.04 -33.48 -37.72
CA TYR G 107 19.92 -33.99 -38.75
C TYR G 107 20.88 -35.04 -38.28
N TRP G 108 20.79 -36.20 -38.90
CA TRP G 108 21.65 -37.32 -38.58
C TRP G 108 22.60 -37.57 -39.73
N GLY G 109 23.71 -38.24 -39.43
CA GLY G 109 24.69 -38.61 -40.42
C GLY G 109 24.23 -39.84 -41.16
N GLN G 110 24.86 -40.17 -42.30
CA GLN G 110 24.44 -41.34 -43.05
C GLN G 110 24.56 -42.61 -42.21
N GLY G 111 25.63 -42.74 -41.44
CA GLY G 111 25.79 -43.89 -40.58
C GLY G 111 27.06 -44.68 -40.81
N THR G 112 27.77 -44.99 -39.74
CA THR G 112 28.98 -45.76 -39.85
C THR G 112 28.78 -47.13 -39.23
N SER G 113 29.41 -48.14 -39.82
CA SER G 113 29.28 -49.52 -39.36
C SER G 113 30.59 -50.01 -38.78
N VAL G 114 30.52 -50.60 -37.59
CA VAL G 114 31.69 -51.11 -36.89
C VAL G 114 31.46 -52.58 -36.58
N THR G 115 32.35 -53.44 -37.10
CA THR G 115 32.22 -54.88 -36.95
C THR G 115 33.41 -55.42 -36.19
N VAL G 116 33.16 -56.26 -35.19
CA VAL G 116 34.19 -56.86 -34.35
C VAL G 116 34.30 -58.33 -34.71
N SER G 117 35.52 -58.77 -35.01
CA SER G 117 35.75 -60.17 -35.38
C SER G 117 37.14 -60.63 -34.97
N ASN H 1 -29.24 37.20 -2.84
CA ASN H 1 -28.27 38.22 -3.18
C ASN H 1 -27.77 38.92 -1.92
N ILE H 2 -26.46 39.18 -1.86
CA ILE H 2 -25.86 39.80 -0.69
C ILE H 2 -26.31 41.24 -0.57
N VAL H 3 -26.67 41.66 0.63
CA VAL H 3 -27.13 43.01 0.92
C VAL H 3 -26.17 43.63 1.93
N MET H 4 -25.86 44.90 1.75
CA MET H 4 -24.97 45.64 2.64
C MET H 4 -25.74 46.71 3.39
N THR H 5 -25.42 46.88 4.67
CA THR H 5 -26.02 47.91 5.50
C THR H 5 -24.93 48.86 5.97
N GLN H 6 -25.08 50.14 5.66
CA GLN H 6 -24.06 51.13 5.97
C GLN H 6 -24.57 52.06 7.06
N SER H 7 -23.73 52.36 8.03
CA SER H 7 -24.13 53.19 9.15
C SER H 7 -23.00 54.14 9.53
N PRO H 8 -23.33 55.35 10.03
CA PRO H 8 -24.69 55.88 10.10
C PRO H 8 -25.14 56.46 8.77
N LYS H 9 -26.40 56.88 8.68
CA LYS H 9 -26.93 57.42 7.43
C LYS H 9 -26.15 58.66 7.01
N SER H 10 -26.18 59.70 7.85
CA SER H 10 -25.40 60.90 7.61
C SER H 10 -24.89 61.44 8.94
N MET H 11 -23.77 62.16 8.89
CA MET H 11 -23.14 62.64 10.10
C MET H 11 -22.44 63.96 9.79
N SER H 12 -22.34 64.79 10.82
CA SER H 12 -21.76 66.13 10.70
C SER H 12 -20.76 66.34 11.81
N MET H 13 -19.47 66.31 11.47
CA MET H 13 -18.39 66.50 12.44
C MET H 13 -17.45 67.59 11.96
N SER H 14 -16.85 68.30 12.91
CA SER H 14 -16.00 69.44 12.61
C SER H 14 -14.58 68.98 12.28
N VAL H 15 -13.76 69.94 11.84
CA VAL H 15 -12.39 69.64 11.43
C VAL H 15 -11.57 69.19 12.63
N GLY H 16 -10.77 68.14 12.43
CA GLY H 16 -9.89 67.63 13.46
C GLY H 16 -10.47 66.54 14.33
N GLU H 17 -11.65 66.03 14.00
CA GLU H 17 -12.32 65.03 14.81
C GLU H 17 -12.19 63.66 14.18
N ARG H 18 -12.00 62.63 15.03
CA ARG H 18 -11.98 61.26 14.56
C ARG H 18 -13.38 60.83 14.14
N VAL H 19 -13.47 60.20 12.96
CA VAL H 19 -14.74 59.79 12.39
C VAL H 19 -14.67 58.30 12.07
N THR H 20 -15.76 57.59 12.32
CA THR H 20 -15.84 56.15 12.12
C THR H 20 -17.12 55.80 11.38
N LEU H 21 -17.00 55.06 10.28
CA LEU H 21 -18.14 54.58 9.53
C LEU H 21 -18.12 53.06 9.48
N SER H 22 -19.28 52.45 9.63
CA SER H 22 -19.38 51.00 9.76
C SER H 22 -20.17 50.42 8.59
N CYS H 23 -19.77 49.22 8.19
CA CYS H 23 -20.39 48.51 7.09
C CYS H 23 -20.64 47.07 7.55
N LYS H 24 -21.87 46.61 7.36
CA LYS H 24 -22.31 45.29 7.80
C LYS H 24 -22.75 44.49 6.60
N ALA H 25 -22.32 43.23 6.53
CA ALA H 25 -22.63 42.34 5.42
C ALA H 25 -23.53 41.22 5.94
N SER H 26 -24.62 40.96 5.22
CA SER H 26 -25.54 39.90 5.63
C SER H 26 -24.87 38.53 5.54
N GLU H 27 -24.50 38.12 4.33
CA GLU H 27 -23.83 36.84 4.13
C GLU H 27 -22.34 36.99 4.44
N TYR H 28 -21.59 35.94 4.12
CA TYR H 28 -20.13 35.98 4.29
C TYR H 28 -19.50 36.74 3.13
N VAL H 29 -18.60 37.65 3.45
CA VAL H 29 -17.68 38.25 2.49
C VAL H 29 -16.31 38.37 3.17
N GLY H 30 -15.30 37.73 2.59
CA GLY H 30 -14.02 37.68 3.26
C GLY H 30 -12.99 38.65 2.73
N THR H 31 -12.81 39.77 3.44
CA THR H 31 -11.76 40.74 3.12
C THR H 31 -11.78 41.18 1.67
N TYR H 32 -12.98 41.31 1.08
CA TYR H 32 -13.11 41.83 -0.27
C TYR H 32 -13.91 43.11 -0.34
N VAL H 33 -14.36 43.65 0.79
CA VAL H 33 -15.06 44.92 0.79
C VAL H 33 -14.10 46.03 0.40
N SER H 34 -14.57 46.98 -0.40
CA SER H 34 -13.80 48.14 -0.77
C SER H 34 -14.58 49.40 -0.42
N TRP H 35 -13.86 50.50 -0.25
CA TRP H 35 -14.44 51.77 0.15
C TRP H 35 -14.11 52.82 -0.89
N TYR H 36 -15.15 53.42 -1.48
CA TYR H 36 -15.04 54.41 -2.54
C TYR H 36 -15.48 55.78 -2.05
N GLN H 37 -14.83 56.82 -2.55
CA GLN H 37 -15.16 58.20 -2.25
C GLN H 37 -15.67 58.89 -3.50
N GLN H 38 -16.76 59.63 -3.38
CA GLN H 38 -17.36 60.35 -4.50
C GLN H 38 -17.68 61.76 -4.08
N LYS H 39 -17.07 62.73 -4.74
CA LYS H 39 -17.41 64.14 -4.57
C LYS H 39 -18.58 64.50 -5.47
N PRO H 40 -19.29 65.58 -5.15
CA PRO H 40 -20.44 65.97 -5.97
C PRO H 40 -20.04 66.30 -7.41
N GLU H 41 -20.83 65.80 -8.35
CA GLU H 41 -20.63 66.03 -9.78
C GLU H 41 -19.25 65.55 -10.26
N GLN H 42 -18.79 64.43 -9.69
CA GLN H 42 -17.57 63.79 -10.12
C GLN H 42 -17.74 62.27 -10.04
N SER H 43 -16.95 61.56 -10.83
CA SER H 43 -16.99 60.12 -10.81
C SER H 43 -16.37 59.60 -9.50
N PRO H 44 -16.89 58.50 -8.97
CA PRO H 44 -16.32 57.94 -7.75
C PRO H 44 -14.87 57.54 -7.94
N LYS H 45 -14.13 57.56 -6.84
CA LYS H 45 -12.74 57.13 -6.82
C LYS H 45 -12.60 56.00 -5.80
N LEU H 46 -11.47 55.30 -5.89
CA LEU H 46 -11.19 54.19 -4.99
C LEU H 46 -10.31 54.69 -3.85
N LEU H 47 -10.75 54.43 -2.61
CA LEU H 47 -9.97 54.77 -1.43
C LEU H 47 -9.30 53.55 -0.81
N ILE H 48 -10.07 52.51 -0.51
CA ILE H 48 -9.53 51.33 0.14
C ILE H 48 -9.92 50.09 -0.67
N TYR H 49 -8.94 49.33 -1.12
CA TYR H 49 -9.18 48.07 -1.80
C TYR H 49 -8.78 46.92 -0.89
N GLY H 50 -9.61 45.89 -0.84
CA GLY H 50 -9.42 44.88 0.18
C GLY H 50 -9.68 45.49 1.55
N ALA H 51 -9.02 44.92 2.56
CA ALA H 51 -9.18 45.40 3.93
C ALA H 51 -7.83 45.88 4.44
N SER H 52 -7.81 47.09 4.99
CA SER H 52 -6.61 47.68 5.58
C SER H 52 -5.50 47.82 4.54
N ASN H 53 -5.86 48.14 3.31
CA ASN H 53 -4.91 48.42 2.25
C ASN H 53 -5.31 49.71 1.56
N ARG H 54 -4.35 50.61 1.39
CA ARG H 54 -4.61 51.93 0.84
C ARG H 54 -4.15 51.98 -0.61
N TYR H 55 -5.05 52.42 -1.49
CA TYR H 55 -4.69 52.63 -2.89
C TYR H 55 -3.67 53.75 -3.00
N THR H 56 -2.84 53.67 -4.04
CA THR H 56 -1.78 54.64 -4.22
C THR H 56 -2.35 56.05 -4.42
N GLY H 57 -1.71 57.03 -3.79
CA GLY H 57 -2.16 58.39 -3.91
C GLY H 57 -3.26 58.80 -2.95
N VAL H 58 -3.41 58.09 -1.84
CA VAL H 58 -4.40 58.42 -0.82
C VAL H 58 -3.66 58.79 0.46
N PRO H 59 -4.03 59.89 1.12
CA PRO H 59 -3.34 60.28 2.35
C PRO H 59 -3.43 59.20 3.42
N ASP H 60 -2.47 59.26 4.35
CA ASP H 60 -2.33 58.23 5.38
C ASP H 60 -3.36 58.36 6.49
N ARG H 61 -4.22 59.38 6.47
CA ARG H 61 -5.20 59.53 7.54
C ARG H 61 -6.31 58.50 7.45
N PHE H 62 -6.62 58.02 6.24
CA PHE H 62 -7.64 56.99 6.08
C PHE H 62 -7.11 55.64 6.49
N THR H 63 -7.89 54.92 7.31
CA THR H 63 -7.52 53.57 7.71
C THR H 63 -8.75 52.68 7.65
N GLY H 64 -8.53 51.39 7.50
CA GLY H 64 -9.62 50.43 7.42
C GLY H 64 -9.36 49.20 8.25
N SER H 65 -10.40 48.69 8.89
CA SER H 65 -10.33 47.45 9.64
C SER H 65 -11.40 46.51 9.14
N GLY H 66 -11.03 45.24 8.97
CA GLY H 66 -11.91 44.26 8.35
C GLY H 66 -12.11 43.05 9.26
N SER H 67 -13.06 42.23 8.84
CA SER H 67 -13.42 40.99 9.54
C SER H 67 -14.25 40.14 8.58
N ALA H 68 -14.91 39.12 9.11
CA ALA H 68 -15.76 38.28 8.28
C ALA H 68 -17.03 39.03 7.84
N THR H 69 -17.65 39.76 8.77
CA THR H 69 -18.91 40.42 8.46
C THR H 69 -19.01 41.87 8.93
N ASP H 70 -17.98 42.41 9.56
CA ASP H 70 -17.99 43.80 10.02
C ASP H 70 -16.80 44.53 9.41
N PHE H 71 -17.03 45.78 9.00
CA PHE H 71 -15.94 46.56 8.41
C PHE H 71 -16.04 48.01 8.88
N THR H 72 -14.89 48.65 9.02
CA THR H 72 -14.84 49.98 9.60
C THR H 72 -13.85 50.85 8.87
N LEU H 73 -14.29 52.05 8.49
CA LEU H 73 -13.43 53.07 7.90
C LEU H 73 -13.23 54.18 8.93
N THR H 74 -11.98 54.56 9.16
CA THR H 74 -11.61 55.47 10.21
C THR H 74 -10.81 56.63 9.64
N ILE H 75 -11.20 57.85 10.02
CA ILE H 75 -10.51 59.08 9.64
C ILE H 75 -10.04 59.79 10.89
N GLY H 76 -8.80 60.28 10.88
CA GLY H 76 -8.25 60.99 12.00
C GLY H 76 -8.46 62.48 11.87
N SER H 77 -7.38 63.22 11.61
CA SER H 77 -7.51 64.64 11.29
C SER H 77 -8.20 64.78 9.94
N VAL H 78 -9.40 65.35 9.94
CA VAL H 78 -10.23 65.43 8.74
C VAL H 78 -10.14 66.84 8.19
N GLN H 79 -9.72 66.95 6.93
CA GLN H 79 -9.55 68.25 6.29
C GLN H 79 -10.89 68.82 5.85
N ALA H 80 -10.82 69.99 5.22
CA ALA H 80 -12.04 70.67 4.78
C ALA H 80 -12.67 69.97 3.59
N GLU H 81 -11.85 69.54 2.63
CA GLU H 81 -12.35 68.98 1.37
C GLU H 81 -12.66 67.49 1.47
N ASP H 82 -12.42 66.85 2.61
CA ASP H 82 -12.63 65.42 2.71
C ASP H 82 -14.10 65.04 2.83
N LEU H 83 -15.00 66.01 3.01
CA LEU H 83 -16.42 65.70 3.06
C LEU H 83 -16.93 65.35 1.68
N ALA H 84 -17.51 64.16 1.55
CA ALA H 84 -18.03 63.63 0.30
C ALA H 84 -18.69 62.29 0.60
N ASP H 85 -19.39 61.76 -0.39
CA ASP H 85 -20.11 60.50 -0.19
C ASP H 85 -19.13 59.34 -0.13
N TYR H 86 -19.40 58.40 0.78
CA TYR H 86 -18.57 57.21 0.95
C TYR H 86 -19.44 55.97 0.77
N HIS H 87 -18.96 55.02 -0.03
CA HIS H 87 -19.69 53.80 -0.30
C HIS H 87 -18.83 52.59 0.00
N CYS H 88 -19.37 51.62 0.72
CA CYS H 88 -18.69 50.36 0.97
C CYS H 88 -19.34 49.28 0.12
N GLY H 89 -18.60 48.78 -0.85
CA GLY H 89 -19.13 47.77 -1.74
C GLY H 89 -18.34 46.49 -1.71
N GLN H 90 -19.02 45.36 -1.68
CA GLN H 90 -18.35 44.06 -1.62
C GLN H 90 -18.34 43.44 -3.01
N SER H 91 -17.28 42.69 -3.31
CA SER H 91 -17.16 41.98 -4.57
C SER H 91 -16.86 40.50 -4.38
N TYR H 92 -17.24 39.92 -3.25
CA TYR H 92 -17.07 38.49 -3.06
C TYR H 92 -17.93 37.70 -4.03
N SER H 93 -19.14 38.18 -4.28
CA SER H 93 -20.04 37.66 -5.29
C SER H 93 -20.27 38.76 -6.32
N TYR H 94 -21.27 38.56 -7.17
CA TYR H 94 -21.71 39.64 -8.04
C TYR H 94 -21.81 40.93 -7.24
N PRO H 95 -21.03 41.95 -7.59
CA PRO H 95 -20.85 43.08 -6.67
C PRO H 95 -22.15 43.82 -6.39
N THR H 96 -22.29 44.28 -5.15
CA THR H 96 -23.39 45.12 -4.74
C THR H 96 -22.84 46.24 -3.87
N PHE H 97 -23.68 47.23 -3.61
CA PHE H 97 -23.25 48.44 -2.91
C PHE H 97 -24.22 48.75 -1.78
N GLY H 98 -23.72 49.48 -0.79
CA GLY H 98 -24.55 49.97 0.29
C GLY H 98 -25.35 51.19 -0.12
N ALA H 99 -26.13 51.69 0.84
CA ALA H 99 -26.93 52.88 0.58
C ALA H 99 -26.07 54.11 0.36
N GLY H 100 -24.98 54.22 1.11
CA GLY H 100 -24.11 55.37 1.00
C GLY H 100 -24.22 56.28 2.20
N THR H 101 -23.16 57.03 2.46
CA THR H 101 -23.11 57.95 3.59
C THR H 101 -22.63 59.31 3.11
N LYS H 102 -23.37 60.35 3.46
CA LYS H 102 -23.03 61.72 3.10
C LYS H 102 -22.49 62.44 4.33
N LEU H 103 -21.30 63.00 4.22
CA LEU H 103 -20.63 63.68 5.33
C LEU H 103 -20.60 65.17 5.04
N GLU H 104 -21.08 65.97 5.99
CA GLU H 104 -21.15 67.41 5.84
C GLU H 104 -20.51 68.10 7.04
N LEU H 105 -19.81 69.20 6.78
CA LEU H 105 -19.23 70.00 7.84
C LEU H 105 -20.33 70.66 8.67
N LYS H 106 -20.06 70.85 9.96
CA LYS H 106 -21.01 71.49 10.85
C LYS H 106 -20.82 73.00 10.87
N GLN I 3 -7.84 58.20 -19.37
CA GLN I 3 -7.71 56.75 -19.22
C GLN I 3 -8.96 56.04 -19.72
N LEU I 4 -10.12 56.69 -19.55
CA LEU I 4 -11.38 56.16 -20.04
C LEU I 4 -12.19 57.28 -20.67
N GLN I 5 -12.89 56.95 -21.74
CA GLN I 5 -13.67 57.91 -22.49
C GLN I 5 -15.11 57.43 -22.62
N GLN I 6 -16.06 58.35 -22.54
CA GLN I 6 -17.46 58.02 -22.71
C GLN I 6 -18.12 59.05 -23.61
N SER I 7 -19.33 58.71 -24.07
CA SER I 7 -20.10 59.64 -24.89
C SER I 7 -20.72 60.72 -24.02
N GLY I 8 -21.18 61.78 -24.68
CA GLY I 8 -21.83 62.86 -23.98
C GLY I 8 -23.24 62.51 -23.55
N ALA I 9 -23.90 63.49 -22.92
CA ALA I 9 -25.26 63.29 -22.44
C ALA I 9 -26.18 62.92 -23.59
N GLU I 10 -27.18 62.10 -23.29
CA GLU I 10 -28.10 61.61 -24.30
C GLU I 10 -29.54 61.74 -23.80
N LEU I 11 -30.39 62.35 -24.61
CA LEU I 11 -31.81 62.50 -24.33
C LEU I 11 -32.59 61.70 -25.38
N VAL I 12 -33.52 60.86 -24.91
CA VAL I 12 -34.26 59.98 -25.81
C VAL I 12 -35.72 59.93 -25.39
N LYS I 13 -36.59 59.71 -26.38
CA LYS I 13 -38.01 59.56 -26.11
C LYS I 13 -38.29 58.16 -25.55
N PRO I 14 -39.32 58.03 -24.71
CA PRO I 14 -39.59 56.74 -24.07
C PRO I 14 -39.94 55.67 -25.08
N GLY I 15 -39.44 54.46 -24.84
CA GLY I 15 -39.70 53.33 -25.70
C GLY I 15 -38.71 53.10 -26.82
N ALA I 16 -37.64 53.88 -26.88
CA ALA I 16 -36.65 53.77 -27.95
C ALA I 16 -35.31 53.39 -27.35
N SER I 17 -34.70 52.34 -27.91
CA SER I 17 -33.41 51.87 -27.41
C SER I 17 -32.32 52.90 -27.70
N VAL I 18 -31.27 52.87 -26.87
CA VAL I 18 -30.15 53.77 -27.00
C VAL I 18 -28.86 53.01 -26.72
N LYS I 19 -27.78 53.42 -27.36
CA LYS I 19 -26.50 52.74 -27.27
C LYS I 19 -25.45 53.69 -26.73
N LEU I 20 -24.74 53.25 -25.68
CA LEU I 20 -23.70 54.03 -25.03
C LEU I 20 -22.36 53.34 -25.21
N SER I 21 -21.30 54.14 -25.28
CA SER I 21 -19.97 53.65 -25.60
C SER I 21 -18.98 53.99 -24.49
N CYS I 22 -18.03 53.08 -24.26
CA CYS I 22 -16.97 53.27 -23.28
C CYS I 22 -15.66 52.82 -23.90
N THR I 23 -14.77 53.77 -24.17
CA THR I 23 -13.52 53.52 -24.88
C THR I 23 -12.35 53.57 -23.92
N ALA I 24 -11.59 52.48 -23.84
CA ALA I 24 -10.41 52.43 -23.00
C ALA I 24 -9.20 53.01 -23.73
N SER I 25 -8.26 53.53 -22.95
CA SER I 25 -7.04 54.09 -23.49
C SER I 25 -5.89 53.79 -22.53
N GLY I 26 -4.80 53.24 -23.06
CA GLY I 26 -3.64 52.92 -22.25
C GLY I 26 -3.53 51.48 -21.82
N PHE I 27 -4.47 50.62 -22.21
CA PHE I 27 -4.37 49.20 -21.90
C PHE I 27 -5.28 48.43 -22.85
N ASN I 28 -5.16 47.11 -22.80
CA ASN I 28 -6.02 46.21 -23.57
C ASN I 28 -7.03 45.57 -22.64
N ILE I 29 -8.31 45.65 -22.99
CA ILE I 29 -9.36 45.12 -22.13
C ILE I 29 -9.45 43.60 -22.18
N LYS I 30 -8.73 42.95 -23.09
CA LYS I 30 -8.77 41.49 -23.14
C LYS I 30 -8.26 40.87 -21.86
N ASP I 31 -7.56 41.62 -21.01
CA ASP I 31 -7.05 41.09 -19.76
C ASP I 31 -8.11 41.12 -18.66
N THR I 32 -8.81 42.25 -18.52
CA THR I 32 -9.66 42.49 -17.37
C THR I 32 -11.12 42.54 -17.78
N TYR I 33 -11.99 42.50 -16.79
CA TYR I 33 -13.42 42.60 -17.04
C TYR I 33 -13.82 44.05 -17.31
N MET I 34 -15.09 44.24 -17.65
CA MET I 34 -15.67 45.57 -17.75
C MET I 34 -17.05 45.56 -17.12
N TYR I 35 -17.26 46.43 -16.12
CA TYR I 35 -18.50 46.52 -15.38
C TYR I 35 -19.29 47.73 -15.86
N TRP I 36 -20.59 47.74 -15.56
CA TRP I 36 -21.42 48.92 -15.80
C TRP I 36 -22.28 49.18 -14.57
N VAL I 37 -22.26 50.43 -14.09
CA VAL I 37 -22.96 50.83 -12.89
C VAL I 37 -23.89 51.98 -13.22
N LYS I 38 -25.06 52.02 -12.59
CA LYS I 38 -25.99 53.13 -12.76
C LYS I 38 -26.22 53.81 -11.42
N GLN I 39 -26.44 55.12 -11.47
CA GLN I 39 -26.65 55.92 -10.27
C GLN I 39 -27.76 56.92 -10.52
N ARG I 40 -28.86 56.78 -9.79
CA ARG I 40 -29.93 57.76 -9.81
C ARG I 40 -29.55 58.97 -8.97
N PRO I 41 -30.21 60.11 -9.18
CA PRO I 41 -29.85 61.31 -8.41
C PRO I 41 -30.05 61.10 -6.92
N GLU I 42 -28.97 61.32 -6.16
CA GLU I 42 -29.00 61.27 -4.70
C GLU I 42 -29.50 59.93 -4.17
N GLN I 43 -28.98 58.84 -4.73
CA GLN I 43 -29.33 57.50 -4.29
C GLN I 43 -28.09 56.62 -4.34
N GLY I 44 -28.25 55.37 -3.91
CA GLY I 44 -27.13 54.45 -3.88
C GLY I 44 -26.82 53.90 -5.26
N LEU I 45 -25.57 53.48 -5.42
CA LEU I 45 -25.14 52.86 -6.67
C LEU I 45 -25.83 51.52 -6.88
N GLU I 46 -25.86 51.08 -8.14
CA GLU I 46 -26.51 49.83 -8.50
C GLU I 46 -25.73 49.19 -9.64
N TRP I 47 -25.70 47.86 -9.63
CA TRP I 47 -24.89 47.11 -10.58
C TRP I 47 -25.74 46.65 -11.74
N ILE I 48 -25.27 46.91 -12.97
CA ILE I 48 -26.00 46.52 -14.17
C ILE I 48 -25.51 45.18 -14.71
N GLY I 49 -24.20 45.03 -14.87
CA GLY I 49 -23.65 43.80 -15.38
C GLY I 49 -22.21 43.94 -15.79
N ARG I 50 -21.57 42.80 -15.99
CA ARG I 50 -20.16 42.76 -16.34
C ARG I 50 -19.93 41.85 -17.54
N ILE I 51 -18.86 42.13 -18.26
CA ILE I 51 -18.51 41.44 -19.49
C ILE I 51 -17.03 41.08 -19.46
N ASP I 52 -16.71 39.89 -19.97
CA ASP I 52 -15.32 39.44 -20.08
C ASP I 52 -14.94 39.41 -21.56
N PRO I 53 -14.06 40.30 -22.01
CA PRO I 53 -13.77 40.35 -23.45
C PRO I 53 -13.10 39.10 -24.00
N ALA I 54 -12.47 38.29 -23.14
CA ALA I 54 -11.77 37.11 -23.64
C ALA I 54 -12.74 36.12 -24.28
N ASN I 55 -13.80 35.75 -23.56
CA ASN I 55 -14.76 34.78 -24.06
C ASN I 55 -16.07 35.40 -24.52
N GLY I 56 -16.29 36.68 -24.23
CA GLY I 56 -17.54 37.31 -24.55
C GLY I 56 -18.68 37.01 -23.61
N ASP I 57 -18.43 36.25 -22.55
CA ASP I 57 -19.48 35.92 -21.59
C ASP I 57 -19.90 37.17 -20.82
N THR I 58 -21.18 37.26 -20.51
CA THR I 58 -21.74 38.42 -19.80
C THR I 58 -22.63 37.95 -18.67
N LYS I 59 -22.60 38.69 -17.57
CA LYS I 59 -23.49 38.46 -16.45
C LYS I 59 -24.27 39.73 -16.16
N TYR I 60 -25.56 39.58 -15.89
CA TYR I 60 -26.45 40.71 -15.64
C TYR I 60 -27.16 40.53 -14.31
N ASP I 61 -27.47 41.64 -13.67
CA ASP I 61 -28.35 41.62 -12.50
C ASP I 61 -29.74 41.16 -12.95
N PRO I 62 -30.31 40.13 -12.32
CA PRO I 62 -31.61 39.62 -12.77
C PRO I 62 -32.69 40.68 -12.94
N LYS I 63 -32.72 41.71 -12.09
CA LYS I 63 -33.75 42.73 -12.22
C LYS I 63 -33.55 43.58 -13.47
N PHE I 64 -32.31 43.71 -13.94
CA PHE I 64 -32.01 44.41 -15.18
C PHE I 64 -31.84 43.46 -16.36
N GLN I 65 -32.07 42.17 -16.17
CA GLN I 65 -31.90 41.21 -17.25
C GLN I 65 -32.97 41.40 -18.31
N GLY I 66 -32.55 41.33 -19.57
CA GLY I 66 -33.45 41.51 -20.68
C GLY I 66 -33.69 42.95 -21.09
N LYS I 67 -33.18 43.92 -20.33
CA LYS I 67 -33.32 45.32 -20.68
C LYS I 67 -32.03 45.97 -21.13
N ALA I 68 -30.89 45.28 -21.01
CA ALA I 68 -29.61 45.82 -21.42
C ALA I 68 -28.74 44.70 -21.99
N THR I 69 -27.96 45.04 -23.01
CA THR I 69 -27.05 44.08 -23.64
C THR I 69 -25.67 44.73 -23.76
N ILE I 70 -24.64 44.01 -23.34
CA ILE I 70 -23.28 44.52 -23.33
C ILE I 70 -22.47 43.73 -24.34
N THR I 71 -21.83 44.44 -25.28
CA THR I 71 -21.01 43.81 -26.30
C THR I 71 -19.73 44.60 -26.49
N THR I 72 -18.64 43.91 -26.77
CA THR I 72 -17.33 44.54 -26.83
C THR I 72 -16.68 44.32 -28.19
N ASP I 73 -15.85 45.28 -28.58
CA ASP I 73 -15.02 45.18 -29.78
C ASP I 73 -13.56 45.36 -29.35
N THR I 74 -12.74 44.36 -29.65
CA THR I 74 -11.34 44.40 -29.23
C THR I 74 -10.49 45.26 -30.14
N PHE I 75 -10.81 45.32 -31.43
CA PHE I 75 -10.02 46.14 -32.35
C PHE I 75 -10.11 47.61 -32.01
N SER I 76 -11.32 48.13 -31.82
CA SER I 76 -11.50 49.48 -31.33
C SER I 76 -11.27 49.60 -29.84
N ASN I 77 -11.16 48.47 -29.13
CA ASN I 77 -10.93 48.46 -27.68
C ASN I 77 -12.03 49.23 -26.96
N THR I 78 -13.28 48.85 -27.21
CA THR I 78 -14.43 49.59 -26.74
C THR I 78 -15.49 48.63 -26.25
N ALA I 79 -16.31 49.10 -25.31
CA ALA I 79 -17.48 48.37 -24.83
C ALA I 79 -18.73 49.18 -25.16
N TYR I 80 -19.84 48.49 -25.40
CA TYR I 80 -21.08 49.10 -25.82
C TYR I 80 -22.22 48.54 -24.99
N LEU I 81 -23.00 49.44 -24.40
CA LEU I 81 -24.17 49.10 -23.59
C LEU I 81 -25.41 49.57 -24.36
N GLN I 82 -26.21 48.61 -24.82
CA GLN I 82 -27.41 48.90 -25.60
C GLN I 82 -28.61 48.60 -24.71
N LEU I 83 -29.37 49.65 -24.37
CA LEU I 83 -30.56 49.46 -23.56
C LEU I 83 -31.72 48.97 -24.42
N SER I 84 -32.74 48.44 -23.74
CA SER I 84 -33.98 48.06 -24.39
C SER I 84 -34.93 49.25 -24.38
N SER I 85 -36.21 48.99 -24.63
CA SER I 85 -37.21 50.05 -24.51
C SER I 85 -37.26 50.51 -23.05
N LEU I 86 -36.78 51.74 -22.81
CA LEU I 86 -36.68 52.29 -21.46
C LEU I 86 -37.81 53.28 -21.20
N THR I 87 -38.32 53.27 -19.98
CA THR I 87 -39.41 54.14 -19.60
C THR I 87 -38.88 55.48 -19.10
N SER I 88 -39.78 56.30 -18.55
CA SER I 88 -39.38 57.56 -17.94
C SER I 88 -38.74 57.36 -16.57
N GLU I 89 -38.76 56.14 -16.05
CA GLU I 89 -38.26 55.90 -14.70
C GLU I 89 -36.73 55.92 -14.68
N ASP I 90 -36.09 55.12 -15.53
CA ASP I 90 -34.64 54.94 -15.49
C ASP I 90 -33.96 56.11 -16.21
N THR I 91 -33.96 57.25 -15.52
CA THR I 91 -33.23 58.44 -15.94
C THR I 91 -32.13 58.68 -14.91
N ALA I 92 -30.89 58.39 -15.28
CA ALA I 92 -29.82 58.37 -14.29
C ALA I 92 -28.48 58.47 -15.01
N VAL I 93 -27.42 58.44 -14.21
CA VAL I 93 -26.06 58.47 -14.74
C VAL I 93 -25.53 57.05 -14.86
N TYR I 94 -24.61 56.85 -15.82
CA TYR I 94 -24.03 55.54 -16.08
C TYR I 94 -22.51 55.65 -16.05
N TYR I 95 -21.85 54.62 -15.51
CA TYR I 95 -20.40 54.56 -15.45
C TYR I 95 -19.93 53.19 -15.93
N CYS I 96 -18.77 53.16 -16.58
CA CYS I 96 -18.09 51.92 -16.92
C CYS I 96 -16.80 51.83 -16.11
N ALA I 97 -16.52 50.65 -15.57
CA ALA I 97 -15.42 50.48 -14.64
C ALA I 97 -14.64 49.21 -14.98
N ARG I 98 -13.37 49.21 -14.58
CA ARG I 98 -12.46 48.10 -14.77
C ARG I 98 -12.10 47.49 -13.42
N LYS I 99 -11.87 46.18 -13.40
CA LYS I 99 -11.45 45.53 -12.17
C LYS I 99 -10.08 46.04 -11.75
N GLY I 100 -9.82 46.00 -10.45
CA GLY I 100 -8.60 46.50 -9.85
C GLY I 100 -7.69 45.38 -9.39
N LEU I 101 -7.09 45.59 -8.22
CA LEU I 101 -6.15 44.60 -7.70
C LEU I 101 -6.86 43.49 -6.94
N ARG I 102 -7.73 43.85 -6.01
CA ARG I 102 -8.44 42.88 -5.18
C ARG I 102 -9.94 42.92 -5.47
N TRP I 103 -10.28 42.98 -6.75
CA TRP I 103 -11.68 43.03 -7.20
C TRP I 103 -12.37 44.30 -6.70
N ALA I 104 -11.72 45.44 -6.91
CA ALA I 104 -12.30 46.74 -6.63
C ALA I 104 -12.31 47.55 -7.92
N MET I 105 -13.47 48.13 -8.24
CA MET I 105 -13.59 48.92 -9.45
C MET I 105 -12.86 50.26 -9.28
N ASP I 106 -11.60 50.31 -9.68
CA ASP I 106 -10.76 51.45 -9.36
C ASP I 106 -10.93 52.61 -10.33
N TYR I 107 -10.87 52.34 -11.64
CA TYR I 107 -10.94 53.39 -12.65
C TYR I 107 -12.36 53.50 -13.19
N TRP I 108 -12.88 54.72 -13.23
CA TRP I 108 -14.24 54.99 -13.64
C TRP I 108 -14.27 56.06 -14.72
N GLY I 109 -15.22 55.95 -15.63
CA GLY I 109 -15.40 56.98 -16.62
C GLY I 109 -16.03 58.23 -16.02
N GLN I 110 -15.98 59.33 -16.79
CA GLN I 110 -16.57 60.57 -16.31
C GLN I 110 -18.08 60.45 -16.16
N GLY I 111 -18.71 59.56 -16.90
CA GLY I 111 -20.13 59.33 -16.72
C GLY I 111 -20.97 60.02 -17.79
N THR I 112 -22.13 59.45 -18.05
CA THR I 112 -23.07 59.99 -19.01
C THR I 112 -24.47 59.96 -18.42
N SER I 113 -25.25 60.99 -18.74
CA SER I 113 -26.59 61.15 -18.21
C SER I 113 -27.61 60.80 -19.28
N VAL I 114 -28.44 59.79 -19.01
CA VAL I 114 -29.47 59.34 -19.94
C VAL I 114 -30.80 59.92 -19.46
N THR I 115 -31.37 60.83 -20.25
CA THR I 115 -32.60 61.50 -19.91
C THR I 115 -33.72 61.00 -20.80
N VAL I 116 -34.91 60.82 -20.22
CA VAL I 116 -36.09 60.35 -20.92
C VAL I 116 -37.18 61.42 -20.82
N SER I 117 -37.67 61.87 -21.97
CA SER I 117 -38.72 62.88 -22.01
C SER I 117 -39.56 62.68 -23.27
N THR I 118 -40.82 63.09 -23.18
CA THR I 118 -41.74 62.97 -24.30
C THR I 118 -41.73 64.24 -25.15
#